data_4DT2
#
_entry.id   4DT2
#
_cell.length_a   126.760
_cell.length_b   126.760
_cell.length_c   298.954
_cell.angle_alpha   90.00
_cell.angle_beta   90.00
_cell.angle_gamma   120.00
#
_symmetry.space_group_name_H-M   'P 31 2 1'
#
loop_
_entity.id
_entity.type
_entity.pdbx_description
1 polymer 'Purple acid phosphatase'
2 branched alpha-L-fucopyranose-(1-3)-[2-acetamido-2-deoxy-beta-D-glucopyranose-(1-4)]2-acetamido-2-deoxy-beta-D-glucopyranose
3 branched alpha-L-fucopyranose-(1-3)-2-acetamido-2-deoxy-beta-D-glucopyranose
4 non-polymer 'ZINC ION'
5 non-polymer 'FE (III) ION'
6 non-polymer GLYCEROL
7 non-polymer (2,2-dimethyl-2,3-dihydro-1-benzofuran-7-yl)methanol
8 non-polymer 'SULFATE ION'
9 non-polymer 'ACETATE ION'
10 non-polymer 1,2-ETHANEDIOL
11 non-polymer 2-acetamido-2-deoxy-beta-D-glucopyranose
12 water water
#
_entity_poly.entity_id   1
_entity_poly.type   'polypeptide(L)'
_entity_poly.pdbx_seq_one_letter_code
;KNRDMPLDSDVFRVPPGYNAPQQVHITQGDLVGRAMIISWVTMDEPGSSAVRYWSEKNGRKRIAKGKMSTYRFFNYSSGF
IHHTTIRKLKYNTKYYYEVGLRNTTRRFSFITPPQTGLDVPYTFGLIGDLGQSFDSNTTLSHYELSPKKGQTVLFVGDLS
YADRYPNHDNVRWDTWGRFTERSVAYQPWIWTAGNHEIEFAPEINETEPFKPFSYRYHVPYEASQSTSPFWYSIKRASAH
IIVLSSYSAYGRGTPQYTWLKKELRKVKRSETPWLIVLMHSPLYNSYNHHFMEGEAMRTKFEAWFVKYKVDVVFAGHVHA
YERSERVSNIAYKITNGLCTPVKDQSAPVYITIGDAGNYGVIDSNMIQPQPEYSAFREASFGHGMFDIKNRTHAHFSWNR
NQDGVAVEADSVWFFNRHWYPVDDST
;
_entity_poly.pdbx_strand_id   A,B,C,D
#
# COMPACT_ATOMS: atom_id res chain seq x y z
N LYS A 1 -42.65 -15.73 4.94
CA LYS A 1 -42.09 -15.05 3.79
C LYS A 1 -40.62 -14.68 3.99
N ASN A 2 -39.88 -15.55 4.69
CA ASN A 2 -38.43 -15.62 4.65
C ASN A 2 -38.03 -17.05 4.30
N ARG A 3 -37.59 -17.29 3.07
CA ARG A 3 -37.37 -18.66 2.62
C ARG A 3 -35.91 -19.11 2.57
N ASP A 4 -35.01 -18.38 3.22
CA ASP A 4 -33.64 -18.81 3.32
C ASP A 4 -33.44 -20.02 4.25
N MET A 5 -32.61 -20.95 3.81
CA MET A 5 -32.26 -22.10 4.62
C MET A 5 -31.59 -21.66 5.91
N PRO A 6 -32.11 -22.12 7.05
CA PRO A 6 -31.60 -21.78 8.38
C PRO A 6 -30.13 -22.13 8.49
N LEU A 7 -29.44 -21.46 9.41
CA LEU A 7 -28.03 -21.68 9.64
C LEU A 7 -27.66 -23.11 10.05
N ASP A 8 -28.58 -23.81 10.70
CA ASP A 8 -28.26 -25.17 11.13
C ASP A 8 -28.66 -26.21 10.09
N SER A 9 -28.82 -25.78 8.85
CA SER A 9 -29.21 -26.69 7.79
C SER A 9 -28.06 -27.61 7.48
N ASP A 10 -28.35 -28.78 6.93
CA ASP A 10 -27.32 -29.75 6.62
C ASP A 10 -26.34 -29.27 5.53
N VAL A 11 -26.86 -28.57 4.53
CA VAL A 11 -26.05 -28.09 3.43
C VAL A 11 -25.00 -27.09 3.91
N PHE A 12 -25.16 -26.57 5.13
CA PHE A 12 -24.22 -25.60 5.69
C PHE A 12 -23.29 -26.20 6.72
N ARG A 13 -23.38 -27.52 6.91
CA ARG A 13 -22.49 -28.20 7.85
C ARG A 13 -21.04 -27.80 7.61
N VAL A 14 -20.31 -27.61 8.70
CA VAL A 14 -18.90 -27.30 8.63
C VAL A 14 -18.12 -28.60 8.48
N PRO A 15 -17.30 -28.72 7.42
CA PRO A 15 -16.41 -29.88 7.36
C PRO A 15 -15.66 -30.00 8.68
N PRO A 16 -15.48 -31.23 9.18
CA PRO A 16 -14.84 -31.45 10.49
C PRO A 16 -13.31 -31.60 10.43
N GLY A 17 -12.67 -31.27 11.55
CA GLY A 17 -11.22 -31.35 11.66
C GLY A 17 -10.63 -29.98 11.93
N TYR A 18 -9.56 -29.91 12.71
CA TYR A 18 -8.93 -28.62 12.98
C TYR A 18 -8.57 -27.94 11.65
N ASN A 19 -8.99 -26.68 11.51
CA ASN A 19 -8.69 -25.88 10.31
C ASN A 19 -8.93 -26.63 9.02
N ALA A 20 -10.01 -27.40 8.97
CA ALA A 20 -10.41 -28.12 7.77
C ALA A 20 -10.80 -27.15 6.66
N PRO A 21 -10.26 -27.34 5.46
CA PRO A 21 -10.63 -26.43 4.38
C PRO A 21 -12.12 -26.47 4.13
N GLN A 22 -12.77 -25.32 3.97
CA GLN A 22 -14.17 -25.29 3.63
C GLN A 22 -14.41 -24.35 2.45
N GLN A 23 -15.64 -24.35 1.95
CA GLN A 23 -16.02 -23.48 0.82
C GLN A 23 -15.08 -23.68 -0.35
N VAL A 24 -14.78 -24.93 -0.65
CA VAL A 24 -13.88 -25.25 -1.74
C VAL A 24 -14.61 -25.06 -3.08
N HIS A 25 -14.00 -24.29 -3.97
CA HIS A 25 -14.52 -24.14 -5.33
C HIS A 25 -13.40 -24.02 -6.33
N ILE A 26 -13.62 -24.52 -7.54
CA ILE A 26 -12.66 -24.39 -8.61
C ILE A 26 -13.25 -23.59 -9.78
N THR A 27 -12.37 -23.07 -10.63
CA THR A 27 -12.82 -22.49 -11.88
C THR A 27 -11.68 -22.51 -12.88
N GLN A 28 -11.98 -22.37 -14.17
CA GLN A 28 -10.89 -22.44 -15.12
C GLN A 28 -9.85 -21.41 -14.74
N GLY A 29 -8.58 -21.72 -14.96
CA GLY A 29 -7.50 -20.89 -14.47
C GLY A 29 -6.62 -20.30 -15.55
N ASP A 30 -6.89 -20.62 -16.80
CA ASP A 30 -6.11 -20.08 -17.91
C ASP A 30 -7.07 -19.82 -19.05
N LEU A 31 -6.53 -19.48 -20.22
CA LEU A 31 -7.40 -19.14 -21.34
C LEU A 31 -8.07 -20.36 -21.97
N VAL A 32 -7.35 -21.46 -22.11
CA VAL A 32 -7.85 -22.54 -22.96
C VAL A 32 -8.19 -23.83 -22.25
N GLY A 33 -7.93 -23.90 -20.94
CA GLY A 33 -8.35 -25.05 -20.15
C GLY A 33 -7.25 -25.86 -19.49
N ARG A 34 -6.00 -25.41 -19.60
CA ARG A 34 -4.89 -26.19 -19.05
C ARG A 34 -4.61 -25.86 -17.60
N ALA A 35 -5.37 -24.94 -17.02
CA ALA A 35 -5.09 -24.50 -15.66
C ALA A 35 -6.39 -24.42 -14.96
N MET A 36 -6.35 -24.43 -13.63
CA MET A 36 -7.55 -24.46 -12.81
C MET A 36 -7.25 -23.74 -11.51
N ILE A 37 -8.17 -22.87 -11.07
CA ILE A 37 -8.00 -22.16 -9.80
C ILE A 37 -8.69 -22.87 -8.65
N ILE A 38 -7.93 -23.24 -7.64
CA ILE A 38 -8.52 -23.88 -6.46
C ILE A 38 -8.66 -22.85 -5.34
N SER A 39 -9.86 -22.74 -4.81
CA SER A 39 -10.14 -21.78 -3.77
C SER A 39 -10.76 -22.46 -2.57
N TRP A 40 -10.36 -22.03 -1.38
CA TRP A 40 -11.01 -22.47 -0.16
C TRP A 40 -10.76 -21.49 0.95
N VAL A 41 -11.48 -21.65 2.05
CA VAL A 41 -11.29 -20.84 3.24
C VAL A 41 -10.87 -21.73 4.42
N THR A 42 -9.96 -21.24 5.25
CA THR A 42 -9.71 -21.90 6.53
C THR A 42 -10.14 -20.95 7.64
N MET A 43 -10.76 -21.48 8.67
CA MET A 43 -11.38 -20.66 9.72
C MET A 43 -10.56 -20.56 11.02
N ASP A 44 -9.82 -21.62 11.33
CA ASP A 44 -9.09 -21.73 12.58
C ASP A 44 -7.73 -21.01 12.55
N GLU A 45 -7.01 -21.15 11.45
CA GLU A 45 -5.77 -20.42 11.27
C GLU A 45 -5.39 -20.34 9.80
N PRO A 46 -4.49 -19.41 9.45
CA PRO A 46 -4.10 -19.21 8.06
C PRO A 46 -3.92 -20.51 7.28
N GLY A 47 -3.17 -21.46 7.82
CA GLY A 47 -2.94 -22.70 7.11
C GLY A 47 -2.11 -22.57 5.85
N SER A 48 -1.96 -23.67 5.14
CA SER A 48 -1.15 -23.68 3.94
C SER A 48 -1.97 -23.37 2.69
N SER A 49 -1.33 -22.76 1.71
CA SER A 49 -2.01 -22.49 0.46
C SER A 49 -1.57 -23.47 -0.62
N ALA A 50 -0.89 -24.52 -0.20
CA ALA A 50 -0.43 -25.54 -1.11
C ALA A 50 -1.62 -26.38 -1.54
N VAL A 51 -1.54 -26.92 -2.76
CA VAL A 51 -2.54 -27.84 -3.24
C VAL A 51 -1.80 -29.02 -3.83
N ARG A 52 -2.08 -30.20 -3.30
CA ARG A 52 -1.48 -31.42 -3.83
C ARG A 52 -2.45 -31.99 -4.86
N TYR A 53 -1.91 -32.41 -6.00
CA TYR A 53 -2.73 -32.93 -7.09
C TYR A 53 -1.97 -33.91 -7.95
N TRP A 54 -2.69 -34.92 -8.45
CA TRP A 54 -2.13 -35.88 -9.40
C TRP A 54 -3.18 -36.24 -10.43
N SER A 55 -2.74 -36.75 -11.57
CA SER A 55 -3.68 -37.25 -12.57
C SER A 55 -3.92 -38.74 -12.32
N GLU A 56 -5.06 -39.24 -12.81
CA GLU A 56 -5.35 -40.66 -12.76
C GLU A 56 -4.42 -41.37 -13.72
N LYS A 57 -4.09 -40.72 -14.84
CA LYS A 57 -3.20 -41.30 -15.83
C LYS A 57 -1.81 -41.58 -15.29
N ASN A 58 -1.27 -40.64 -14.53
CA ASN A 58 0.15 -40.72 -14.17
C ASN A 58 0.47 -40.94 -12.72
N GLY A 59 -0.51 -40.68 -11.85
CA GLY A 59 -0.36 -40.95 -10.43
C GLY A 59 0.88 -40.32 -9.83
N ARG A 60 1.42 -39.29 -10.47
CA ARG A 60 2.50 -38.50 -9.90
C ARG A 60 2.03 -37.33 -9.04
N LYS A 61 2.27 -37.41 -7.74
CA LYS A 61 1.82 -36.34 -6.86
C LYS A 61 2.65 -35.07 -7.04
N ARG A 62 1.96 -33.94 -7.22
CA ARG A 62 2.60 -32.65 -7.44
C ARG A 62 2.03 -31.59 -6.48
N ILE A 63 2.84 -30.58 -6.17
CA ILE A 63 2.42 -29.53 -5.27
C ILE A 63 2.39 -28.17 -5.98
N ALA A 64 1.32 -27.42 -5.77
CA ALA A 64 1.23 -26.07 -6.31
C ALA A 64 1.05 -25.09 -5.17
N LYS A 65 1.74 -23.95 -5.24
CA LYS A 65 1.62 -22.92 -4.19
C LYS A 65 0.69 -21.77 -4.60
N GLY A 66 -0.11 -21.28 -3.66
CA GLY A 66 -0.96 -20.13 -3.88
C GLY A 66 -0.84 -19.02 -2.84
N LYS A 67 -1.81 -18.12 -2.81
CA LYS A 67 -1.77 -17.02 -1.87
C LYS A 67 -2.95 -17.07 -0.92
N MET A 68 -2.78 -16.44 0.23
CA MET A 68 -3.82 -16.35 1.22
C MET A 68 -4.10 -14.87 1.40
N SER A 69 -5.38 -14.53 1.56
CA SER A 69 -5.79 -13.16 1.81
C SER A 69 -6.94 -13.13 2.81
N THR A 70 -7.28 -11.93 3.27
CA THR A 70 -8.38 -11.75 4.20
C THR A 70 -9.04 -10.43 3.89
N TYR A 71 -10.24 -10.23 4.43
CA TYR A 71 -10.88 -8.93 4.29
C TYR A 71 -11.82 -8.68 5.46
N ARG A 72 -12.25 -7.42 5.57
CA ARG A 72 -13.24 -7.03 6.55
C ARG A 72 -14.40 -6.33 5.84
N PHE A 73 -15.60 -6.51 6.34
CA PHE A 73 -16.72 -5.77 5.82
C PHE A 73 -17.56 -5.26 6.99
N PHE A 74 -17.40 -3.97 7.30
CA PHE A 74 -18.04 -3.42 8.49
C PHE A 74 -17.44 -4.17 9.71
N ASN A 75 -18.30 -4.82 10.50
CA ASN A 75 -17.86 -5.56 11.66
C ASN A 75 -17.68 -7.06 11.39
N TYR A 76 -17.42 -7.43 10.14
CA TYR A 76 -17.21 -8.84 9.82
C TYR A 76 -15.74 -9.11 9.50
N SER A 77 -15.18 -10.18 10.03
CA SER A 77 -13.81 -10.52 9.69
C SER A 77 -13.81 -11.86 8.98
N SER A 78 -13.27 -11.86 7.76
CA SER A 78 -13.23 -13.06 6.97
C SER A 78 -12.33 -14.09 7.64
N GLY A 79 -12.52 -15.34 7.24
CA GLY A 79 -11.52 -16.35 7.52
C GLY A 79 -10.35 -16.19 6.57
N PHE A 80 -9.53 -17.22 6.48
CA PHE A 80 -8.34 -17.14 5.66
C PHE A 80 -8.62 -17.74 4.29
N ILE A 81 -8.58 -16.87 3.28
CA ILE A 81 -8.98 -17.24 1.95
C ILE A 81 -7.77 -17.64 1.10
N HIS A 82 -7.89 -18.79 0.41
CA HIS A 82 -6.79 -19.30 -0.39
C HIS A 82 -7.14 -19.39 -1.89
N HIS A 83 -6.23 -18.87 -2.72
CA HIS A 83 -6.37 -19.01 -4.16
C HIS A 83 -5.07 -19.55 -4.72
N THR A 84 -5.15 -20.71 -5.35
CA THR A 84 -4.00 -21.38 -5.93
C THR A 84 -4.31 -21.80 -7.36
N THR A 85 -3.40 -21.50 -8.28
CA THR A 85 -3.62 -21.88 -9.65
C THR A 85 -2.77 -23.09 -9.99
N ILE A 86 -3.43 -24.16 -10.42
CA ILE A 86 -2.74 -25.32 -10.98
C ILE A 86 -2.56 -25.14 -12.48
N ARG A 87 -1.38 -25.45 -13.00
CA ARG A 87 -1.05 -25.19 -14.38
C ARG A 87 -0.50 -26.43 -15.06
N LYS A 88 -0.32 -26.34 -16.39
CA LYS A 88 0.26 -27.41 -17.19
C LYS A 88 -0.56 -28.70 -17.07
N LEU A 89 -1.86 -28.57 -16.83
CA LEU A 89 -2.73 -29.74 -16.82
C LEU A 89 -2.81 -30.35 -18.20
N LYS A 90 -3.05 -31.65 -18.24
CA LYS A 90 -3.22 -32.34 -19.51
C LYS A 90 -4.70 -32.31 -19.87
N TYR A 91 -4.99 -32.26 -21.16
CA TYR A 91 -6.37 -32.20 -21.61
C TYR A 91 -7.11 -33.49 -21.32
N ASN A 92 -8.40 -33.34 -21.07
CA ASN A 92 -9.35 -34.45 -20.98
C ASN A 92 -8.87 -35.58 -20.08
N THR A 93 -8.57 -35.23 -18.83
CA THR A 93 -8.08 -36.23 -17.89
C THR A 93 -8.55 -35.93 -16.47
N LYS A 94 -8.63 -36.97 -15.66
CA LYS A 94 -9.11 -36.85 -14.29
C LYS A 94 -7.96 -36.51 -13.34
N TYR A 95 -8.13 -35.44 -12.58
CA TYR A 95 -7.17 -35.10 -11.54
C TYR A 95 -7.80 -35.21 -10.17
N TYR A 96 -6.99 -35.61 -9.20
CA TYR A 96 -7.39 -35.46 -7.83
C TYR A 96 -6.59 -34.30 -7.26
N TYR A 97 -7.22 -33.54 -6.37
CA TYR A 97 -6.54 -32.47 -5.69
C TYR A 97 -6.88 -32.46 -4.22
N GLU A 98 -5.91 -31.99 -3.43
CA GLU A 98 -6.04 -32.00 -1.98
C GLU A 98 -5.75 -30.61 -1.42
N VAL A 99 -6.58 -30.19 -0.47
CA VAL A 99 -6.32 -28.92 0.22
C VAL A 99 -6.34 -29.13 1.73
N GLY A 100 -5.64 -28.26 2.46
CA GLY A 100 -5.50 -28.39 3.90
C GLY A 100 -4.36 -29.32 4.29
N LEU A 101 -3.19 -29.06 3.72
CA LEU A 101 -2.06 -29.98 3.87
C LEU A 101 -1.41 -29.99 5.27
N ARG A 102 -1.64 -28.96 6.08
CA ARG A 102 -1.03 -28.93 7.40
C ARG A 102 -1.83 -29.66 8.50
N ASN A 103 -3.15 -29.63 8.45
CA ASN A 103 -3.95 -30.18 9.53
C ASN A 103 -5.06 -31.15 9.14
N THR A 104 -6.06 -30.68 8.40
CA THR A 104 -7.08 -31.59 7.89
C THR A 104 -7.09 -31.53 6.39
N THR A 105 -6.65 -32.59 5.74
CA THR A 105 -6.68 -32.65 4.30
C THR A 105 -8.06 -33.07 3.78
N ARG A 106 -8.45 -32.54 2.62
CA ARG A 106 -9.69 -32.95 1.97
C ARG A 106 -9.40 -33.12 0.50
N ARG A 107 -10.03 -34.12 -0.10
CA ARG A 107 -9.70 -34.49 -1.46
C ARG A 107 -10.90 -34.40 -2.40
N PHE A 108 -10.64 -33.90 -3.60
CA PHE A 108 -11.70 -33.66 -4.57
C PHE A 108 -11.09 -34.00 -5.90
N SER A 109 -11.89 -33.95 -6.95
CA SER A 109 -11.37 -34.27 -8.27
C SER A 109 -12.08 -33.38 -9.28
N PHE A 110 -11.45 -33.22 -10.43
CA PHE A 110 -12.09 -32.53 -11.52
C PHE A 110 -11.66 -33.18 -12.79
N ILE A 111 -12.21 -32.75 -13.92
CA ILE A 111 -11.82 -33.31 -15.19
C ILE A 111 -11.58 -32.18 -16.14
N THR A 112 -10.34 -32.00 -16.56
CA THR A 112 -10.06 -31.00 -17.57
C THR A 112 -10.95 -31.24 -18.80
N PRO A 113 -11.28 -30.19 -19.52
CA PRO A 113 -12.06 -30.38 -20.75
C PRO A 113 -11.14 -30.94 -21.81
N PRO A 114 -11.72 -31.30 -22.96
CA PRO A 114 -10.88 -31.62 -24.11
C PRO A 114 -10.20 -30.36 -24.55
N GLN A 115 -9.15 -30.47 -25.35
CA GLN A 115 -8.46 -29.35 -25.97
C GLN A 115 -9.40 -28.69 -26.96
N THR A 116 -9.40 -27.38 -27.03
CA THR A 116 -10.41 -26.69 -27.83
C THR A 116 -10.36 -27.21 -29.26
N GLY A 117 -11.53 -27.17 -29.92
CA GLY A 117 -11.64 -27.71 -31.25
C GLY A 117 -13.00 -27.51 -31.87
N LEU A 118 -13.03 -27.55 -33.20
CA LEU A 118 -14.23 -27.34 -33.99
C LEU A 118 -15.41 -28.24 -33.60
N ASP A 119 -15.17 -29.54 -33.43
CA ASP A 119 -16.31 -30.43 -33.23
C ASP A 119 -16.41 -31.03 -31.84
N VAL A 120 -15.76 -30.39 -30.88
CA VAL A 120 -15.65 -30.94 -29.55
C VAL A 120 -16.92 -30.72 -28.73
N PRO A 121 -17.65 -31.78 -28.46
CA PRO A 121 -18.89 -31.73 -27.66
C PRO A 121 -18.61 -31.33 -26.23
N TYR A 122 -19.59 -30.70 -25.58
CA TYR A 122 -19.45 -30.29 -24.20
C TYR A 122 -20.80 -29.86 -23.67
N THR A 123 -21.10 -30.20 -22.42
CA THR A 123 -22.37 -29.79 -21.83
C THR A 123 -22.19 -28.76 -20.72
N PHE A 124 -22.61 -27.52 -20.99
CA PHE A 124 -22.59 -26.44 -20.01
C PHE A 124 -23.90 -26.38 -19.25
N GLY A 125 -23.84 -26.22 -17.94
CA GLY A 125 -25.05 -25.96 -17.19
C GLY A 125 -25.29 -24.46 -17.19
N LEU A 126 -26.55 -24.06 -17.08
CA LEU A 126 -26.85 -22.65 -16.84
C LEU A 126 -27.61 -22.39 -15.54
N ILE A 127 -26.98 -21.60 -14.67
CA ILE A 127 -27.58 -21.24 -13.41
C ILE A 127 -27.37 -19.75 -13.15
N GLY A 128 -28.40 -19.11 -12.58
CA GLY A 128 -28.35 -17.68 -12.29
C GLY A 128 -29.17 -17.33 -11.07
N ASP A 129 -28.69 -16.36 -10.28
CA ASP A 129 -29.41 -15.87 -9.13
C ASP A 129 -29.75 -17.03 -8.21
N LEU A 130 -28.75 -17.80 -7.85
CA LEU A 130 -28.97 -19.04 -7.12
C LEU A 130 -29.52 -18.86 -5.69
N GLY A 131 -28.81 -18.11 -4.87
CA GLY A 131 -29.30 -17.83 -3.54
C GLY A 131 -29.04 -18.98 -2.60
N GLN A 132 -29.76 -19.01 -1.49
CA GLN A 132 -29.66 -20.08 -0.51
C GLN A 132 -31.01 -20.33 0.19
N SER A 133 -32.09 -20.22 -0.60
CA SER A 133 -33.42 -20.64 -0.20
C SER A 133 -33.56 -22.15 -0.38
N PHE A 134 -34.68 -22.70 0.08
CA PHE A 134 -34.99 -24.11 -0.19
C PHE A 134 -35.15 -24.36 -1.67
N ASP A 135 -35.67 -23.38 -2.40
CA ASP A 135 -35.73 -23.41 -3.86
C ASP A 135 -34.32 -23.55 -4.44
N SER A 136 -33.39 -22.75 -3.92
CA SER A 136 -32.00 -22.84 -4.34
C SER A 136 -31.49 -24.27 -4.25
N ASN A 137 -31.87 -24.96 -3.18
CA ASN A 137 -31.35 -26.29 -2.95
C ASN A 137 -31.87 -27.27 -3.99
N THR A 138 -33.17 -27.15 -4.28
CA THR A 138 -33.83 -27.99 -5.27
C THR A 138 -33.19 -27.82 -6.65
N THR A 139 -33.02 -26.59 -7.09
CA THR A 139 -32.37 -26.35 -8.39
C THR A 139 -31.02 -27.06 -8.47
N LEU A 140 -30.20 -26.86 -7.45
CA LEU A 140 -28.87 -27.46 -7.44
C LEU A 140 -28.95 -28.97 -7.54
N SER A 141 -29.91 -29.60 -6.86
CA SER A 141 -30.02 -31.05 -6.94
C SER A 141 -30.49 -31.47 -8.32
N HIS A 142 -31.51 -30.80 -8.85
CA HIS A 142 -31.91 -31.07 -10.24
C HIS A 142 -30.73 -30.95 -11.18
N TYR A 143 -29.87 -29.97 -10.95
CA TYR A 143 -28.71 -29.83 -11.80
C TYR A 143 -27.81 -31.06 -11.69
N GLU A 144 -27.49 -31.47 -10.48
CA GLU A 144 -26.53 -32.55 -10.33
C GLU A 144 -27.13 -33.92 -10.66
N LEU A 145 -28.46 -34.03 -10.51
CA LEU A 145 -29.16 -35.25 -10.87
C LEU A 145 -29.54 -35.35 -12.35
N SER A 146 -28.99 -34.47 -13.19
CA SER A 146 -29.43 -34.39 -14.57
C SER A 146 -28.77 -35.44 -15.46
N PRO A 147 -29.58 -36.19 -16.23
CA PRO A 147 -29.08 -37.18 -17.19
C PRO A 147 -28.16 -36.52 -18.20
N LYS A 148 -28.31 -35.21 -18.37
CA LYS A 148 -27.49 -34.50 -19.35
C LYS A 148 -26.05 -34.40 -18.87
N LYS A 149 -25.86 -34.37 -17.55
CA LYS A 149 -24.55 -34.29 -16.94
C LYS A 149 -23.78 -33.03 -17.35
N GLY A 150 -23.97 -31.95 -16.61
CA GLY A 150 -23.27 -30.72 -16.91
C GLY A 150 -21.82 -30.85 -16.49
N GLN A 151 -20.92 -30.37 -17.33
CA GLN A 151 -19.51 -30.50 -17.07
C GLN A 151 -18.90 -29.21 -16.52
N THR A 152 -19.64 -28.12 -16.63
CA THR A 152 -19.18 -26.80 -16.23
C THR A 152 -20.41 -25.93 -16.10
N VAL A 153 -20.43 -25.04 -15.12
CA VAL A 153 -21.58 -24.16 -14.92
C VAL A 153 -21.23 -22.77 -15.38
N LEU A 154 -22.10 -22.21 -16.23
CA LEU A 154 -22.01 -20.81 -16.60
C LEU A 154 -22.95 -20.10 -15.67
N PHE A 155 -22.37 -19.28 -14.81
CA PHE A 155 -23.14 -18.74 -13.73
C PHE A 155 -23.35 -17.26 -13.92
N VAL A 156 -24.59 -16.86 -14.21
CA VAL A 156 -24.89 -15.51 -14.69
C VAL A 156 -25.11 -14.45 -13.61
N GLY A 157 -24.69 -14.71 -12.38
CA GLY A 157 -24.66 -13.65 -11.40
C GLY A 157 -25.72 -13.77 -10.33
N ASP A 158 -25.49 -13.01 -9.25
CA ASP A 158 -26.27 -13.06 -7.99
C ASP A 158 -26.05 -14.35 -7.24
N LEU A 159 -25.01 -14.38 -6.41
CA LEU A 159 -24.55 -15.59 -5.76
C LEU A 159 -25.30 -15.87 -4.45
N SER A 160 -24.88 -15.21 -3.36
CA SER A 160 -25.40 -15.55 -2.05
C SER A 160 -26.63 -14.75 -1.62
N TYR A 161 -26.74 -13.50 -2.05
CA TYR A 161 -27.76 -12.61 -1.55
C TYR A 161 -27.48 -12.35 -0.08
N ALA A 162 -26.20 -12.49 0.27
CA ALA A 162 -25.75 -12.08 1.58
C ALA A 162 -26.18 -10.64 1.82
N ASP A 163 -26.18 -9.84 0.77
CA ASP A 163 -26.40 -8.42 0.97
C ASP A 163 -27.82 -8.10 1.38
N ARG A 164 -28.72 -9.08 1.33
CA ARG A 164 -30.07 -8.87 1.83
C ARG A 164 -30.15 -8.90 3.36
N TYR A 165 -29.08 -9.34 4.00
CA TYR A 165 -29.01 -9.42 5.46
C TYR A 165 -28.53 -8.10 6.08
N PRO A 166 -28.80 -7.91 7.40
CA PRO A 166 -28.27 -6.78 8.18
C PRO A 166 -26.75 -6.60 8.01
N ASN A 167 -26.34 -5.43 7.54
CA ASN A 167 -24.94 -5.16 7.30
C ASN A 167 -24.33 -6.16 6.32
N HIS A 168 -25.21 -6.75 5.50
CA HIS A 168 -24.80 -7.70 4.48
C HIS A 168 -24.17 -8.92 5.12
N ASP A 169 -24.53 -9.18 6.39
CA ASP A 169 -23.92 -10.24 7.17
C ASP A 169 -23.13 -11.20 6.30
N ASN A 170 -21.83 -10.95 6.17
CA ASN A 170 -21.00 -11.74 5.29
C ASN A 170 -20.90 -13.19 5.72
N VAL A 171 -21.44 -13.50 6.89
CA VAL A 171 -21.60 -14.89 7.29
C VAL A 171 -22.38 -15.67 6.23
N ARG A 172 -23.39 -15.03 5.67
CA ARG A 172 -24.18 -15.65 4.63
C ARG A 172 -23.43 -15.82 3.30
N TRP A 173 -22.21 -15.32 3.21
CA TRP A 173 -21.32 -15.69 2.10
C TRP A 173 -20.61 -16.98 2.43
N ASP A 174 -20.27 -17.15 3.69
CA ASP A 174 -19.61 -18.37 4.12
C ASP A 174 -20.53 -19.58 3.97
N THR A 175 -21.79 -19.42 4.35
CA THR A 175 -22.73 -20.53 4.28
C THR A 175 -22.96 -20.93 2.84
N TRP A 176 -23.01 -19.93 1.96
CA TRP A 176 -23.23 -20.18 0.55
C TRP A 176 -22.06 -20.94 -0.07
N GLY A 177 -20.84 -20.58 0.34
CA GLY A 177 -19.64 -21.25 -0.13
C GLY A 177 -19.67 -22.73 0.22
N ARG A 178 -20.11 -23.03 1.44
CA ARG A 178 -20.21 -24.41 1.90
C ARG A 178 -21.34 -25.18 1.21
N PHE A 179 -22.41 -24.46 0.86
CA PHE A 179 -23.58 -25.08 0.25
C PHE A 179 -23.33 -25.42 -1.21
N THR A 180 -22.64 -24.57 -1.94
CA THR A 180 -22.43 -24.83 -3.35
C THR A 180 -21.26 -25.80 -3.57
N GLU A 181 -20.49 -26.05 -2.52
CA GLU A 181 -19.29 -26.89 -2.63
C GLU A 181 -19.52 -28.20 -3.36
N ARG A 182 -20.63 -28.88 -3.02
CA ARG A 182 -20.92 -30.21 -3.56
C ARG A 182 -21.07 -30.21 -5.06
N SER A 183 -21.02 -29.03 -5.67
CA SER A 183 -20.93 -28.98 -7.13
C SER A 183 -19.63 -28.35 -7.59
N VAL A 184 -19.38 -27.13 -7.15
CA VAL A 184 -18.29 -26.33 -7.70
C VAL A 184 -16.91 -26.82 -7.27
N ALA A 185 -16.86 -27.72 -6.30
CA ALA A 185 -15.58 -28.31 -5.92
C ALA A 185 -15.12 -29.37 -6.93
N TYR A 186 -16.06 -29.84 -7.75
CA TYR A 186 -15.78 -30.95 -8.65
C TYR A 186 -15.87 -30.57 -10.14
N GLN A 187 -16.48 -29.43 -10.42
CA GLN A 187 -16.52 -28.89 -11.77
C GLN A 187 -16.45 -27.38 -11.67
N PRO A 188 -15.80 -26.72 -12.63
CA PRO A 188 -15.71 -25.25 -12.58
C PRO A 188 -17.08 -24.61 -12.65
N TRP A 189 -17.22 -23.45 -12.00
CA TRP A 189 -18.30 -22.53 -12.31
C TRP A 189 -17.66 -21.26 -12.85
N ILE A 190 -18.15 -20.76 -13.97
CA ILE A 190 -17.65 -19.50 -14.53
C ILE A 190 -18.49 -18.36 -13.96
N TRP A 191 -17.83 -17.35 -13.39
CA TRP A 191 -18.50 -16.32 -12.59
C TRP A 191 -18.81 -15.04 -13.33
N THR A 192 -20.06 -14.60 -13.20
CA THR A 192 -20.51 -13.32 -13.71
C THR A 192 -20.89 -12.48 -12.48
N ALA A 193 -20.58 -11.19 -12.52
CA ALA A 193 -20.93 -10.31 -11.40
C ALA A 193 -22.37 -9.83 -11.50
N GLY A 194 -23.16 -10.00 -10.45
CA GLY A 194 -24.55 -9.53 -10.49
C GLY A 194 -24.74 -8.28 -9.63
N ASN A 195 -25.97 -7.84 -9.45
CA ASN A 195 -26.17 -6.64 -8.61
C ASN A 195 -26.01 -6.90 -7.12
N HIS A 196 -26.24 -8.13 -6.69
CA HIS A 196 -26.06 -8.45 -5.28
C HIS A 196 -24.60 -8.61 -4.90
N GLU A 197 -23.73 -8.65 -5.90
CA GLU A 197 -22.31 -8.62 -5.65
C GLU A 197 -21.78 -7.19 -5.45
N ILE A 198 -22.54 -6.20 -5.89
CA ILE A 198 -22.08 -4.82 -5.85
C ILE A 198 -21.74 -4.38 -4.42
N GLU A 199 -22.70 -4.58 -3.52
CA GLU A 199 -22.46 -4.37 -2.10
C GLU A 199 -21.88 -3.01 -1.82
N PHE A 200 -22.40 -2.02 -2.54
CA PHE A 200 -22.09 -0.62 -2.31
C PHE A 200 -22.93 -0.11 -1.16
N ALA A 201 -22.31 0.08 -0.01
CA ALA A 201 -23.02 0.50 1.20
C ALA A 201 -22.23 1.57 1.93
N PRO A 202 -22.37 2.82 1.48
CA PRO A 202 -21.59 3.95 2.01
C PRO A 202 -22.02 4.29 3.42
N GLU A 203 -23.24 3.89 3.77
CA GLU A 203 -23.79 4.15 5.09
C GLU A 203 -22.93 3.52 6.18
N ILE A 204 -22.23 2.43 5.84
CA ILE A 204 -21.35 1.74 6.77
C ILE A 204 -19.90 1.72 6.29
N ASN A 205 -19.54 2.77 5.54
CA ASN A 205 -18.17 2.99 5.09
C ASN A 205 -17.59 1.83 4.28
N GLU A 206 -18.49 1.09 3.62
CA GLU A 206 -18.09 0.07 2.63
C GLU A 206 -18.39 0.54 1.20
N THR A 207 -17.40 1.13 0.56
CA THR A 207 -17.64 1.81 -0.71
C THR A 207 -16.88 1.25 -1.91
N GLU A 208 -16.28 0.08 -1.76
CA GLU A 208 -15.51 -0.53 -2.83
C GLU A 208 -16.35 -1.65 -3.45
N PRO A 209 -16.90 -1.42 -4.66
CA PRO A 209 -17.93 -2.31 -5.15
C PRO A 209 -17.37 -3.68 -5.50
N PHE A 210 -18.15 -4.72 -5.21
CA PHE A 210 -17.71 -6.09 -5.45
C PHE A 210 -16.65 -6.59 -4.48
N LYS A 211 -16.43 -5.86 -3.38
CA LYS A 211 -15.38 -6.26 -2.46
C LYS A 211 -15.49 -7.73 -2.05
N PRO A 212 -16.53 -8.11 -1.28
CA PRO A 212 -16.57 -9.51 -0.85
C PRO A 212 -16.47 -10.50 -2.02
N PHE A 213 -17.27 -10.27 -3.08
CA PHE A 213 -17.25 -11.15 -4.24
C PHE A 213 -15.81 -11.28 -4.76
N SER A 214 -15.18 -10.13 -4.94
CA SER A 214 -13.81 -10.05 -5.42
C SER A 214 -12.81 -10.89 -4.63
N TYR A 215 -12.91 -10.90 -3.32
CA TYR A 215 -11.97 -11.66 -2.51
C TYR A 215 -12.21 -13.16 -2.57
N ARG A 216 -13.47 -13.55 -2.60
CA ARG A 216 -13.86 -14.95 -2.53
C ARG A 216 -13.82 -15.66 -3.87
N TYR A 217 -14.13 -14.94 -4.94
CA TYR A 217 -14.19 -15.57 -6.26
C TYR A 217 -13.26 -14.96 -7.27
N HIS A 218 -12.19 -15.67 -7.54
CA HIS A 218 -11.22 -15.23 -8.50
C HIS A 218 -11.54 -15.76 -9.88
N VAL A 219 -11.04 -15.11 -10.92
CA VAL A 219 -11.26 -15.56 -12.29
C VAL A 219 -10.01 -15.30 -13.09
N PRO A 220 -9.84 -16.02 -14.20
CA PRO A 220 -8.59 -15.95 -14.99
C PRO A 220 -8.57 -14.74 -15.92
N TYR A 221 -8.78 -13.55 -15.38
CA TYR A 221 -8.93 -12.38 -16.22
C TYR A 221 -7.66 -11.93 -16.97
N GLU A 222 -6.48 -12.04 -16.37
CA GLU A 222 -5.29 -11.56 -17.09
C GLU A 222 -5.07 -12.43 -18.30
N ALA A 223 -5.74 -13.58 -18.31
CA ALA A 223 -5.52 -14.56 -19.35
C ALA A 223 -6.03 -14.06 -20.70
N SER A 224 -7.09 -13.26 -20.68
CA SER A 224 -7.60 -12.67 -21.90
C SER A 224 -7.29 -11.18 -22.02
N GLN A 225 -6.22 -10.75 -21.37
CA GLN A 225 -5.82 -9.35 -21.35
C GLN A 225 -6.84 -8.38 -20.79
N SER A 226 -7.82 -8.88 -20.05
CA SER A 226 -8.65 -7.97 -19.29
C SER A 226 -7.83 -7.35 -18.17
N THR A 227 -8.25 -6.18 -17.70
CA THR A 227 -7.56 -5.55 -16.58
C THR A 227 -8.47 -5.55 -15.36
N SER A 228 -9.55 -6.30 -15.43
CA SER A 228 -10.50 -6.38 -14.34
C SER A 228 -11.18 -7.73 -14.24
N PRO A 229 -11.48 -8.15 -13.02
CA PRO A 229 -12.09 -9.44 -12.76
C PRO A 229 -13.54 -9.49 -13.20
N PHE A 230 -14.08 -8.37 -13.64
CA PHE A 230 -15.52 -8.35 -13.87
C PHE A 230 -15.91 -8.58 -15.32
N TRP A 231 -14.92 -8.55 -16.20
CA TRP A 231 -15.12 -8.91 -17.60
C TRP A 231 -13.91 -9.66 -18.10
N TYR A 232 -14.14 -10.73 -18.85
CA TYR A 232 -13.06 -11.59 -19.29
C TYR A 232 -13.67 -12.70 -20.12
N SER A 233 -12.83 -13.45 -20.82
CA SER A 233 -13.31 -14.63 -21.49
C SER A 233 -12.47 -15.87 -21.16
N ILE A 234 -13.02 -17.03 -21.49
CA ILE A 234 -12.26 -18.26 -21.52
C ILE A 234 -12.67 -19.02 -22.76
N LYS A 235 -11.81 -19.94 -23.17
CA LYS A 235 -12.15 -20.89 -24.20
C LYS A 235 -12.22 -22.24 -23.51
N ARG A 236 -13.33 -22.94 -23.69
CA ARG A 236 -13.48 -24.28 -23.15
C ARG A 236 -14.19 -25.18 -24.16
N ALA A 237 -13.51 -26.26 -24.55
CA ALA A 237 -14.01 -27.18 -25.57
C ALA A 237 -14.21 -26.46 -26.91
N SER A 238 -15.44 -26.44 -27.42
CA SER A 238 -15.69 -25.74 -28.69
C SER A 238 -16.37 -24.39 -28.50
N ALA A 239 -16.35 -23.88 -27.28
CA ALA A 239 -17.02 -22.61 -26.98
C ALA A 239 -16.02 -21.52 -26.63
N HIS A 240 -16.31 -20.30 -27.06
CA HIS A 240 -15.60 -19.10 -26.61
C HIS A 240 -16.59 -18.28 -25.80
N ILE A 241 -16.38 -18.22 -24.50
CA ILE A 241 -17.30 -17.62 -23.57
C ILE A 241 -16.79 -16.26 -23.16
N ILE A 242 -17.65 -15.25 -23.26
CA ILE A 242 -17.28 -13.90 -22.89
C ILE A 242 -18.11 -13.44 -21.72
N VAL A 243 -17.46 -13.03 -20.63
CA VAL A 243 -18.20 -12.55 -19.48
C VAL A 243 -18.09 -11.05 -19.36
N LEU A 244 -19.22 -10.38 -19.17
CA LEU A 244 -19.27 -8.93 -19.11
C LEU A 244 -19.80 -8.48 -17.77
N SER A 245 -19.59 -7.22 -17.46
CA SER A 245 -20.01 -6.67 -16.19
C SER A 245 -21.06 -5.58 -16.42
N SER A 246 -22.31 -5.93 -16.10
CA SER A 246 -23.43 -4.99 -16.23
C SER A 246 -23.23 -3.75 -15.37
N TYR A 247 -22.42 -3.85 -14.33
CA TYR A 247 -22.34 -2.78 -13.33
C TYR A 247 -20.95 -2.16 -13.25
N SER A 248 -20.15 -2.47 -14.25
CA SER A 248 -18.94 -1.69 -14.49
C SER A 248 -19.25 -0.73 -15.62
N ALA A 249 -18.32 0.17 -15.90
CA ALA A 249 -18.49 1.08 -17.01
C ALA A 249 -18.40 0.31 -18.32
N TYR A 250 -19.25 0.67 -19.27
CA TYR A 250 -19.10 0.14 -20.61
C TYR A 250 -19.21 1.27 -21.65
N GLY A 251 -19.00 2.50 -21.19
CA GLY A 251 -18.97 3.64 -22.09
C GLY A 251 -17.86 3.48 -23.12
N ARG A 252 -17.99 4.18 -24.24
CA ARG A 252 -16.95 4.16 -25.27
C ARG A 252 -15.60 4.66 -24.74
N GLY A 253 -14.56 3.85 -24.87
CA GLY A 253 -13.24 4.29 -24.44
C GLY A 253 -12.84 3.79 -23.06
N THR A 254 -13.83 3.32 -22.29
CA THR A 254 -13.62 2.72 -20.99
C THR A 254 -12.94 1.35 -21.15
N PRO A 255 -12.29 0.85 -20.09
CA PRO A 255 -11.60 -0.44 -20.22
C PRO A 255 -12.48 -1.60 -20.75
N GLN A 256 -13.69 -1.78 -20.24
CA GLN A 256 -14.49 -2.93 -20.63
C GLN A 256 -14.88 -2.82 -22.10
N TYR A 257 -15.39 -1.66 -22.49
CA TYR A 257 -15.70 -1.38 -23.88
C TYR A 257 -14.50 -1.65 -24.77
N THR A 258 -13.34 -1.11 -24.41
CA THR A 258 -12.12 -1.35 -25.16
C THR A 258 -11.75 -2.84 -25.26
N TRP A 259 -11.81 -3.51 -24.12
CA TRP A 259 -11.50 -4.93 -24.07
C TRP A 259 -12.46 -5.73 -24.96
N LEU A 260 -13.77 -5.50 -24.83
CA LEU A 260 -14.75 -6.28 -25.57
C LEU A 260 -14.59 -6.07 -27.06
N LYS A 261 -14.33 -4.83 -27.46
CA LYS A 261 -14.18 -4.53 -28.87
C LYS A 261 -13.03 -5.36 -29.45
N LYS A 262 -11.92 -5.43 -28.73
CA LYS A 262 -10.75 -6.17 -29.19
C LYS A 262 -10.96 -7.68 -29.10
N GLU A 263 -11.74 -8.11 -28.13
CA GLU A 263 -11.91 -9.52 -27.84
C GLU A 263 -12.74 -10.15 -28.94
N LEU A 264 -13.79 -9.44 -29.37
CA LEU A 264 -14.59 -9.93 -30.48
C LEU A 264 -13.78 -10.06 -31.75
N ARG A 265 -12.82 -9.16 -31.96
CA ARG A 265 -11.90 -9.26 -33.09
C ARG A 265 -11.05 -10.52 -33.00
N LYS A 266 -10.78 -10.98 -31.78
CA LYS A 266 -9.89 -12.11 -31.58
C LYS A 266 -10.58 -13.48 -31.73
N VAL A 267 -11.91 -13.49 -31.67
CA VAL A 267 -12.66 -14.73 -31.75
C VAL A 267 -12.38 -15.47 -33.06
N LYS A 268 -12.13 -16.76 -32.94
CA LYS A 268 -11.90 -17.58 -34.13
C LYS A 268 -12.91 -18.73 -34.19
N ARG A 269 -13.93 -18.54 -35.01
CA ARG A 269 -15.01 -19.51 -35.13
C ARG A 269 -14.51 -20.82 -35.68
N SER A 270 -13.37 -20.81 -36.37
CA SER A 270 -12.77 -22.05 -36.85
C SER A 270 -12.09 -22.85 -35.74
N GLU A 271 -11.79 -22.21 -34.61
CA GLU A 271 -11.31 -22.93 -33.44
C GLU A 271 -12.43 -23.15 -32.44
N THR A 272 -13.15 -22.10 -32.09
CA THR A 272 -14.24 -22.17 -31.12
C THR A 272 -15.50 -21.67 -31.80
N PRO A 273 -16.28 -22.58 -32.38
CA PRO A 273 -17.49 -22.30 -33.17
C PRO A 273 -18.54 -21.55 -32.39
N TRP A 274 -18.79 -21.98 -31.16
CA TRP A 274 -19.89 -21.46 -30.36
C TRP A 274 -19.45 -20.25 -29.56
N LEU A 275 -19.98 -19.09 -29.91
CA LEU A 275 -19.66 -17.84 -29.23
C LEU A 275 -20.76 -17.50 -28.22
N ILE A 276 -20.39 -17.46 -26.94
CA ILE A 276 -21.38 -17.33 -25.87
C ILE A 276 -21.04 -16.16 -25.02
N VAL A 277 -22.04 -15.33 -24.71
CA VAL A 277 -21.81 -14.13 -23.93
C VAL A 277 -22.66 -14.23 -22.67
N LEU A 278 -22.03 -14.02 -21.53
CA LEU A 278 -22.71 -13.98 -20.24
C LEU A 278 -22.75 -12.56 -19.69
N MET A 279 -23.90 -12.16 -19.13
CA MET A 279 -23.99 -10.88 -18.43
C MET A 279 -25.11 -11.03 -17.43
N HIS A 280 -25.16 -10.14 -16.44
CA HIS A 280 -26.18 -10.31 -15.42
C HIS A 280 -27.56 -9.81 -15.84
N SER A 281 -27.60 -8.61 -16.40
CA SER A 281 -28.86 -7.97 -16.75
C SER A 281 -29.22 -8.16 -18.23
N PRO A 282 -30.44 -8.64 -18.50
CA PRO A 282 -30.88 -9.10 -19.83
C PRO A 282 -31.02 -7.96 -20.82
N LEU A 283 -30.61 -8.13 -22.06
CA LEU A 283 -30.87 -7.12 -23.08
C LEU A 283 -32.34 -7.18 -23.53
N TYR A 284 -32.88 -8.38 -23.61
CA TYR A 284 -34.29 -8.55 -23.90
C TYR A 284 -34.97 -9.19 -22.71
N ASN A 285 -36.07 -8.58 -22.31
CA ASN A 285 -36.80 -9.01 -21.14
C ASN A 285 -38.22 -8.49 -21.27
N SER A 286 -39.19 -9.39 -21.18
CA SER A 286 -40.58 -8.97 -21.31
C SER A 286 -41.36 -9.08 -19.99
N TYR A 287 -40.63 -9.24 -18.88
CA TYR A 287 -41.20 -9.28 -17.53
C TYR A 287 -41.24 -7.90 -16.89
N ASN A 288 -42.22 -7.67 -16.03
CA ASN A 288 -42.32 -6.42 -15.27
C ASN A 288 -41.07 -6.12 -14.47
N HIS A 289 -40.71 -7.03 -13.57
CA HIS A 289 -39.56 -6.83 -12.71
C HIS A 289 -38.36 -6.48 -13.58
N HIS A 290 -37.75 -5.32 -13.32
CA HIS A 290 -36.54 -4.88 -14.02
C HIS A 290 -36.74 -4.59 -15.51
N PHE A 291 -38.00 -4.48 -15.94
CA PHE A 291 -38.30 -4.16 -17.33
C PHE A 291 -37.46 -2.99 -17.81
N MET A 292 -36.82 -3.22 -18.96
CA MET A 292 -36.03 -2.23 -19.68
C MET A 292 -34.73 -1.80 -19.02
N GLU A 293 -34.34 -2.44 -17.92
CA GLU A 293 -33.07 -2.05 -17.28
C GLU A 293 -31.86 -2.28 -18.19
N GLY A 294 -31.91 -3.33 -19.01
CA GLY A 294 -30.81 -3.64 -19.89
C GLY A 294 -30.68 -2.75 -21.10
N GLU A 295 -31.57 -1.77 -21.22
CA GLU A 295 -31.55 -0.91 -22.41
C GLU A 295 -30.21 -0.24 -22.68
N ALA A 296 -29.59 0.30 -21.63
CA ALA A 296 -28.32 1.00 -21.82
C ALA A 296 -27.25 0.12 -22.43
N MET A 297 -27.02 -1.05 -21.86
CA MET A 297 -25.94 -1.86 -22.40
C MET A 297 -26.28 -2.30 -23.83
N ARG A 298 -27.55 -2.59 -24.07
CA ARG A 298 -27.99 -3.01 -25.38
C ARG A 298 -27.62 -1.97 -26.42
N THR A 299 -27.84 -0.70 -26.12
CA THR A 299 -27.55 0.33 -27.11
C THR A 299 -26.07 0.37 -27.47
N LYS A 300 -25.23 -0.08 -26.55
CA LYS A 300 -23.79 -0.08 -26.79
C LYS A 300 -23.32 -1.35 -27.48
N PHE A 301 -23.87 -2.48 -27.08
CA PHE A 301 -23.29 -3.76 -27.47
C PHE A 301 -24.08 -4.57 -28.49
N GLU A 302 -25.40 -4.39 -28.53
CA GLU A 302 -26.24 -5.21 -29.39
C GLU A 302 -25.69 -5.34 -30.83
N ALA A 303 -25.36 -4.22 -31.45
CA ALA A 303 -24.86 -4.28 -32.82
C ALA A 303 -23.61 -5.15 -32.95
N TRP A 304 -22.73 -5.08 -31.96
CA TRP A 304 -21.55 -5.93 -31.98
C TRP A 304 -21.92 -7.39 -31.94
N PHE A 305 -22.95 -7.73 -31.19
CA PHE A 305 -23.34 -9.12 -31.07
C PHE A 305 -23.89 -9.60 -32.40
N VAL A 306 -24.62 -8.73 -33.08
CA VAL A 306 -25.17 -9.07 -34.38
C VAL A 306 -24.05 -9.18 -35.39
N LYS A 307 -23.17 -8.18 -35.39
CA LYS A 307 -22.01 -8.19 -36.26
C LYS A 307 -21.12 -9.43 -36.14
N TYR A 308 -20.87 -9.91 -34.92
CA TYR A 308 -19.97 -11.06 -34.78
C TYR A 308 -20.67 -12.40 -34.68
N LYS A 309 -21.97 -12.38 -34.93
CA LYS A 309 -22.73 -13.60 -35.00
C LYS A 309 -22.69 -14.32 -33.68
N VAL A 310 -22.93 -13.61 -32.58
CA VAL A 310 -23.02 -14.28 -31.29
C VAL A 310 -24.13 -15.31 -31.33
N ASP A 311 -23.85 -16.53 -30.92
CA ASP A 311 -24.85 -17.58 -30.94
C ASP A 311 -25.91 -17.42 -29.85
N VAL A 312 -25.49 -17.09 -28.63
CA VAL A 312 -26.45 -17.00 -27.55
C VAL A 312 -25.95 -16.11 -26.44
N VAL A 313 -26.85 -15.31 -25.87
CA VAL A 313 -26.51 -14.44 -24.75
C VAL A 313 -27.32 -14.86 -23.54
N PHE A 314 -26.65 -15.25 -22.46
CA PHE A 314 -27.34 -15.71 -21.28
C PHE A 314 -27.35 -14.62 -20.23
N ALA A 315 -28.46 -14.52 -19.50
CA ALA A 315 -28.55 -13.57 -18.39
C ALA A 315 -29.47 -14.08 -17.27
N GLY A 316 -29.51 -13.31 -16.18
CA GLY A 316 -30.29 -13.66 -15.01
C GLY A 316 -31.01 -12.42 -14.53
N HIS A 317 -30.85 -12.08 -13.25
CA HIS A 317 -31.43 -10.84 -12.74
C HIS A 317 -32.95 -10.90 -12.59
N VAL A 318 -33.63 -11.31 -13.66
CA VAL A 318 -35.06 -11.50 -13.61
C VAL A 318 -35.31 -12.91 -13.15
N HIS A 319 -36.17 -13.06 -12.13
CA HIS A 319 -36.33 -14.34 -11.47
C HIS A 319 -37.36 -15.20 -12.15
N ALA A 320 -37.04 -15.59 -13.38
CA ALA A 320 -37.92 -16.41 -14.19
C ALA A 320 -37.12 -16.94 -15.37
N TYR A 321 -37.80 -17.55 -16.33
CA TYR A 321 -37.18 -18.01 -17.56
C TYR A 321 -37.78 -17.32 -18.78
N GLU A 322 -36.93 -17.00 -19.75
CA GLU A 322 -37.41 -16.43 -21.01
C GLU A 322 -36.42 -16.72 -22.12
N ARG A 323 -36.96 -16.91 -23.31
CA ARG A 323 -36.13 -17.21 -24.48
C ARG A 323 -36.65 -16.39 -25.64
N SER A 324 -35.78 -15.58 -26.23
CA SER A 324 -36.21 -14.67 -27.28
C SER A 324 -36.10 -15.36 -28.62
N GLU A 325 -36.58 -14.70 -29.66
CA GLU A 325 -36.33 -15.14 -31.02
C GLU A 325 -35.00 -14.51 -31.42
N ARG A 326 -34.47 -14.89 -32.58
CA ARG A 326 -33.31 -14.18 -33.08
C ARG A 326 -33.77 -12.84 -33.59
N VAL A 327 -33.47 -11.80 -32.84
CA VAL A 327 -33.97 -10.48 -33.15
C VAL A 327 -32.89 -9.42 -33.03
N SER A 328 -33.10 -8.30 -33.70
CA SER A 328 -32.27 -7.15 -33.44
C SER A 328 -33.14 -5.90 -33.35
N ASN A 329 -32.55 -4.86 -32.78
CA ASN A 329 -33.21 -3.59 -32.66
C ASN A 329 -32.13 -2.54 -32.78
N ILE A 330 -31.44 -2.61 -33.91
CA ILE A 330 -30.25 -1.83 -34.12
C ILE A 330 -30.35 -0.83 -35.27
N ALA A 331 -31.56 -0.51 -35.70
CA ALA A 331 -31.73 0.44 -36.81
C ALA A 331 -32.14 1.86 -36.38
N TYR A 332 -32.38 2.05 -35.10
CA TYR A 332 -32.85 3.32 -34.55
C TYR A 332 -31.83 4.46 -34.75
N LYS A 333 -32.31 5.63 -35.17
CA LYS A 333 -31.47 6.85 -35.29
C LYS A 333 -32.14 8.08 -34.67
N ILE A 334 -32.88 7.88 -33.58
CA ILE A 334 -33.58 8.97 -32.89
C ILE A 334 -34.82 9.44 -33.62
N THR A 335 -34.70 9.76 -34.91
CA THR A 335 -35.82 10.37 -35.63
C THR A 335 -36.44 9.53 -36.77
N ASN A 336 -35.93 8.33 -37.00
CA ASN A 336 -36.41 7.49 -38.09
C ASN A 336 -37.53 6.55 -37.68
N GLY A 337 -37.96 6.66 -36.42
CA GLY A 337 -39.07 5.86 -35.90
C GLY A 337 -38.84 4.37 -35.87
N LEU A 338 -37.64 3.94 -36.24
CA LEU A 338 -37.32 2.51 -36.31
C LEU A 338 -36.87 1.97 -34.96
N CYS A 339 -37.81 1.81 -34.04
CA CYS A 339 -37.48 1.31 -32.73
C CYS A 339 -38.19 -0.02 -32.41
N THR A 340 -38.51 -0.80 -33.44
CA THR A 340 -39.14 -2.09 -33.16
C THR A 340 -38.21 -3.25 -33.51
N PRO A 341 -38.05 -4.21 -32.58
CA PRO A 341 -37.21 -5.39 -32.87
C PRO A 341 -37.72 -6.14 -34.09
N VAL A 342 -36.80 -6.68 -34.89
CA VAL A 342 -37.19 -7.41 -36.10
C VAL A 342 -36.50 -8.77 -36.11
N LYS A 343 -37.12 -9.78 -36.72
CA LYS A 343 -36.44 -11.05 -36.95
C LYS A 343 -35.12 -10.74 -37.61
N ASP A 344 -34.06 -11.41 -37.15
CA ASP A 344 -32.71 -11.18 -37.66
C ASP A 344 -31.89 -12.45 -37.44
N GLN A 345 -31.74 -13.24 -38.49
CA GLN A 345 -31.02 -14.50 -38.39
C GLN A 345 -29.58 -14.35 -37.93
N SER A 346 -29.02 -13.15 -38.08
CA SER A 346 -27.63 -12.92 -37.73
C SER A 346 -27.46 -12.64 -36.23
N ALA A 347 -28.59 -12.52 -35.54
CA ALA A 347 -28.56 -12.16 -34.12
C ALA A 347 -28.60 -13.36 -33.17
N PRO A 348 -28.21 -13.14 -31.92
CA PRO A 348 -28.22 -14.25 -30.95
C PRO A 348 -29.63 -14.55 -30.48
N VAL A 349 -29.81 -15.68 -29.85
CA VAL A 349 -30.99 -15.89 -29.04
C VAL A 349 -30.63 -15.32 -27.68
N TYR A 350 -31.59 -14.65 -27.05
CA TYR A 350 -31.37 -14.09 -25.71
C TYR A 350 -32.08 -14.95 -24.69
N ILE A 351 -31.33 -15.53 -23.77
CA ILE A 351 -31.97 -16.30 -22.71
C ILE A 351 -31.85 -15.69 -21.32
N THR A 352 -32.99 -15.63 -20.64
CA THR A 352 -33.03 -15.24 -19.24
C THR A 352 -33.17 -16.50 -18.39
N ILE A 353 -32.17 -16.75 -17.55
CA ILE A 353 -32.14 -17.98 -16.80
C ILE A 353 -31.80 -17.69 -15.31
N GLY A 354 -32.31 -16.58 -14.81
CA GLY A 354 -32.06 -16.19 -13.43
C GLY A 354 -33.08 -16.72 -12.44
N ASP A 355 -33.34 -18.02 -12.52
CA ASP A 355 -34.47 -18.60 -11.78
C ASP A 355 -34.09 -19.80 -10.91
N ALA A 356 -32.82 -19.88 -10.52
CA ALA A 356 -32.34 -20.99 -9.71
C ALA A 356 -32.85 -20.96 -8.26
N GLY A 357 -33.41 -19.84 -7.83
CA GLY A 357 -34.06 -19.84 -6.55
C GLY A 357 -34.02 -18.56 -5.74
N ASN A 358 -32.93 -17.81 -5.86
CA ASN A 358 -32.72 -16.60 -5.05
C ASN A 358 -33.16 -16.81 -3.59
N TYR A 359 -33.96 -15.92 -3.06
CA TYR A 359 -34.48 -16.13 -1.71
C TYR A 359 -35.95 -16.56 -1.78
N GLY A 360 -36.33 -17.18 -2.89
CA GLY A 360 -37.58 -17.93 -2.95
C GLY A 360 -38.78 -17.22 -3.54
N VAL A 361 -38.52 -16.20 -4.34
CA VAL A 361 -39.59 -15.42 -4.92
C VAL A 361 -39.43 -15.40 -6.42
N ILE A 362 -40.42 -15.97 -7.11
CA ILE A 362 -40.43 -15.97 -8.56
C ILE A 362 -41.09 -14.70 -9.09
N ASP A 363 -40.57 -14.19 -10.21
CA ASP A 363 -41.16 -13.03 -10.88
C ASP A 363 -42.23 -13.50 -11.81
N SER A 364 -43.50 -13.39 -11.42
CA SER A 364 -44.58 -13.94 -12.25
C SER A 364 -45.24 -12.92 -13.17
N ASN A 365 -45.09 -11.64 -12.85
CA ASN A 365 -45.67 -10.58 -13.67
C ASN A 365 -45.02 -10.39 -15.04
N MET A 366 -45.77 -10.67 -16.09
CA MET A 366 -45.27 -10.51 -17.44
C MET A 366 -46.10 -9.46 -18.16
N ILE A 367 -45.42 -8.70 -19.01
CA ILE A 367 -46.10 -7.74 -19.87
C ILE A 367 -46.95 -8.44 -20.93
N GLN A 368 -48.23 -8.13 -20.98
CA GLN A 368 -49.15 -8.78 -21.89
C GLN A 368 -49.58 -7.84 -23.03
N PRO A 369 -49.74 -8.40 -24.23
CA PRO A 369 -49.44 -9.81 -24.45
C PRO A 369 -47.96 -10.02 -24.78
N GLN A 370 -47.55 -11.27 -24.81
CA GLN A 370 -46.18 -11.64 -25.15
C GLN A 370 -45.74 -10.96 -26.45
N PRO A 371 -44.62 -10.23 -26.39
CA PRO A 371 -44.06 -9.54 -27.55
C PRO A 371 -43.63 -10.51 -28.65
N GLU A 372 -43.59 -10.03 -29.88
CA GLU A 372 -43.11 -10.84 -31.00
C GLU A 372 -41.70 -11.34 -30.73
N TYR A 373 -40.86 -10.49 -30.13
CA TYR A 373 -39.49 -10.88 -29.88
C TYR A 373 -39.33 -12.00 -28.84
N SER A 374 -40.35 -12.21 -28.00
CA SER A 374 -40.28 -13.26 -26.99
C SER A 374 -40.79 -14.59 -27.54
N ALA A 375 -39.95 -15.62 -27.50
CA ALA A 375 -40.33 -16.94 -28.01
C ALA A 375 -41.02 -17.79 -26.95
N PHE A 376 -40.48 -17.77 -25.74
CA PHE A 376 -41.02 -18.59 -24.67
C PHE A 376 -40.65 -17.97 -23.33
N ARG A 377 -41.61 -17.94 -22.40
CA ARG A 377 -41.31 -17.48 -21.06
C ARG A 377 -42.23 -18.09 -20.04
N GLU A 378 -41.65 -18.64 -18.98
CA GLU A 378 -42.43 -19.19 -17.88
C GLU A 378 -41.86 -18.76 -16.52
N ALA A 379 -42.74 -18.51 -15.56
CA ALA A 379 -42.30 -18.13 -14.21
C ALA A 379 -42.20 -19.35 -13.28
N SER A 380 -41.18 -20.18 -13.51
CA SER A 380 -40.88 -21.32 -12.65
C SER A 380 -39.41 -21.32 -12.28
N PHE A 381 -39.08 -21.92 -11.13
CA PHE A 381 -37.69 -22.07 -10.76
C PHE A 381 -37.05 -23.21 -11.56
N GLY A 382 -35.76 -23.08 -11.88
CA GLY A 382 -35.04 -24.14 -12.56
C GLY A 382 -33.73 -23.64 -13.16
N HIS A 383 -33.12 -24.47 -14.00
CA HIS A 383 -31.82 -24.16 -14.57
C HIS A 383 -31.81 -24.62 -16.03
N GLY A 384 -30.72 -24.32 -16.74
CA GLY A 384 -30.61 -24.65 -18.15
C GLY A 384 -29.42 -25.53 -18.45
N MET A 385 -29.37 -26.06 -19.66
CA MET A 385 -28.23 -26.84 -20.16
C MET A 385 -27.97 -26.47 -21.60
N PHE A 386 -26.72 -26.19 -21.91
CA PHE A 386 -26.36 -25.85 -23.27
C PHE A 386 -25.40 -26.89 -23.77
N ASP A 387 -25.95 -27.82 -24.55
CA ASP A 387 -25.27 -29.06 -24.87
C ASP A 387 -24.75 -29.03 -26.30
N ILE A 388 -23.44 -28.93 -26.47
CA ILE A 388 -22.85 -28.77 -27.79
C ILE A 388 -22.56 -30.10 -28.45
N LYS A 389 -23.22 -30.40 -29.57
CA LYS A 389 -23.01 -31.67 -30.25
C LYS A 389 -21.82 -31.57 -31.16
N ASN A 390 -21.72 -30.46 -31.87
CA ASN A 390 -20.63 -30.23 -32.81
C ASN A 390 -20.73 -28.83 -33.36
N ARG A 391 -19.98 -28.55 -34.42
CA ARG A 391 -19.81 -27.19 -34.89
C ARG A 391 -21.11 -26.58 -35.40
N THR A 392 -22.09 -27.43 -35.68
CA THR A 392 -23.34 -26.94 -36.25
C THR A 392 -24.49 -27.00 -35.28
N HIS A 393 -24.49 -27.97 -34.38
CA HIS A 393 -25.62 -28.21 -33.50
C HIS A 393 -25.31 -28.07 -32.03
N ALA A 394 -26.20 -27.38 -31.32
CA ALA A 394 -26.20 -27.38 -29.87
C ALA A 394 -27.64 -27.54 -29.40
N HIS A 395 -27.84 -28.27 -28.33
CA HIS A 395 -29.18 -28.48 -27.84
C HIS A 395 -29.37 -27.77 -26.50
N PHE A 396 -30.27 -26.79 -26.45
CA PHE A 396 -30.59 -26.13 -25.18
C PHE A 396 -31.89 -26.59 -24.57
N SER A 397 -31.85 -26.88 -23.27
CA SER A 397 -33.06 -27.33 -22.60
C SER A 397 -33.20 -26.67 -21.24
N TRP A 398 -34.43 -26.46 -20.81
CA TRP A 398 -34.72 -25.82 -19.54
C TRP A 398 -35.43 -26.82 -18.63
N ASN A 399 -34.88 -27.05 -17.45
CA ASN A 399 -35.50 -27.96 -16.49
C ASN A 399 -36.17 -27.21 -15.35
N ARG A 400 -37.42 -27.61 -15.07
CA ARG A 400 -38.21 -27.03 -14.00
C ARG A 400 -38.10 -27.83 -12.73
N ASN A 401 -37.82 -27.13 -11.63
CA ASN A 401 -37.85 -27.74 -10.29
C ASN A 401 -39.10 -28.57 -10.00
N GLN A 402 -40.24 -28.17 -10.54
CA GLN A 402 -41.46 -28.92 -10.26
C GLN A 402 -41.59 -30.17 -11.13
N ASP A 403 -40.69 -30.35 -12.09
CA ASP A 403 -40.73 -31.55 -12.91
C ASP A 403 -39.68 -32.55 -12.48
N GLY A 404 -39.77 -33.77 -13.00
CA GLY A 404 -38.71 -34.73 -12.84
C GLY A 404 -37.39 -34.19 -13.35
N VAL A 405 -36.30 -34.63 -12.73
CA VAL A 405 -34.97 -34.14 -13.09
C VAL A 405 -34.64 -34.38 -14.55
N ALA A 406 -35.32 -35.34 -15.16
CA ALA A 406 -35.04 -35.75 -16.53
C ALA A 406 -36.00 -35.13 -17.55
N VAL A 407 -37.00 -34.38 -17.06
CA VAL A 407 -38.00 -33.76 -17.92
C VAL A 407 -37.56 -32.37 -18.38
N GLU A 408 -37.78 -32.05 -19.65
CA GLU A 408 -37.49 -30.70 -20.14
C GLU A 408 -38.78 -29.96 -20.49
N ALA A 409 -39.02 -28.82 -19.86
CA ALA A 409 -40.18 -28.00 -20.17
C ALA A 409 -39.96 -27.18 -21.46
N ASP A 410 -38.74 -26.74 -21.70
CA ASP A 410 -38.43 -26.10 -22.97
C ASP A 410 -37.19 -26.74 -23.58
N SER A 411 -37.18 -26.87 -24.89
CA SER A 411 -36.12 -27.60 -25.55
C SER A 411 -35.98 -26.98 -26.92
N VAL A 412 -34.74 -26.79 -27.37
CA VAL A 412 -34.54 -26.11 -28.64
C VAL A 412 -33.14 -26.31 -29.17
N TRP A 413 -33.06 -26.65 -30.45
CA TRP A 413 -31.78 -26.77 -31.13
C TRP A 413 -31.26 -25.42 -31.59
N PHE A 414 -30.00 -25.13 -31.31
CA PHE A 414 -29.35 -23.96 -31.87
C PHE A 414 -28.62 -24.37 -33.10
N PHE A 415 -28.77 -23.65 -34.19
CA PHE A 415 -27.95 -23.90 -35.36
C PHE A 415 -26.90 -22.84 -35.40
N ASN A 416 -25.64 -23.23 -35.35
CA ASN A 416 -24.55 -22.28 -35.25
C ASN A 416 -24.65 -21.12 -36.24
N ARG A 417 -24.39 -19.91 -35.76
CA ARG A 417 -24.52 -18.72 -36.59
C ARG A 417 -23.37 -18.55 -37.59
N HIS A 418 -22.26 -19.25 -37.38
CA HIS A 418 -21.12 -19.12 -38.28
C HIS A 418 -21.04 -20.30 -39.24
N TRP A 419 -21.32 -21.50 -38.72
CA TRP A 419 -21.21 -22.74 -39.48
C TRP A 419 -22.51 -23.28 -40.08
N TYR A 420 -23.64 -22.97 -39.49
CA TYR A 420 -24.89 -23.54 -39.96
C TYR A 420 -26.05 -22.61 -39.72
N PRO A 421 -26.03 -21.42 -40.36
CA PRO A 421 -26.96 -20.31 -40.13
C PRO A 421 -28.34 -20.48 -40.76
N VAL A 422 -28.87 -21.69 -40.71
CA VAL A 422 -30.24 -21.98 -41.13
C VAL A 422 -31.19 -21.43 -40.07
N ASP A 423 -32.36 -20.98 -40.51
CA ASP A 423 -33.39 -20.52 -39.57
C ASP A 423 -33.72 -21.63 -38.56
N ASP A 424 -33.30 -21.46 -37.31
CA ASP A 424 -33.60 -22.43 -36.25
C ASP A 424 -34.83 -22.04 -35.41
N SER A 425 -35.76 -21.34 -36.05
CA SER A 425 -36.96 -20.79 -35.41
C SER A 425 -38.00 -21.85 -34.98
N THR A 426 -38.55 -21.69 -33.78
CA THR A 426 -39.54 -22.62 -33.21
C THR A 426 -41.00 -22.28 -33.56
N LYS B 1 38.93 17.40 -0.50
CA LYS B 1 39.63 17.45 -1.78
C LYS B 1 39.11 16.35 -2.71
N ASN B 2 38.62 16.76 -3.88
CA ASN B 2 37.81 15.87 -4.72
C ASN B 2 38.59 14.92 -5.62
N ARG B 3 38.61 13.64 -5.24
CA ARG B 3 39.33 12.63 -6.00
C ARG B 3 38.37 11.62 -6.60
N ASP B 4 37.07 11.86 -6.49
CA ASP B 4 36.07 11.02 -7.15
C ASP B 4 36.22 11.20 -8.65
N MET B 5 35.96 10.14 -9.41
CA MET B 5 36.08 10.21 -10.86
C MET B 5 34.99 11.10 -11.46
N PRO B 6 35.33 11.82 -12.53
CA PRO B 6 34.39 12.77 -13.16
C PRO B 6 33.36 12.03 -14.00
N LEU B 7 32.11 12.50 -13.98
CA LEU B 7 31.01 11.84 -14.68
C LEU B 7 31.35 11.40 -16.12
N ASP B 8 32.23 12.13 -16.78
CA ASP B 8 32.52 11.84 -18.19
C ASP B 8 33.62 10.79 -18.36
N SER B 9 33.97 10.14 -17.26
CA SER B 9 35.02 9.12 -17.27
C SER B 9 34.60 7.84 -18.00
N ASP B 10 35.56 7.26 -18.71
CA ASP B 10 35.34 6.05 -19.49
C ASP B 10 34.59 4.93 -18.78
N VAL B 11 34.83 4.79 -17.47
CA VAL B 11 34.22 3.71 -16.71
C VAL B 11 32.74 3.96 -16.44
N PHE B 12 32.30 5.18 -16.76
CA PHE B 12 30.90 5.57 -16.57
C PHE B 12 30.12 5.57 -17.90
N ARG B 13 30.81 5.27 -18.99
CA ARG B 13 30.20 5.16 -20.32
C ARG B 13 28.84 4.51 -20.22
N VAL B 14 27.87 5.03 -20.95
CA VAL B 14 26.55 4.40 -21.01
C VAL B 14 26.52 3.44 -22.17
N PRO B 15 26.13 2.20 -21.92
CA PRO B 15 25.96 1.22 -22.99
C PRO B 15 25.10 1.78 -24.11
N PRO B 16 25.54 1.61 -25.36
CA PRO B 16 24.88 2.23 -26.50
C PRO B 16 23.66 1.43 -26.96
N GLY B 17 22.72 2.12 -27.57
CA GLY B 17 21.51 1.49 -28.07
C GLY B 17 20.29 1.91 -27.27
N TYR B 18 19.22 2.22 -27.96
CA TYR B 18 18.00 2.56 -27.25
C TYR B 18 17.70 1.57 -26.13
N ASN B 19 17.44 2.11 -24.95
CA ASN B 19 17.04 1.37 -23.74
C ASN B 19 17.94 0.19 -23.40
N ALA B 20 19.24 0.38 -23.65
CA ALA B 20 20.25 -0.62 -23.32
C ALA B 20 20.34 -0.81 -21.81
N PRO B 21 20.32 -2.07 -21.36
CA PRO B 21 20.58 -2.41 -19.96
C PRO B 21 21.94 -1.85 -19.52
N GLN B 22 21.95 -1.21 -18.36
CA GLN B 22 23.19 -0.78 -17.76
C GLN B 22 23.21 -1.21 -16.32
N GLN B 23 24.37 -1.04 -15.66
CA GLN B 23 24.53 -1.43 -14.26
C GLN B 23 24.13 -2.88 -14.05
N VAL B 24 24.51 -3.73 -15.01
CA VAL B 24 24.27 -5.16 -14.88
C VAL B 24 25.05 -5.66 -13.66
N HIS B 25 24.45 -6.54 -12.89
CA HIS B 25 25.14 -7.15 -11.77
C HIS B 25 24.42 -8.41 -11.29
N ILE B 26 25.20 -9.42 -10.91
CA ILE B 26 24.65 -10.69 -10.48
C ILE B 26 25.12 -11.02 -9.06
N THR B 27 24.41 -11.94 -8.42
CA THR B 27 24.86 -12.45 -7.12
C THR B 27 24.16 -13.79 -6.81
N GLN B 28 24.69 -14.53 -5.85
CA GLN B 28 24.12 -15.84 -5.56
C GLN B 28 22.65 -15.65 -5.26
N GLY B 29 21.82 -16.58 -5.72
CA GLY B 29 20.38 -16.37 -5.65
C GLY B 29 19.67 -17.39 -4.79
N ASP B 30 20.44 -18.29 -4.17
CA ASP B 30 19.90 -19.31 -3.28
C ASP B 30 20.92 -19.67 -2.23
N LEU B 31 20.63 -20.71 -1.45
CA LEU B 31 21.52 -21.15 -0.37
C LEU B 31 22.80 -21.80 -0.87
N VAL B 32 22.72 -22.55 -1.97
CA VAL B 32 23.82 -23.45 -2.34
C VAL B 32 24.54 -23.15 -3.65
N GLY B 33 23.98 -22.28 -4.48
CA GLY B 33 24.68 -21.89 -5.70
C GLY B 33 24.03 -22.33 -7.00
N ARG B 34 22.89 -23.01 -6.90
CA ARG B 34 22.17 -23.44 -8.11
C ARG B 34 21.37 -22.28 -8.70
N ALA B 35 21.23 -21.20 -7.93
CA ALA B 35 20.53 -20.02 -8.41
C ALA B 35 21.45 -18.80 -8.37
N MET B 36 21.05 -17.76 -9.09
CA MET B 36 21.86 -16.54 -9.29
C MET B 36 20.89 -15.36 -9.52
N ILE B 37 21.14 -14.21 -8.93
CA ILE B 37 20.26 -13.06 -9.16
C ILE B 37 20.85 -12.08 -10.15
N ILE B 38 20.09 -11.81 -11.21
CA ILE B 38 20.52 -10.91 -12.25
C ILE B 38 19.80 -9.58 -12.09
N SER B 39 20.57 -8.51 -12.02
CA SER B 39 20.00 -7.19 -11.81
C SER B 39 20.56 -6.24 -12.83
N TRP B 40 19.69 -5.37 -13.34
CA TRP B 40 20.12 -4.32 -14.25
C TRP B 40 19.12 -3.19 -14.20
N VAL B 41 19.49 -2.08 -14.80
CA VAL B 41 18.62 -0.91 -14.85
C VAL B 41 18.41 -0.50 -16.31
N THR B 42 17.21 -0.05 -16.66
CA THR B 42 16.96 0.52 -17.99
C THR B 42 16.52 1.98 -17.84
N MET B 43 17.08 2.85 -18.66
CA MET B 43 16.85 4.29 -18.53
C MET B 43 15.75 4.86 -19.41
N ASP B 44 15.55 4.30 -20.60
CA ASP B 44 14.66 4.90 -21.57
C ASP B 44 13.19 4.51 -21.37
N GLU B 45 12.94 3.34 -20.83
CA GLU B 45 11.58 2.89 -20.59
C GLU B 45 11.63 1.55 -19.86
N PRO B 46 10.55 1.19 -19.16
CA PRO B 46 10.57 0.05 -18.26
C PRO B 46 11.30 -1.15 -18.85
N GLY B 47 10.93 -1.59 -20.04
CA GLY B 47 11.56 -2.75 -20.63
C GLY B 47 11.08 -4.08 -20.07
N SER B 48 11.65 -5.16 -20.60
CA SER B 48 11.36 -6.49 -20.09
C SER B 48 12.29 -6.86 -18.92
N SER B 49 11.74 -7.59 -17.96
CA SER B 49 12.56 -8.12 -16.88
C SER B 49 12.97 -9.55 -17.21
N ALA B 50 12.78 -9.96 -18.45
CA ALA B 50 13.01 -11.34 -18.82
C ALA B 50 14.50 -11.59 -19.06
N VAL B 51 15.00 -12.73 -18.58
CA VAL B 51 16.39 -13.10 -18.82
C VAL B 51 16.51 -14.42 -19.60
N ARG B 52 17.35 -14.41 -20.63
CA ARG B 52 17.56 -15.57 -21.49
C ARG B 52 18.91 -16.16 -21.16
N TYR B 53 18.94 -17.46 -20.87
CA TYR B 53 20.17 -18.11 -20.45
C TYR B 53 20.26 -19.56 -20.94
N TRP B 54 21.51 -20.03 -21.07
CA TRP B 54 21.77 -21.37 -21.55
C TRP B 54 23.20 -21.75 -21.15
N SER B 55 23.46 -23.04 -20.99
CA SER B 55 24.79 -23.51 -20.63
C SER B 55 25.64 -23.68 -21.86
N GLU B 56 26.95 -23.59 -21.70
CA GLU B 56 27.87 -23.61 -22.83
C GLU B 56 27.80 -24.93 -23.62
N LYS B 57 27.42 -26.02 -22.95
CA LYS B 57 27.22 -27.29 -23.64
C LYS B 57 25.76 -27.45 -24.05
N ASN B 58 24.92 -27.89 -23.11
CA ASN B 58 23.47 -27.99 -23.33
C ASN B 58 22.89 -26.64 -23.75
N GLY B 59 23.17 -26.24 -25.00
CA GLY B 59 22.85 -24.92 -25.48
C GLY B 59 21.36 -24.59 -25.58
N ARG B 60 20.53 -25.20 -24.74
CA ARG B 60 19.10 -24.89 -24.72
C ARG B 60 18.82 -23.56 -24.01
N LYS B 61 18.32 -22.59 -24.76
CA LYS B 61 18.11 -21.24 -24.25
C LYS B 61 16.77 -21.09 -23.51
N ARG B 62 16.83 -20.98 -22.18
CA ARG B 62 15.64 -20.79 -21.36
C ARG B 62 15.39 -19.31 -21.00
N ILE B 63 14.23 -19.05 -20.41
CA ILE B 63 13.85 -17.68 -20.09
C ILE B 63 13.22 -17.56 -18.70
N ALA B 64 13.84 -16.74 -17.85
CA ALA B 64 13.35 -16.46 -16.51
C ALA B 64 12.72 -15.09 -16.48
N LYS B 65 11.58 -14.99 -15.81
CA LYS B 65 10.82 -13.74 -15.67
C LYS B 65 11.07 -13.02 -14.32
N GLY B 66 11.59 -11.81 -14.36
CA GLY B 66 11.89 -11.06 -13.15
C GLY B 66 10.80 -10.09 -12.70
N LYS B 67 11.21 -9.07 -11.96
CA LYS B 67 10.30 -8.00 -11.56
C LYS B 67 10.95 -6.64 -11.83
N MET B 68 10.13 -5.62 -11.99
CA MET B 68 10.62 -4.26 -12.22
C MET B 68 10.16 -3.34 -11.10
N SER B 69 11.00 -2.42 -10.70
CA SER B 69 10.60 -1.40 -9.74
C SER B 69 11.36 -0.11 -9.93
N THR B 70 10.86 0.93 -9.29
CA THR B 70 11.43 2.26 -9.34
C THR B 70 11.39 2.90 -7.95
N TYR B 71 12.21 3.92 -7.73
CA TYR B 71 12.11 4.66 -6.48
C TYR B 71 12.35 6.13 -6.68
N ARG B 72 12.10 6.88 -5.62
CA ARG B 72 12.39 8.31 -5.60
C ARG B 72 13.20 8.65 -4.35
N PHE B 73 14.21 9.49 -4.51
CA PHE B 73 14.94 10.00 -3.38
C PHE B 73 14.98 11.50 -3.51
N PHE B 74 14.25 12.19 -2.64
CA PHE B 74 14.15 13.64 -2.74
C PHE B 74 13.69 14.03 -4.15
N ASN B 75 14.55 14.73 -4.90
CA ASN B 75 14.25 15.20 -6.26
C ASN B 75 14.85 14.32 -7.35
N TYR B 76 15.29 13.12 -6.97
CA TYR B 76 15.81 12.14 -7.92
C TYR B 76 14.83 11.02 -8.20
N SER B 77 14.62 10.71 -9.48
CA SER B 77 13.78 9.59 -9.87
C SER B 77 14.66 8.52 -10.51
N SER B 78 14.53 7.31 -10.03
CA SER B 78 15.37 6.22 -10.53
C SER B 78 14.93 5.85 -11.92
N GLY B 79 15.79 5.10 -12.60
CA GLY B 79 15.40 4.46 -13.81
C GLY B 79 14.61 3.23 -13.40
N PHE B 80 14.48 2.29 -14.32
CA PHE B 80 13.72 1.09 -14.06
C PHE B 80 14.69 -0.02 -13.71
N ILE B 81 14.47 -0.60 -12.54
CA ILE B 81 15.37 -1.59 -11.97
C ILE B 81 14.75 -2.97 -12.10
N HIS B 82 15.54 -3.89 -12.63
CA HIS B 82 15.06 -5.25 -12.84
C HIS B 82 15.84 -6.19 -11.96
N HIS B 83 15.12 -7.04 -11.22
CA HIS B 83 15.73 -8.13 -10.48
C HIS B 83 15.06 -9.43 -10.91
N THR B 84 15.87 -10.34 -11.43
CA THR B 84 15.39 -11.62 -11.91
C THR B 84 16.22 -12.77 -11.32
N THR B 85 15.55 -13.85 -10.94
CA THR B 85 16.22 -15.00 -10.39
C THR B 85 16.20 -16.20 -11.35
N ILE B 86 17.39 -16.66 -11.71
CA ILE B 86 17.57 -17.87 -12.50
C ILE B 86 17.84 -19.05 -11.56
N ARG B 87 17.05 -20.10 -11.67
CA ARG B 87 17.16 -21.22 -10.74
C ARG B 87 17.61 -22.54 -11.39
N LYS B 88 17.58 -23.60 -10.60
CA LYS B 88 17.90 -24.96 -11.05
C LYS B 88 19.05 -25.06 -12.06
N LEU B 89 20.17 -24.42 -11.75
CA LEU B 89 21.35 -24.51 -12.60
C LEU B 89 22.22 -25.74 -12.31
N LYS B 90 23.11 -26.04 -13.24
CA LYS B 90 24.08 -27.11 -13.03
C LYS B 90 25.35 -26.54 -12.40
N TYR B 91 25.92 -27.29 -11.47
CA TYR B 91 27.14 -26.86 -10.78
C TYR B 91 28.35 -26.86 -11.71
N ASN B 92 29.30 -25.98 -11.41
CA ASN B 92 30.58 -25.91 -12.13
C ASN B 92 30.49 -25.78 -13.65
N THR B 93 29.42 -25.15 -14.12
CA THR B 93 29.24 -24.96 -15.55
C THR B 93 29.15 -23.47 -15.92
N LYS B 94 29.70 -23.11 -17.07
CA LYS B 94 29.57 -21.76 -17.59
C LYS B 94 28.20 -21.59 -18.26
N TYR B 95 27.57 -20.45 -18.00
CA TYR B 95 26.28 -20.08 -18.57
C TYR B 95 26.39 -18.73 -19.25
N TYR B 96 25.60 -18.54 -20.30
CA TYR B 96 25.48 -17.24 -20.90
C TYR B 96 24.10 -16.75 -20.57
N TYR B 97 23.96 -15.44 -20.38
CA TYR B 97 22.66 -14.86 -20.14
C TYR B 97 22.66 -13.54 -20.85
N GLU B 98 21.54 -13.22 -21.48
CA GLU B 98 21.39 -11.91 -22.08
C GLU B 98 20.22 -11.21 -21.40
N VAL B 99 20.37 -9.89 -21.22
CA VAL B 99 19.27 -9.05 -20.73
C VAL B 99 18.94 -7.97 -21.77
N GLY B 100 17.76 -7.36 -21.61
CA GLY B 100 17.29 -6.32 -22.51
C GLY B 100 16.70 -6.91 -23.77
N LEU B 101 15.75 -7.83 -23.60
CA LEU B 101 15.27 -8.69 -24.67
C LEU B 101 14.38 -8.01 -25.72
N ARG B 102 13.74 -6.91 -25.36
CA ARG B 102 12.79 -6.26 -26.25
C ARG B 102 13.46 -5.35 -27.28
N ASN B 103 14.51 -4.65 -26.87
CA ASN B 103 15.13 -3.66 -27.75
C ASN B 103 16.62 -3.83 -27.98
N THR B 104 17.41 -3.35 -27.03
CA THR B 104 18.84 -3.57 -27.11
C THR B 104 19.26 -4.70 -26.18
N THR B 105 19.85 -5.73 -26.76
CA THR B 105 20.30 -6.86 -25.98
C THR B 105 21.79 -6.78 -25.68
N ARG B 106 22.15 -7.28 -24.50
CA ARG B 106 23.53 -7.35 -24.06
C ARG B 106 23.72 -8.70 -23.39
N ARG B 107 24.84 -9.34 -23.69
CA ARG B 107 25.08 -10.70 -23.22
C ARG B 107 26.31 -10.78 -22.33
N PHE B 108 26.18 -11.56 -21.27
CA PHE B 108 27.29 -11.78 -20.36
C PHE B 108 27.38 -13.27 -20.04
N SER B 109 28.29 -13.62 -19.16
CA SER B 109 28.41 -15.01 -18.74
C SER B 109 28.83 -15.10 -17.29
N PHE B 110 28.48 -16.20 -16.65
CA PHE B 110 29.03 -16.50 -15.34
C PHE B 110 29.32 -17.99 -15.24
N ILE B 111 29.90 -18.41 -14.12
CA ILE B 111 30.26 -19.81 -13.91
C ILE B 111 29.72 -20.25 -12.57
N THR B 112 28.80 -21.20 -12.56
CA THR B 112 28.30 -21.69 -11.29
C THR B 112 29.44 -22.35 -10.49
N PRO B 113 29.38 -22.23 -9.17
CA PRO B 113 30.41 -22.83 -8.29
C PRO B 113 30.28 -24.35 -8.23
N PRO B 114 31.38 -25.05 -7.87
CA PRO B 114 31.29 -26.51 -7.75
C PRO B 114 30.36 -26.84 -6.59
N GLN B 115 29.59 -27.91 -6.71
CA GLN B 115 28.69 -28.31 -5.65
C GLN B 115 29.45 -28.30 -4.33
N THR B 116 28.76 -27.90 -3.27
CA THR B 116 29.39 -27.77 -1.97
C THR B 116 29.91 -29.12 -1.47
N GLY B 117 31.20 -29.14 -1.14
CA GLY B 117 31.90 -30.31 -0.61
C GLY B 117 33.19 -29.95 0.13
N LEU B 118 33.63 -30.85 1.01
CA LEU B 118 34.77 -30.60 1.90
C LEU B 118 36.02 -29.97 1.28
N ASP B 119 36.55 -30.60 0.25
CA ASP B 119 37.83 -30.17 -0.32
C ASP B 119 37.73 -29.30 -1.57
N VAL B 120 36.55 -28.71 -1.80
CA VAL B 120 36.34 -27.85 -2.96
C VAL B 120 37.15 -26.56 -2.88
N PRO B 121 38.18 -26.43 -3.73
CA PRO B 121 38.96 -25.18 -3.73
C PRO B 121 38.12 -24.04 -4.29
N TYR B 122 38.36 -22.83 -3.81
CA TYR B 122 37.66 -21.66 -4.31
C TYR B 122 38.40 -20.40 -3.90
N THR B 123 38.37 -19.39 -4.77
CA THR B 123 39.09 -18.15 -4.53
C THR B 123 38.14 -16.99 -4.35
N PHE B 124 38.02 -16.47 -3.12
CA PHE B 124 37.20 -15.29 -2.89
C PHE B 124 38.03 -13.99 -2.91
N GLY B 125 37.53 -12.99 -3.61
CA GLY B 125 38.04 -11.64 -3.45
C GLY B 125 37.44 -10.98 -2.21
N LEU B 126 38.24 -10.17 -1.52
CA LEU B 126 37.76 -9.33 -0.45
C LEU B 126 37.98 -7.89 -0.81
N ILE B 127 36.88 -7.17 -0.90
CA ILE B 127 36.89 -5.76 -1.24
C ILE B 127 35.95 -5.05 -0.28
N GLY B 128 36.33 -3.85 0.15
CA GLY B 128 35.52 -3.10 1.09
C GLY B 128 35.66 -1.62 0.83
N ASP B 129 34.57 -0.89 1.00
CA ASP B 129 34.62 0.55 0.89
C ASP B 129 35.18 0.98 -0.47
N LEU B 130 34.57 0.49 -1.54
CA LEU B 130 35.14 0.72 -2.86
C LEU B 130 35.07 2.17 -3.30
N GLY B 131 33.87 2.74 -3.37
CA GLY B 131 33.71 4.10 -3.84
C GLY B 131 33.93 4.19 -5.33
N GLN B 132 34.22 5.38 -5.82
CA GLN B 132 34.41 5.57 -7.26
C GLN B 132 35.41 6.66 -7.51
N SER B 133 36.52 6.58 -6.78
CA SER B 133 37.61 7.52 -6.93
C SER B 133 38.64 6.78 -7.76
N PHE B 134 39.69 7.48 -8.20
CA PHE B 134 40.67 6.83 -9.08
C PHE B 134 41.33 5.65 -8.37
N ASP B 135 41.48 5.75 -7.05
CA ASP B 135 42.01 4.64 -6.27
C ASP B 135 41.08 3.42 -6.36
N SER B 136 39.78 3.67 -6.30
CA SER B 136 38.79 2.61 -6.41
C SER B 136 38.97 1.86 -7.74
N ASN B 137 39.28 2.59 -8.81
CA ASN B 137 39.50 1.99 -10.11
C ASN B 137 40.74 1.10 -10.16
N THR B 138 41.83 1.56 -9.56
CA THR B 138 43.05 0.77 -9.48
C THR B 138 42.81 -0.54 -8.77
N THR B 139 42.13 -0.48 -7.62
CA THR B 139 41.87 -1.68 -6.85
C THR B 139 41.11 -2.71 -7.68
N LEU B 140 40.02 -2.27 -8.31
CA LEU B 140 39.25 -3.13 -9.18
C LEU B 140 40.15 -3.73 -10.28
N SER B 141 40.98 -2.90 -10.90
CA SER B 141 41.96 -3.38 -11.87
C SER B 141 42.81 -4.51 -11.30
N HIS B 142 43.39 -4.27 -10.13
CA HIS B 142 44.28 -5.25 -9.54
C HIS B 142 43.57 -6.53 -9.21
N TYR B 143 42.27 -6.43 -8.96
CA TYR B 143 41.51 -7.63 -8.68
C TYR B 143 41.19 -8.40 -9.95
N GLU B 144 40.88 -7.67 -11.01
CA GLU B 144 40.69 -8.25 -12.34
C GLU B 144 41.94 -8.91 -12.92
N LEU B 145 43.11 -8.36 -12.60
CA LEU B 145 44.37 -8.89 -13.14
C LEU B 145 45.03 -9.94 -12.23
N SER B 146 44.50 -10.14 -11.04
CA SER B 146 45.10 -11.08 -10.11
C SER B 146 45.38 -12.43 -10.77
N PRO B 147 46.61 -12.94 -10.61
CA PRO B 147 46.96 -14.27 -11.12
C PRO B 147 46.28 -15.35 -10.27
N LYS B 148 45.76 -14.95 -9.11
CA LYS B 148 45.07 -15.89 -8.23
C LYS B 148 43.69 -16.21 -8.81
N LYS B 149 43.22 -15.35 -9.70
CA LYS B 149 41.89 -15.42 -10.31
C LYS B 149 40.73 -15.67 -9.36
N GLY B 150 40.23 -14.59 -8.75
CA GLY B 150 39.11 -14.69 -7.85
C GLY B 150 37.83 -14.99 -8.58
N GLN B 151 36.95 -15.78 -7.97
CA GLN B 151 35.76 -16.25 -8.62
C GLN B 151 34.47 -15.66 -8.05
N THR B 152 34.56 -15.11 -6.84
CA THR B 152 33.48 -14.40 -6.19
C THR B 152 34.07 -13.31 -5.33
N VAL B 153 33.39 -12.19 -5.19
CA VAL B 153 33.85 -11.14 -4.28
C VAL B 153 32.95 -11.01 -3.06
N LEU B 154 33.53 -11.23 -1.88
CA LEU B 154 32.85 -10.88 -0.64
C LEU B 154 33.09 -9.39 -0.43
N PHE B 155 32.01 -8.64 -0.37
CA PHE B 155 32.10 -7.20 -0.30
C PHE B 155 31.57 -6.72 1.04
N VAL B 156 32.42 -6.01 1.78
CA VAL B 156 32.12 -5.70 3.17
C VAL B 156 31.57 -4.31 3.44
N GLY B 157 30.89 -3.73 2.46
CA GLY B 157 30.10 -2.53 2.71
C GLY B 157 30.67 -1.21 2.25
N ASP B 158 29.79 -0.21 2.24
CA ASP B 158 30.09 1.08 1.62
C ASP B 158 30.41 0.90 0.14
N LEU B 159 29.35 0.96 -0.66
CA LEU B 159 29.44 0.73 -2.10
C LEU B 159 29.88 1.97 -2.89
N SER B 160 28.96 2.94 -3.01
CA SER B 160 29.08 4.02 -3.98
C SER B 160 29.48 5.35 -3.39
N TYR B 161 29.35 5.48 -2.08
CA TYR B 161 29.57 6.76 -1.41
C TYR B 161 28.76 7.89 -2.03
N ALA B 162 27.60 7.55 -2.57
CA ALA B 162 26.68 8.57 -3.09
C ALA B 162 26.23 9.57 -2.03
N ASP B 163 26.01 9.10 -0.81
CA ASP B 163 25.45 9.96 0.24
C ASP B 163 26.40 11.11 0.62
N ARG B 164 27.57 11.16 0.00
CA ARG B 164 28.51 12.25 0.25
C ARG B 164 28.18 13.47 -0.59
N TYR B 165 27.47 13.24 -1.69
CA TYR B 165 27.07 14.29 -2.62
C TYR B 165 25.85 15.09 -2.15
N PRO B 166 25.63 16.27 -2.75
CA PRO B 166 24.46 17.13 -2.48
C PRO B 166 23.15 16.35 -2.53
N ASN B 167 22.42 16.30 -1.42
CA ASN B 167 21.19 15.53 -1.38
C ASN B 167 21.42 14.07 -1.77
N HIS B 168 22.62 13.57 -1.49
CA HIS B 168 22.96 12.18 -1.77
C HIS B 168 22.83 11.85 -3.25
N ASP B 169 22.98 12.86 -4.12
CA ASP B 169 22.78 12.70 -5.56
C ASP B 169 22.83 11.26 -6.07
N ASN B 170 21.66 10.63 -6.17
CA ASN B 170 21.58 9.21 -6.50
C ASN B 170 22.17 8.86 -7.84
N VAL B 171 22.45 9.87 -8.66
CA VAL B 171 23.12 9.64 -9.92
C VAL B 171 24.46 8.93 -9.65
N ARG B 172 25.08 9.24 -8.51
CA ARG B 172 26.35 8.64 -8.17
C ARG B 172 26.22 7.17 -7.80
N TRP B 173 24.98 6.70 -7.65
CA TRP B 173 24.72 5.26 -7.53
C TRP B 173 24.68 4.65 -8.93
N ASP B 174 24.04 5.37 -9.86
CA ASP B 174 23.98 4.96 -11.26
C ASP B 174 25.40 4.84 -11.85
N THR B 175 26.24 5.85 -11.60
CA THR B 175 27.62 5.81 -12.09
C THR B 175 28.42 4.62 -11.53
N TRP B 176 28.28 4.39 -10.23
CA TRP B 176 28.98 3.31 -9.56
C TRP B 176 28.58 1.94 -10.13
N GLY B 177 27.32 1.82 -10.54
CA GLY B 177 26.82 0.60 -11.16
C GLY B 177 27.50 0.27 -12.47
N ARG B 178 27.71 1.30 -13.29
CA ARG B 178 28.35 1.13 -14.58
C ARG B 178 29.84 0.92 -14.41
N PHE B 179 30.40 1.58 -13.40
CA PHE B 179 31.79 1.36 -13.03
C PHE B 179 32.03 -0.10 -12.67
N THR B 180 31.27 -0.63 -11.72
CA THR B 180 31.53 -1.97 -11.20
C THR B 180 31.08 -3.12 -12.11
N GLU B 181 30.36 -2.78 -13.17
CA GLU B 181 29.76 -3.78 -14.06
C GLU B 181 30.79 -4.76 -14.64
N ARG B 182 31.92 -4.22 -15.06
CA ARG B 182 32.93 -5.04 -15.71
C ARG B 182 33.41 -6.20 -14.85
N SER B 183 32.97 -6.24 -13.61
CA SER B 183 33.28 -7.37 -12.74
C SER B 183 32.04 -8.14 -12.25
N VAL B 184 31.11 -7.43 -11.62
CA VAL B 184 29.99 -8.07 -10.95
C VAL B 184 28.92 -8.56 -11.93
N ALA B 185 29.11 -8.27 -13.21
CA ALA B 185 28.19 -8.81 -14.19
C ALA B 185 28.64 -10.19 -14.65
N TYR B 186 29.87 -10.57 -14.28
CA TYR B 186 30.42 -11.84 -14.70
C TYR B 186 30.70 -12.79 -13.54
N GLN B 187 30.65 -12.28 -12.32
CA GLN B 187 30.86 -13.11 -11.12
C GLN B 187 30.15 -12.44 -9.97
N PRO B 188 29.56 -13.25 -9.08
CA PRO B 188 28.72 -12.65 -8.05
C PRO B 188 29.55 -11.88 -7.06
N TRP B 189 29.08 -10.71 -6.65
CA TRP B 189 29.60 -10.07 -5.47
C TRP B 189 28.59 -10.36 -4.35
N ILE B 190 29.07 -10.61 -3.13
CA ILE B 190 28.18 -10.83 -1.99
C ILE B 190 28.08 -9.56 -1.15
N TRP B 191 26.86 -9.07 -0.95
CA TRP B 191 26.69 -7.70 -0.45
C TRP B 191 26.52 -7.57 1.06
N THR B 192 27.46 -6.85 1.69
CA THR B 192 27.28 -6.40 3.08
C THR B 192 26.88 -4.92 3.10
N ALA B 193 25.86 -4.60 3.89
CA ALA B 193 25.41 -3.22 4.10
C ALA B 193 26.34 -2.37 5.01
N GLY B 194 26.96 -1.35 4.43
CA GLY B 194 27.85 -0.46 5.18
C GLY B 194 27.10 0.77 5.68
N ASN B 195 27.80 1.67 6.36
CA ASN B 195 27.10 2.81 6.92
C ASN B 195 26.73 3.88 5.89
N HIS B 196 27.46 3.92 4.79
CA HIS B 196 27.11 4.82 3.70
C HIS B 196 25.86 4.34 2.93
N GLU B 197 25.35 3.17 3.28
CA GLU B 197 24.11 2.68 2.70
C GLU B 197 22.88 3.05 3.52
N ILE B 198 23.08 3.58 4.72
CA ILE B 198 21.95 3.88 5.60
C ILE B 198 21.12 5.01 4.99
N GLU B 199 21.84 6.05 4.54
CA GLU B 199 21.22 7.19 3.90
C GLU B 199 20.01 7.71 4.67
N PHE B 200 20.20 7.89 5.97
CA PHE B 200 19.24 8.60 6.81
C PHE B 200 19.34 10.11 6.58
N ALA B 201 18.30 10.68 6.01
CA ALA B 201 18.31 12.10 5.71
C ALA B 201 16.95 12.76 5.95
N PRO B 202 16.57 12.92 7.23
CA PRO B 202 15.26 13.48 7.61
C PRO B 202 15.14 14.93 7.17
N GLU B 203 16.27 15.61 7.03
CA GLU B 203 16.28 17.00 6.57
C GLU B 203 15.66 17.12 5.18
N ILE B 204 15.75 16.04 4.39
CA ILE B 204 15.10 15.99 3.10
C ILE B 204 13.98 14.96 3.02
N ASN B 205 13.31 14.73 4.15
CA ASN B 205 12.28 13.69 4.29
C ASN B 205 12.58 12.32 3.67
N GLU B 206 13.80 11.85 3.83
CA GLU B 206 14.15 10.47 3.49
C GLU B 206 14.60 9.78 4.76
N THR B 207 13.71 8.99 5.36
CA THR B 207 13.96 8.42 6.67
C THR B 207 13.89 6.91 6.67
N GLU B 208 13.90 6.31 5.49
CA GLU B 208 13.78 4.87 5.39
C GLU B 208 15.18 4.34 5.20
N PRO B 209 15.74 3.72 6.25
CA PRO B 209 17.17 3.38 6.18
C PRO B 209 17.46 2.35 5.07
N PHE B 210 18.54 2.60 4.32
CA PHE B 210 19.03 1.72 3.25
C PHE B 210 18.18 1.74 1.99
N LYS B 211 17.24 2.68 1.85
CA LYS B 211 16.32 2.66 0.71
C LYS B 211 16.99 2.44 -0.66
N PRO B 212 17.85 3.38 -1.10
CA PRO B 212 18.46 3.22 -2.43
C PRO B 212 19.26 1.91 -2.55
N PHE B 213 20.15 1.68 -1.61
CA PHE B 213 20.87 0.42 -1.57
C PHE B 213 19.91 -0.76 -1.74
N SER B 214 18.90 -0.86 -0.90
CA SER B 214 18.00 -2.00 -0.90
C SER B 214 17.18 -2.16 -2.17
N TYR B 215 16.90 -1.05 -2.86
CA TYR B 215 16.25 -1.15 -4.17
C TYR B 215 17.20 -1.67 -5.26
N ARG B 216 18.45 -1.23 -5.23
CA ARG B 216 19.38 -1.53 -6.30
C ARG B 216 20.03 -2.91 -6.21
N TYR B 217 20.11 -3.44 -4.99
CA TYR B 217 20.87 -4.67 -4.73
C TYR B 217 20.10 -5.68 -3.90
N HIS B 218 19.78 -6.82 -4.49
CA HIS B 218 19.03 -7.84 -3.78
C HIS B 218 19.91 -8.98 -3.29
N VAL B 219 19.39 -9.76 -2.37
CA VAL B 219 20.16 -10.83 -1.75
C VAL B 219 19.21 -11.96 -1.45
N PRO B 220 19.73 -13.20 -1.37
CA PRO B 220 18.90 -14.39 -1.19
C PRO B 220 18.54 -14.64 0.26
N TYR B 221 17.95 -13.67 0.94
CA TYR B 221 17.82 -13.78 2.38
C TYR B 221 16.76 -14.75 2.88
N GLU B 222 15.66 -14.90 2.15
CA GLU B 222 14.63 -15.85 2.57
C GLU B 222 15.20 -17.27 2.50
N ALA B 223 16.21 -17.44 1.66
CA ALA B 223 16.86 -18.73 1.47
C ALA B 223 17.47 -19.25 2.75
N SER B 224 17.93 -18.34 3.62
CA SER B 224 18.50 -18.74 4.91
C SER B 224 17.56 -18.44 6.07
N GLN B 225 16.29 -18.28 5.74
CA GLN B 225 15.23 -17.98 6.70
C GLN B 225 15.38 -16.62 7.42
N SER B 226 16.20 -15.74 6.87
CA SER B 226 16.28 -14.39 7.38
C SER B 226 15.02 -13.68 6.96
N THR B 227 14.63 -12.66 7.71
CA THR B 227 13.47 -11.88 7.35
C THR B 227 13.92 -10.55 6.78
N SER B 228 15.23 -10.35 6.65
CA SER B 228 15.74 -9.06 6.17
C SER B 228 16.87 -9.18 5.16
N PRO B 229 16.91 -8.29 4.19
CA PRO B 229 18.00 -8.26 3.22
C PRO B 229 19.35 -7.96 3.87
N PHE B 230 19.35 -7.47 5.11
CA PHE B 230 20.59 -6.92 5.65
C PHE B 230 21.41 -7.92 6.41
N TRP B 231 20.79 -9.04 6.80
CA TRP B 231 21.52 -10.19 7.29
C TRP B 231 21.05 -11.47 6.57
N TYR B 232 21.99 -12.37 6.29
CA TYR B 232 21.69 -13.59 5.54
C TYR B 232 22.90 -14.46 5.35
N SER B 233 22.66 -15.68 4.88
CA SER B 233 23.71 -16.68 4.80
C SER B 233 23.77 -17.39 3.44
N ILE B 234 24.96 -17.55 2.88
CA ILE B 234 25.09 -18.37 1.67
C ILE B 234 26.12 -19.48 1.87
N LYS B 235 25.89 -20.62 1.24
CA LYS B 235 26.90 -21.65 1.14
C LYS B 235 27.42 -21.63 -0.28
N ARG B 236 28.73 -21.58 -0.45
CA ARG B 236 29.31 -21.59 -1.77
C ARG B 236 30.63 -22.34 -1.71
N ALA B 237 30.73 -23.41 -2.49
CA ALA B 237 31.88 -24.28 -2.46
C ALA B 237 32.00 -24.88 -1.05
N SER B 238 33.17 -24.75 -0.45
CA SER B 238 33.43 -25.32 0.87
C SER B 238 33.19 -24.34 2.03
N ALA B 239 32.71 -23.14 1.70
CA ALA B 239 32.56 -22.05 2.67
C ALA B 239 31.11 -21.77 3.05
N HIS B 240 30.84 -21.78 4.34
CA HIS B 240 29.60 -21.24 4.85
C HIS B 240 29.87 -19.78 5.21
N ILE B 241 29.10 -18.85 4.62
CA ILE B 241 29.35 -17.40 4.72
C ILE B 241 28.16 -16.69 5.34
N ILE B 242 28.40 -16.02 6.46
CA ILE B 242 27.33 -15.32 7.15
C ILE B 242 27.50 -13.81 6.97
N VAL B 243 26.40 -13.13 6.65
CA VAL B 243 26.41 -11.68 6.48
C VAL B 243 25.61 -10.96 7.58
N LEU B 244 26.25 -9.98 8.21
CA LEU B 244 25.64 -9.30 9.35
C LEU B 244 25.48 -7.81 9.08
N SER B 245 24.54 -7.19 9.77
CA SER B 245 24.28 -5.75 9.59
C SER B 245 24.70 -4.93 10.80
N SER B 246 25.87 -4.31 10.71
CA SER B 246 26.35 -3.40 11.74
C SER B 246 25.32 -2.32 12.14
N TYR B 247 24.39 -2.00 11.24
CA TYR B 247 23.51 -0.87 11.46
C TYR B 247 22.04 -1.25 11.54
N SER B 248 21.79 -2.46 12.03
CA SER B 248 20.45 -2.95 12.31
C SER B 248 20.42 -3.33 13.77
N ALA B 249 19.23 -3.53 14.32
CA ALA B 249 19.11 -3.98 15.71
C ALA B 249 19.84 -5.29 15.85
N TYR B 250 20.46 -5.51 17.00
CA TYR B 250 21.03 -6.82 17.26
C TYR B 250 21.07 -7.12 18.74
N GLY B 251 20.12 -6.54 19.46
CA GLY B 251 20.00 -6.82 20.86
C GLY B 251 19.38 -8.18 21.02
N ARG B 252 19.65 -8.80 22.16
CA ARG B 252 18.96 -10.03 22.54
C ARG B 252 17.47 -9.88 22.25
N GLY B 253 16.93 -10.74 21.39
CA GLY B 253 15.49 -10.75 21.13
C GLY B 253 15.07 -10.16 19.80
N THR B 254 15.95 -9.34 19.22
CA THR B 254 15.75 -8.77 17.89
C THR B 254 15.90 -9.82 16.77
N PRO B 255 15.28 -9.56 15.61
CA PRO B 255 15.43 -10.43 14.44
C PRO B 255 16.88 -10.80 14.10
N GLN B 256 17.79 -9.85 13.93
CA GLN B 256 19.14 -10.24 13.50
C GLN B 256 19.79 -11.14 14.55
N TYR B 257 19.57 -10.80 15.81
CA TYR B 257 20.12 -11.56 16.91
C TYR B 257 19.52 -12.95 16.92
N THR B 258 18.20 -13.04 16.94
CA THR B 258 17.51 -14.33 16.91
C THR B 258 17.92 -15.19 15.73
N TRP B 259 18.08 -14.56 14.57
CA TRP B 259 18.49 -15.26 13.37
C TRP B 259 19.90 -15.79 13.48
N LEU B 260 20.82 -14.92 13.85
CA LEU B 260 22.21 -15.32 13.93
C LEU B 260 22.43 -16.48 14.90
N LYS B 261 21.76 -16.43 16.05
CA LYS B 261 21.86 -17.51 17.01
C LYS B 261 21.45 -18.83 16.36
N LYS B 262 20.38 -18.78 15.57
CA LYS B 262 19.81 -19.97 14.91
C LYS B 262 20.71 -20.44 13.78
N GLU B 263 21.28 -19.48 13.05
CA GLU B 263 22.09 -19.79 11.88
C GLU B 263 23.41 -20.45 12.23
N LEU B 264 23.96 -20.15 13.41
CA LEU B 264 25.24 -20.74 13.83
C LEU B 264 25.05 -22.18 14.28
N ARG B 265 23.90 -22.46 14.89
CA ARG B 265 23.54 -23.85 15.20
C ARG B 265 23.47 -24.71 13.93
N LYS B 266 22.89 -24.15 12.87
CA LYS B 266 22.75 -24.84 11.60
C LYS B 266 24.07 -25.19 10.91
N VAL B 267 25.13 -24.43 11.17
CA VAL B 267 26.41 -24.71 10.53
C VAL B 267 26.90 -26.14 10.78
N LYS B 268 27.20 -26.85 9.69
CA LYS B 268 27.78 -28.19 9.79
C LYS B 268 29.18 -28.15 9.20
N ARG B 269 30.18 -28.25 10.08
CA ARG B 269 31.58 -28.11 9.65
C ARG B 269 32.04 -29.33 8.88
N SER B 270 31.33 -30.45 9.05
CA SER B 270 31.60 -31.66 8.32
C SER B 270 31.25 -31.56 6.82
N GLU B 271 30.42 -30.58 6.47
CA GLU B 271 29.99 -30.40 5.07
C GLU B 271 30.63 -29.18 4.42
N THR B 272 30.52 -28.02 5.10
CA THR B 272 31.24 -26.81 4.70
C THR B 272 32.28 -26.46 5.75
N PRO B 273 33.53 -26.82 5.48
CA PRO B 273 34.59 -26.61 6.46
C PRO B 273 34.71 -25.15 6.89
N TRP B 274 34.75 -24.22 5.94
CA TRP B 274 35.10 -22.84 6.26
C TRP B 274 33.93 -21.98 6.75
N LEU B 275 34.11 -21.32 7.89
CA LEU B 275 33.07 -20.47 8.44
C LEU B 275 33.51 -19.03 8.39
N ILE B 276 32.98 -18.29 7.41
CA ILE B 276 33.36 -16.90 7.18
C ILE B 276 32.23 -15.96 7.57
N VAL B 277 32.55 -14.92 8.32
CA VAL B 277 31.56 -13.92 8.72
C VAL B 277 31.84 -12.54 8.11
N LEU B 278 30.80 -11.88 7.63
CA LEU B 278 30.95 -10.56 7.05
C LEU B 278 30.13 -9.55 7.83
N MET B 279 30.69 -8.36 8.00
CA MET B 279 30.04 -7.27 8.73
C MET B 279 30.81 -6.04 8.32
N HIS B 280 30.22 -4.86 8.47
CA HIS B 280 30.89 -3.63 8.07
C HIS B 280 31.92 -3.10 9.07
N SER B 281 31.48 -2.84 10.31
CA SER B 281 32.33 -2.28 11.36
C SER B 281 33.15 -3.36 12.06
N PRO B 282 34.48 -3.19 12.13
CA PRO B 282 35.47 -4.13 12.68
C PRO B 282 35.34 -4.26 14.19
N LEU B 283 35.20 -5.48 14.69
CA LEU B 283 35.21 -5.72 16.13
C LEU B 283 36.60 -5.41 16.70
N TYR B 284 37.64 -5.64 15.90
CA TYR B 284 39.00 -5.37 16.35
C TYR B 284 39.67 -4.41 15.39
N ASN B 285 40.16 -3.32 15.93
CA ASN B 285 40.60 -2.22 15.10
C ASN B 285 41.48 -1.32 15.93
N SER B 286 42.76 -1.28 15.60
CA SER B 286 43.73 -0.46 16.32
C SER B 286 44.05 0.84 15.58
N TYR B 287 43.15 1.25 14.70
CA TYR B 287 43.25 2.55 14.04
C TYR B 287 42.47 3.60 14.82
N ASN B 288 42.85 4.85 14.66
CA ASN B 288 42.15 5.87 15.40
C ASN B 288 40.74 6.08 14.90
N HIS B 289 40.61 6.27 13.59
CA HIS B 289 39.31 6.36 12.92
C HIS B 289 38.40 5.20 13.30
N HIS B 290 37.22 5.50 13.83
CA HIS B 290 36.25 4.48 14.21
C HIS B 290 36.73 3.55 15.31
N PHE B 291 37.75 3.98 16.04
CA PHE B 291 38.26 3.21 17.15
C PHE B 291 37.12 2.79 18.09
N MET B 292 37.15 1.54 18.53
CA MET B 292 36.16 1.01 19.46
C MET B 292 34.72 1.19 18.98
N GLU B 293 34.55 1.67 17.76
CA GLU B 293 33.22 1.85 17.21
C GLU B 293 32.48 0.53 17.15
N GLY B 294 33.23 -0.57 17.23
CA GLY B 294 32.67 -1.91 17.10
C GLY B 294 32.49 -2.67 18.40
N GLU B 295 32.67 -2.00 19.52
CA GLU B 295 32.53 -2.68 20.79
C GLU B 295 31.12 -3.23 21.06
N ALA B 296 30.09 -2.51 20.66
CA ALA B 296 28.72 -2.93 20.97
C ALA B 296 28.40 -4.31 20.43
N MET B 297 28.79 -4.57 19.19
CA MET B 297 28.56 -5.87 18.57
C MET B 297 29.44 -6.95 19.16
N ARG B 298 30.72 -6.64 19.34
CA ARG B 298 31.63 -7.52 20.03
C ARG B 298 30.96 -8.08 21.29
N THR B 299 30.40 -7.20 22.11
CA THR B 299 29.79 -7.67 23.35
C THR B 299 28.68 -8.69 23.07
N LYS B 300 28.01 -8.55 21.93
CA LYS B 300 26.87 -9.42 21.63
C LYS B 300 27.25 -10.76 21.01
N PHE B 301 28.23 -10.72 20.10
CA PHE B 301 28.50 -11.84 19.19
C PHE B 301 29.88 -12.48 19.31
N GLU B 302 30.86 -11.75 19.85
CA GLU B 302 32.20 -12.29 19.94
C GLU B 302 32.24 -13.67 20.56
N ALA B 303 31.52 -13.86 21.66
CA ALA B 303 31.51 -15.18 22.30
C ALA B 303 30.98 -16.26 21.35
N TRP B 304 29.93 -15.95 20.60
CA TRP B 304 29.40 -16.87 19.59
C TRP B 304 30.44 -17.22 18.52
N PHE B 305 31.17 -16.23 18.03
CA PHE B 305 32.20 -16.53 17.03
C PHE B 305 33.21 -17.48 17.64
N VAL B 306 33.51 -17.30 18.92
CA VAL B 306 34.50 -18.15 19.57
C VAL B 306 33.89 -19.52 19.79
N LYS B 307 32.68 -19.57 20.32
CA LYS B 307 32.02 -20.85 20.55
C LYS B 307 31.92 -21.69 19.30
N TYR B 308 31.56 -21.08 18.17
CA TYR B 308 31.37 -21.85 16.93
C TYR B 308 32.62 -21.87 16.07
N LYS B 309 33.68 -21.31 16.62
CA LYS B 309 35.00 -21.48 16.03
C LYS B 309 35.01 -20.93 14.63
N VAL B 310 34.66 -19.66 14.48
CA VAL B 310 34.70 -19.01 13.19
C VAL B 310 36.14 -18.92 12.71
N ASP B 311 36.37 -19.28 11.45
CA ASP B 311 37.72 -19.23 10.90
C ASP B 311 38.20 -17.79 10.77
N VAL B 312 37.35 -16.92 10.22
CA VAL B 312 37.80 -15.58 9.93
C VAL B 312 36.63 -14.60 9.90
N VAL B 313 36.84 -13.38 10.38
CA VAL B 313 35.86 -12.31 10.23
C VAL B 313 36.41 -11.15 9.40
N PHE B 314 35.71 -10.81 8.32
CA PHE B 314 36.10 -9.68 7.50
C PHE B 314 35.21 -8.46 7.76
N ALA B 315 35.83 -7.28 7.68
CA ALA B 315 35.10 -6.02 7.75
C ALA B 315 35.86 -4.94 6.96
N GLY B 316 35.21 -3.78 6.81
CA GLY B 316 35.86 -2.60 6.25
C GLY B 316 35.71 -1.40 7.19
N HIS B 317 35.08 -0.34 6.70
CA HIS B 317 34.75 0.82 7.52
C HIS B 317 35.98 1.67 7.78
N VAL B 318 37.02 1.04 8.30
CA VAL B 318 38.31 1.67 8.46
C VAL B 318 39.05 1.60 7.13
N HIS B 319 39.51 2.74 6.65
CA HIS B 319 40.09 2.81 5.31
C HIS B 319 41.54 2.45 5.32
N ALA B 320 41.81 1.19 5.64
CA ALA B 320 43.16 0.68 5.75
C ALA B 320 43.11 -0.83 5.88
N TYR B 321 44.26 -1.44 6.06
CA TYR B 321 44.33 -2.89 6.19
C TYR B 321 44.82 -3.35 7.56
N GLU B 322 44.12 -4.30 8.15
CA GLU B 322 44.60 -4.88 9.41
C GLU B 322 44.26 -6.36 9.53
N ARG B 323 45.21 -7.14 10.03
CA ARG B 323 44.98 -8.55 10.35
C ARG B 323 45.30 -8.77 11.81
N SER B 324 44.41 -9.44 12.53
CA SER B 324 44.65 -9.66 13.95
C SER B 324 45.26 -11.03 14.22
N GLU B 325 45.64 -11.26 15.47
CA GLU B 325 45.99 -12.60 15.92
C GLU B 325 44.68 -13.24 16.36
N ARG B 326 44.65 -14.55 16.47
CA ARG B 326 43.46 -15.21 16.99
C ARG B 326 43.34 -14.83 18.47
N VAL B 327 42.44 -13.91 18.77
CA VAL B 327 42.26 -13.47 20.14
C VAL B 327 40.80 -13.39 20.52
N SER B 328 40.57 -13.40 21.82
CA SER B 328 39.23 -13.26 22.38
C SER B 328 39.29 -12.24 23.50
N ASN B 329 38.12 -11.81 23.95
CA ASN B 329 38.02 -10.86 25.03
C ASN B 329 36.63 -11.01 25.62
N ILE B 330 36.37 -12.20 26.15
CA ILE B 330 35.02 -12.59 26.54
C ILE B 330 34.90 -13.06 27.99
N ALA B 331 35.84 -12.64 28.84
CA ALA B 331 35.82 -13.03 30.26
C ALA B 331 35.41 -11.89 31.21
N TYR B 332 35.33 -10.68 30.68
CA TYR B 332 34.94 -9.50 31.44
C TYR B 332 33.59 -9.63 32.12
N LYS B 333 33.47 -9.03 33.30
CA LYS B 333 32.25 -9.07 34.09
C LYS B 333 32.09 -7.78 34.88
N ILE B 334 32.58 -6.68 34.33
CA ILE B 334 32.48 -5.37 34.96
C ILE B 334 33.48 -5.16 36.08
N THR B 335 33.47 -6.04 37.08
CA THR B 335 34.26 -5.76 38.28
C THR B 335 35.40 -6.71 38.50
N ASN B 336 35.68 -7.57 37.52
CA ASN B 336 36.70 -8.61 37.71
C ASN B 336 38.01 -8.28 37.02
N GLY B 337 38.08 -7.10 36.41
CA GLY B 337 39.31 -6.65 35.79
C GLY B 337 39.81 -7.52 34.64
N LEU B 338 38.94 -8.35 34.09
CA LEU B 338 39.37 -9.20 32.98
C LEU B 338 38.96 -8.58 31.64
N CYS B 339 39.72 -7.59 31.21
CA CYS B 339 39.32 -6.78 30.05
C CYS B 339 40.38 -6.71 28.98
N THR B 340 41.40 -7.55 29.07
CA THR B 340 42.45 -7.57 28.05
C THR B 340 42.29 -8.75 27.08
N PRO B 341 42.44 -8.49 25.77
CA PRO B 341 42.38 -9.56 24.77
C PRO B 341 43.52 -10.53 24.97
N VAL B 342 43.21 -11.82 25.06
CA VAL B 342 44.23 -12.85 25.19
C VAL B 342 44.23 -13.76 23.97
N LYS B 343 45.39 -14.28 23.61
CA LYS B 343 45.47 -15.31 22.58
C LYS B 343 44.42 -16.41 22.78
N ASP B 344 43.68 -16.73 21.72
CA ASP B 344 42.70 -17.81 21.76
C ASP B 344 42.59 -18.57 20.44
N GLN B 345 42.94 -19.84 20.48
CA GLN B 345 43.10 -20.62 19.27
C GLN B 345 41.76 -21.09 18.71
N SER B 346 40.70 -20.91 19.49
CA SER B 346 39.37 -21.21 18.99
C SER B 346 38.66 -19.93 18.50
N ALA B 347 39.40 -18.83 18.41
CA ALA B 347 38.84 -17.57 17.92
C ALA B 347 39.26 -17.27 16.49
N PRO B 348 38.44 -16.48 15.79
CA PRO B 348 38.65 -16.09 14.40
C PRO B 348 39.82 -15.14 14.27
N VAL B 349 40.50 -15.15 13.14
CA VAL B 349 41.33 -14.01 12.79
C VAL B 349 40.38 -12.90 12.34
N TYR B 350 40.67 -11.67 12.72
CA TYR B 350 39.86 -10.52 12.32
C TYR B 350 40.63 -9.66 11.32
N ILE B 351 40.11 -9.61 10.11
CA ILE B 351 40.73 -8.81 9.06
C ILE B 351 39.90 -7.58 8.72
N THR B 352 40.56 -6.43 8.74
CA THR B 352 39.95 -5.20 8.26
C THR B 352 40.51 -4.98 6.86
N ILE B 353 39.60 -4.89 5.90
CA ILE B 353 39.97 -4.90 4.48
C ILE B 353 39.20 -3.79 3.75
N GLY B 354 39.03 -2.65 4.43
CA GLY B 354 38.24 -1.57 3.86
C GLY B 354 39.04 -0.53 3.09
N ASP B 355 40.10 -0.98 2.42
CA ASP B 355 41.00 -0.04 1.74
C ASP B 355 40.98 -0.12 0.21
N ALA B 356 39.81 -0.29 -0.38
CA ALA B 356 39.71 -0.42 -1.83
C ALA B 356 39.70 0.94 -2.53
N GLY B 357 39.34 2.00 -1.82
CA GLY B 357 39.43 3.32 -2.42
C GLY B 357 38.54 4.41 -1.89
N ASN B 358 37.32 4.07 -1.48
CA ASN B 358 36.33 5.09 -1.14
C ASN B 358 36.52 6.34 -1.99
N TYR B 359 36.53 7.51 -1.36
CA TYR B 359 36.70 8.75 -2.10
C TYR B 359 38.14 9.28 -2.18
N GLY B 360 39.10 8.41 -1.88
CA GLY B 360 40.51 8.73 -2.10
C GLY B 360 41.29 9.07 -0.85
N VAL B 361 40.72 8.74 0.31
CA VAL B 361 41.41 8.99 1.57
C VAL B 361 41.74 7.70 2.33
N ILE B 362 42.97 7.64 2.83
CA ILE B 362 43.45 6.53 3.64
C ILE B 362 43.41 6.90 5.14
N ASP B 363 43.24 5.92 6.00
CA ASP B 363 43.34 6.18 7.43
C ASP B 363 44.76 5.89 7.95
N SER B 364 45.60 6.93 8.03
CA SER B 364 46.99 6.77 8.44
C SER B 364 47.13 6.63 9.96
N ASN B 365 46.37 7.43 10.71
CA ASN B 365 46.53 7.53 12.16
C ASN B 365 46.24 6.23 12.91
N MET B 366 47.29 5.57 13.37
CA MET B 366 47.18 4.37 14.18
C MET B 366 47.45 4.64 15.65
N ILE B 367 46.89 3.80 16.51
CA ILE B 367 47.21 3.84 17.92
C ILE B 367 48.57 3.18 18.19
N GLN B 368 49.43 3.87 18.94
CA GLN B 368 50.76 3.35 19.28
C GLN B 368 50.87 3.01 20.76
N PRO B 369 51.59 1.92 21.07
CA PRO B 369 52.21 1.09 20.04
C PRO B 369 51.24 0.02 19.56
N GLN B 370 51.57 -0.63 18.44
CA GLN B 370 50.77 -1.72 17.93
C GLN B 370 50.50 -2.75 19.03
N PRO B 371 49.23 -3.01 19.32
CA PRO B 371 48.81 -3.87 20.43
C PRO B 371 49.10 -5.33 20.17
N GLU B 372 49.14 -6.13 21.23
CA GLU B 372 49.37 -7.56 21.10
C GLU B 372 48.41 -8.20 20.09
N TYR B 373 47.16 -7.77 20.09
CA TYR B 373 46.14 -8.44 19.29
C TYR B 373 46.27 -8.14 17.81
N SER B 374 47.15 -7.20 17.45
CA SER B 374 47.31 -6.79 16.07
C SER B 374 48.48 -7.46 15.33
N ALA B 375 48.18 -8.50 14.57
CA ALA B 375 49.20 -9.20 13.79
C ALA B 375 49.95 -8.33 12.77
N PHE B 376 49.20 -7.63 11.93
CA PHE B 376 49.78 -6.82 10.87
C PHE B 376 48.77 -5.74 10.58
N ARG B 377 49.26 -4.56 10.22
CA ARG B 377 48.41 -3.43 9.93
C ARG B 377 49.19 -2.51 9.02
N GLU B 378 48.51 -1.90 8.06
CA GLU B 378 49.14 -0.92 7.21
C GLU B 378 48.10 -0.09 6.49
N ALA B 379 48.45 1.18 6.23
CA ALA B 379 47.54 2.13 5.60
C ALA B 379 47.85 2.34 4.12
N SER B 380 47.45 1.37 3.30
CA SER B 380 47.55 1.48 1.86
C SER B 380 46.27 0.99 1.20
N PHE B 381 45.94 1.55 0.05
CA PHE B 381 44.82 1.04 -0.74
C PHE B 381 45.12 -0.37 -1.28
N GLY B 382 44.07 -1.20 -1.38
CA GLY B 382 44.25 -2.55 -1.90
C GLY B 382 43.08 -3.47 -1.66
N HIS B 383 43.26 -4.75 -1.98
CA HIS B 383 42.20 -5.73 -1.79
C HIS B 383 42.81 -7.00 -1.25
N GLY B 384 41.94 -7.88 -0.74
CA GLY B 384 42.40 -9.16 -0.23
C GLY B 384 41.87 -10.31 -1.07
N MET B 385 42.48 -11.49 -0.87
CA MET B 385 42.07 -12.72 -1.55
C MET B 385 42.04 -13.84 -0.52
N PHE B 386 40.90 -14.49 -0.38
CA PHE B 386 40.82 -15.63 0.52
C PHE B 386 40.69 -16.89 -0.32
N ASP B 387 41.80 -17.62 -0.42
CA ASP B 387 41.93 -18.72 -1.37
C ASP B 387 41.89 -20.12 -0.73
N ILE B 388 40.68 -20.66 -0.57
CA ILE B 388 40.49 -22.00 -0.05
C ILE B 388 41.11 -23.10 -0.94
N LYS B 389 41.97 -23.93 -0.36
CA LYS B 389 42.69 -24.98 -1.08
C LYS B 389 42.07 -26.35 -0.85
N ASN B 390 41.59 -26.57 0.37
CA ASN B 390 40.96 -27.81 0.78
C ASN B 390 40.38 -27.61 2.16
N ARG B 391 39.92 -28.67 2.81
CA ARG B 391 39.29 -28.52 4.09
C ARG B 391 40.23 -28.08 5.23
N THR B 392 41.55 -28.14 5.01
CA THR B 392 42.48 -27.76 6.08
C THR B 392 43.20 -26.42 5.88
N HIS B 393 43.38 -26.02 4.63
CA HIS B 393 44.17 -24.83 4.31
C HIS B 393 43.45 -23.81 3.45
N ALA B 394 43.59 -22.55 3.81
CA ALA B 394 43.18 -21.43 2.96
C ALA B 394 44.29 -20.41 3.01
N HIS B 395 44.57 -19.76 1.89
CA HIS B 395 45.68 -18.82 1.85
C HIS B 395 45.14 -17.43 1.65
N PHE B 396 45.37 -16.56 2.65
CA PHE B 396 44.94 -15.18 2.53
C PHE B 396 46.09 -14.22 2.21
N SER B 397 45.91 -13.43 1.16
CA SER B 397 46.93 -12.49 0.76
C SER B 397 46.31 -11.12 0.59
N TRP B 398 47.13 -10.08 0.64
CA TRP B 398 46.67 -8.69 0.56
C TRP B 398 47.49 -7.99 -0.52
N ASN B 399 46.79 -7.41 -1.49
CA ASN B 399 47.49 -6.77 -2.59
C ASN B 399 47.36 -5.27 -2.53
N ARG B 400 48.50 -4.57 -2.54
CA ARG B 400 48.55 -3.11 -2.53
C ARG B 400 48.42 -2.56 -3.95
N ASN B 401 47.79 -1.38 -4.07
CA ASN B 401 47.64 -0.75 -5.37
C ASN B 401 48.97 -0.21 -5.90
N GLN B 402 49.94 -0.03 -5.01
CA GLN B 402 51.21 0.52 -5.43
C GLN B 402 52.23 -0.58 -5.78
N ASP B 403 51.84 -1.82 -5.58
CA ASP B 403 52.68 -2.95 -6.00
C ASP B 403 52.18 -3.55 -7.31
N GLY B 404 52.95 -4.47 -7.87
CA GLY B 404 52.52 -5.26 -9.00
C GLY B 404 51.32 -6.12 -8.64
N VAL B 405 50.54 -6.48 -9.67
CA VAL B 405 49.29 -7.19 -9.46
C VAL B 405 49.49 -8.59 -8.85
N ALA B 406 50.72 -9.10 -8.95
CA ALA B 406 51.04 -10.46 -8.50
C ALA B 406 51.65 -10.50 -7.10
N VAL B 407 52.10 -9.33 -6.65
CA VAL B 407 52.73 -9.19 -5.35
C VAL B 407 51.76 -9.29 -4.19
N GLU B 408 52.12 -10.04 -3.17
CA GLU B 408 51.38 -10.06 -1.91
C GLU B 408 52.22 -9.36 -0.82
N ALA B 409 51.67 -8.31 -0.21
CA ALA B 409 52.43 -7.57 0.80
C ALA B 409 52.21 -8.16 2.19
N ASP B 410 51.14 -8.92 2.33
CA ASP B 410 50.91 -9.72 3.51
C ASP B 410 50.21 -10.97 3.03
N SER B 411 50.75 -12.13 3.39
CA SER B 411 50.09 -13.38 3.07
C SER B 411 50.19 -14.31 4.26
N VAL B 412 49.25 -15.24 4.38
CA VAL B 412 49.17 -16.01 5.60
C VAL B 412 48.28 -17.22 5.38
N TRP B 413 48.67 -18.35 5.96
CA TRP B 413 47.90 -19.57 5.83
C TRP B 413 46.98 -19.78 7.03
N PHE B 414 45.72 -20.03 6.75
CA PHE B 414 44.74 -20.32 7.80
C PHE B 414 44.63 -21.81 7.98
N PHE B 415 44.80 -22.33 9.19
CA PHE B 415 44.49 -23.72 9.43
C PHE B 415 43.04 -23.77 9.87
N ASN B 416 42.24 -24.60 9.21
CA ASN B 416 40.82 -24.59 9.48
C ASN B 416 40.54 -24.91 10.94
N ARG B 417 39.73 -24.11 11.61
CA ARG B 417 39.50 -24.31 13.04
C ARG B 417 38.82 -25.65 13.40
N HIS B 418 38.28 -26.34 12.40
CA HIS B 418 37.64 -27.63 12.69
C HIS B 418 38.47 -28.81 12.20
N TRP B 419 39.05 -28.69 11.01
CA TRP B 419 39.79 -29.79 10.41
C TRP B 419 41.30 -29.78 10.66
N TYR B 420 41.81 -28.66 11.12
CA TYR B 420 43.24 -28.53 11.41
C TYR B 420 43.44 -27.50 12.53
N PRO B 421 42.81 -27.76 13.69
CA PRO B 421 42.80 -26.79 14.79
C PRO B 421 44.16 -26.66 15.45
N VAL B 422 45.18 -26.33 14.65
CA VAL B 422 46.51 -26.11 15.21
C VAL B 422 46.89 -24.64 15.11
N ASP B 423 47.70 -24.19 16.07
CA ASP B 423 48.21 -22.82 16.11
C ASP B 423 48.78 -22.41 14.75
N ASP B 424 48.12 -21.46 14.10
CA ASP B 424 48.56 -20.99 12.78
C ASP B 424 49.16 -19.59 12.84
N SER B 425 49.50 -19.14 14.05
CA SER B 425 49.94 -17.77 14.26
C SER B 425 51.30 -17.45 13.64
N THR B 426 51.47 -16.19 13.28
CA THR B 426 52.68 -15.71 12.58
C THR B 426 53.74 -15.20 13.56
N LYS C 1 4.44 -22.12 37.83
CA LYS C 1 3.00 -22.16 37.58
C LYS C 1 2.42 -20.85 37.07
N ASN C 2 1.13 -20.87 36.75
CA ASN C 2 0.48 -19.74 36.10
C ASN C 2 -0.23 -18.82 37.09
N ARG C 3 0.33 -17.63 37.28
CA ARG C 3 -0.20 -16.68 38.25
C ARG C 3 -0.99 -15.52 37.63
N ASP C 4 -1.12 -15.53 36.30
CA ASP C 4 -1.95 -14.56 35.58
C ASP C 4 -3.41 -14.60 36.02
N MET C 5 -4.02 -13.44 36.18
CA MET C 5 -5.45 -13.40 36.50
C MET C 5 -6.28 -14.04 35.38
N PRO C 6 -7.35 -14.74 35.76
CA PRO C 6 -8.20 -15.48 34.82
C PRO C 6 -9.10 -14.56 34.02
N LEU C 7 -9.58 -15.02 32.88
CA LEU C 7 -10.31 -14.14 31.98
C LEU C 7 -11.55 -13.50 32.61
N ASP C 8 -12.11 -14.12 33.62
CA ASP C 8 -13.37 -13.63 34.19
C ASP C 8 -13.19 -12.77 35.43
N SER C 9 -11.97 -12.27 35.64
CA SER C 9 -11.65 -11.43 36.80
C SER C 9 -12.23 -10.03 36.70
N ASP C 10 -12.69 -9.49 37.82
CA ASP C 10 -13.34 -8.17 37.85
C ASP C 10 -12.56 -7.10 37.08
N VAL C 11 -11.22 -7.21 37.08
CA VAL C 11 -10.37 -6.22 36.40
C VAL C 11 -10.54 -6.26 34.89
N PHE C 12 -11.00 -7.40 34.38
CA PHE C 12 -11.19 -7.55 32.94
C PHE C 12 -12.64 -7.32 32.52
N ARG C 13 -13.50 -6.94 33.45
CA ARG C 13 -14.90 -6.72 33.10
C ARG C 13 -15.04 -5.86 31.84
N VAL C 14 -16.06 -6.14 31.04
CA VAL C 14 -16.32 -5.34 29.85
C VAL C 14 -17.29 -4.21 30.14
N PRO C 15 -16.88 -2.98 29.81
CA PRO C 15 -17.78 -1.86 30.01
C PRO C 15 -19.06 -2.16 29.24
N PRO C 16 -20.21 -2.09 29.93
CA PRO C 16 -21.50 -2.52 29.35
C PRO C 16 -22.08 -1.49 28.39
N GLY C 17 -22.92 -1.93 27.46
CA GLY C 17 -23.54 -1.04 26.50
C GLY C 17 -23.07 -1.32 25.08
N TYR C 18 -23.94 -1.14 24.09
CA TYR C 18 -23.58 -1.51 22.73
C TYR C 18 -22.39 -0.71 22.21
N ASN C 19 -21.36 -1.41 21.75
CA ASN C 19 -20.14 -0.79 21.26
C ASN C 19 -19.54 0.22 22.24
N ALA C 20 -19.68 -0.07 23.52
CA ALA C 20 -19.11 0.78 24.55
C ALA C 20 -17.58 0.72 24.44
N PRO C 21 -16.94 1.90 24.36
CA PRO C 21 -15.48 2.06 24.34
C PRO C 21 -14.82 1.38 25.54
N GLN C 22 -13.76 0.63 25.27
CA GLN C 22 -13.01 -0.02 26.31
C GLN C 22 -11.52 0.17 26.03
N GLN C 23 -10.70 -0.30 26.95
CA GLN C 23 -9.27 -0.11 26.86
C GLN C 23 -8.91 1.35 26.66
N VAL C 24 -9.56 2.24 27.42
CA VAL C 24 -9.28 3.65 27.25
C VAL C 24 -7.94 4.01 27.89
N HIS C 25 -7.14 4.81 27.20
CA HIS C 25 -5.86 5.23 27.76
C HIS C 25 -5.29 6.48 27.10
N ILE C 26 -4.69 7.34 27.92
CA ILE C 26 -4.17 8.61 27.43
C ILE C 26 -2.65 8.71 27.57
N THR C 27 -2.05 9.58 26.78
CA THR C 27 -0.64 9.88 26.92
C THR C 27 -0.41 11.30 26.42
N GLN C 28 0.74 11.88 26.76
CA GLN C 28 1.06 13.21 26.27
C GLN C 28 1.20 13.21 24.74
N GLY C 29 0.53 14.15 24.09
CA GLY C 29 0.43 14.21 22.63
C GLY C 29 1.21 15.30 21.92
N ASP C 30 1.87 16.18 22.67
CA ASP C 30 2.81 17.12 22.09
C ASP C 30 4.11 17.12 22.87
N LEU C 31 4.98 18.08 22.57
CA LEU C 31 6.28 18.09 23.20
C LEU C 31 6.32 18.70 24.61
N VAL C 32 5.38 19.59 24.93
CA VAL C 32 5.47 20.35 26.18
C VAL C 32 4.32 20.17 27.15
N GLY C 33 3.27 19.47 26.73
CA GLY C 33 2.20 19.10 27.65
C GLY C 33 0.84 19.71 27.34
N ARG C 34 0.69 20.30 26.16
CA ARG C 34 -0.58 20.92 25.80
C ARG C 34 -1.48 19.99 25.00
N ALA C 35 -0.98 18.81 24.66
CA ALA C 35 -1.78 17.89 23.86
C ALA C 35 -1.81 16.52 24.50
N MET C 36 -2.93 15.82 24.33
CA MET C 36 -3.09 14.46 24.84
C MET C 36 -3.49 13.53 23.71
N ILE C 37 -2.98 12.30 23.71
CA ILE C 37 -3.48 11.30 22.78
C ILE C 37 -4.47 10.41 23.50
N ILE C 38 -5.74 10.47 23.10
CA ILE C 38 -6.78 9.61 23.68
C ILE C 38 -6.96 8.37 22.83
N SER C 39 -6.87 7.20 23.45
CA SER C 39 -6.95 5.94 22.69
C SER C 39 -7.94 4.97 23.32
N TRP C 40 -8.65 4.25 22.48
CA TRP C 40 -9.57 3.24 22.97
C TRP C 40 -9.92 2.25 21.89
N VAL C 41 -10.66 1.21 22.28
CA VAL C 41 -11.04 0.13 21.38
C VAL C 41 -12.55 -0.07 21.43
N THR C 42 -13.21 -0.18 20.28
CA THR C 42 -14.60 -0.61 20.25
C THR C 42 -14.69 -1.99 19.67
N MET C 43 -15.57 -2.81 20.24
CA MET C 43 -15.64 -4.21 19.89
C MET C 43 -16.78 -4.59 18.94
N ASP C 44 -17.90 -3.87 19.00
CA ASP C 44 -19.09 -4.26 18.24
C ASP C 44 -19.16 -3.73 16.80
N GLU C 45 -18.66 -2.52 16.58
CA GLU C 45 -18.52 -1.98 15.24
C GLU C 45 -17.52 -0.82 15.25
N PRO C 46 -17.04 -0.41 14.07
CA PRO C 46 -16.05 0.67 13.96
C PRO C 46 -16.30 1.87 14.86
N GLY C 47 -17.50 2.43 14.82
CA GLY C 47 -17.80 3.59 15.65
C GLY C 47 -17.09 4.85 15.23
N SER C 48 -17.32 5.93 15.95
CA SER C 48 -16.69 7.22 15.68
C SER C 48 -15.35 7.37 16.40
N SER C 49 -14.42 8.12 15.80
CA SER C 49 -13.17 8.44 16.48
C SER C 49 -13.20 9.84 17.07
N ALA C 50 -14.38 10.44 17.09
CA ALA C 50 -14.56 11.74 17.71
C ALA C 50 -14.29 11.69 19.21
N VAL C 51 -13.64 12.73 19.73
CA VAL C 51 -13.51 12.88 21.18
C VAL C 51 -14.15 14.20 21.63
N ARG C 52 -14.94 14.14 22.69
CA ARG C 52 -15.58 15.34 23.20
C ARG C 52 -14.87 15.76 24.45
N TYR C 53 -14.43 17.01 24.52
CA TYR C 53 -13.66 17.44 25.68
C TYR C 53 -13.96 18.89 26.08
N TRP C 54 -13.79 19.20 27.37
CA TRP C 54 -13.96 20.56 27.86
C TRP C 54 -13.28 20.74 29.21
N SER C 55 -12.93 21.98 29.55
CA SER C 55 -12.33 22.26 30.86
C SER C 55 -13.40 22.41 31.94
N GLU C 56 -13.07 21.97 33.15
CA GLU C 56 -14.03 21.95 34.24
C GLU C 56 -14.54 23.37 34.49
N LYS C 57 -13.66 24.35 34.27
CA LYS C 57 -13.97 25.74 34.58
C LYS C 57 -14.98 26.40 33.63
N ASN C 58 -14.63 26.59 32.35
CA ASN C 58 -15.53 27.29 31.43
C ASN C 58 -16.68 26.43 30.85
N GLY C 59 -16.38 25.18 30.48
CA GLY C 59 -17.40 24.24 30.05
C GLY C 59 -17.82 24.29 28.59
N ARG C 60 -16.98 24.87 27.73
CA ARG C 60 -17.24 24.93 26.29
C ARG C 60 -16.82 23.61 25.67
N LYS C 61 -17.75 22.94 25.01
CA LYS C 61 -17.51 21.58 24.52
C LYS C 61 -17.03 21.46 23.07
N ARG C 62 -15.74 21.22 22.91
CA ARG C 62 -15.17 21.03 21.58
C ARG C 62 -15.10 19.54 21.19
N ILE C 63 -15.05 19.28 19.89
CA ILE C 63 -14.93 17.92 19.40
C ILE C 63 -13.60 17.80 18.66
N ALA C 64 -12.87 16.72 18.92
CA ALA C 64 -11.63 16.45 18.22
C ALA C 64 -11.78 15.16 17.41
N LYS C 65 -11.33 15.19 16.15
CA LYS C 65 -11.47 14.03 15.28
C LYS C 65 -10.16 13.25 15.24
N GLY C 66 -10.26 11.92 15.15
CA GLY C 66 -9.08 11.07 15.08
C GLY C 66 -9.14 10.00 13.99
N LYS C 67 -8.36 8.95 14.15
CA LYS C 67 -8.26 7.90 13.15
C LYS C 67 -8.57 6.57 13.80
N MET C 68 -9.18 5.67 13.01
CA MET C 68 -9.44 4.32 13.45
C MET C 68 -8.58 3.34 12.65
N SER C 69 -8.18 2.25 13.28
CA SER C 69 -7.40 1.26 12.58
C SER C 69 -7.66 -0.13 13.16
N THR C 70 -7.11 -1.16 12.54
CA THR C 70 -7.27 -2.56 12.96
C THR C 70 -6.04 -3.37 12.56
N TYR C 71 -5.80 -4.48 13.26
CA TYR C 71 -4.72 -5.37 12.85
C TYR C 71 -5.11 -6.84 12.98
N ARG C 72 -4.29 -7.71 12.39
CA ARG C 72 -4.38 -9.14 12.61
C ARG C 72 -3.03 -9.64 13.12
N PHE C 73 -3.09 -10.71 13.92
CA PHE C 73 -1.88 -11.35 14.38
C PHE C 73 -2.14 -12.84 14.37
N PHE C 74 -1.72 -13.48 13.29
CA PHE C 74 -2.02 -14.89 13.12
C PHE C 74 -3.53 -15.11 12.91
N ASN C 75 -4.16 -15.84 13.83
CA ASN C 75 -5.59 -16.09 13.76
C ASN C 75 -6.35 -15.18 14.72
N TYR C 76 -5.76 -14.03 15.04
CA TYR C 76 -6.42 -13.07 15.93
C TYR C 76 -6.77 -11.82 15.17
N SER C 77 -8.02 -11.38 15.34
CA SER C 77 -8.51 -10.18 14.64
C SER C 77 -8.82 -9.11 15.65
N SER C 78 -8.15 -7.97 15.53
CA SER C 78 -8.30 -6.91 16.51
C SER C 78 -9.69 -6.28 16.44
N GLY C 79 -10.04 -5.56 17.49
CA GLY C 79 -11.22 -4.70 17.47
C GLY C 79 -10.88 -3.42 16.73
N PHE C 80 -11.76 -2.44 16.85
CA PHE C 80 -11.47 -1.18 16.19
C PHE C 80 -10.76 -0.25 17.16
N ILE C 81 -9.56 0.12 16.76
CA ILE C 81 -8.66 0.84 17.63
C ILE C 81 -8.74 2.29 17.23
N HIS C 82 -8.95 3.16 18.21
CA HIS C 82 -9.05 4.58 17.92
C HIS C 82 -7.90 5.35 18.55
N HIS C 83 -7.34 6.28 17.79
CA HIS C 83 -6.38 7.24 18.34
C HIS C 83 -6.77 8.66 17.92
N THR C 84 -6.81 9.56 18.88
CA THR C 84 -7.23 10.92 18.59
C THR C 84 -6.47 11.91 19.45
N THR C 85 -5.94 12.95 18.85
CA THR C 85 -5.17 13.93 19.61
C THR C 85 -5.96 15.21 19.87
N ILE C 86 -6.27 15.45 21.14
CA ILE C 86 -6.81 16.73 21.58
C ILE C 86 -5.65 17.71 21.68
N ARG C 87 -5.82 18.94 21.20
CA ARG C 87 -4.71 19.89 21.15
C ARG C 87 -4.99 21.26 21.78
N LYS C 88 -3.95 22.07 21.92
CA LYS C 88 -4.09 23.45 22.39
C LYS C 88 -4.75 23.58 23.75
N LEU C 89 -4.44 22.66 24.65
CA LEU C 89 -5.08 22.65 25.96
C LEU C 89 -4.42 23.65 26.91
N LYS C 90 -5.19 24.08 27.90
CA LYS C 90 -4.68 25.00 28.90
C LYS C 90 -3.87 24.26 29.98
N TYR C 91 -2.75 24.82 30.39
CA TYR C 91 -1.95 24.20 31.43
C TYR C 91 -2.68 24.19 32.78
N ASN C 92 -2.32 23.22 33.60
CA ASN C 92 -2.83 23.09 34.96
C ASN C 92 -4.36 23.11 35.13
N THR C 93 -5.10 22.72 34.09
CA THR C 93 -6.56 22.67 34.22
C THR C 93 -7.14 21.26 34.06
N LYS C 94 -8.27 21.02 34.71
CA LYS C 94 -8.89 19.71 34.65
C LYS C 94 -9.80 19.67 33.45
N TYR C 95 -9.67 18.62 32.66
CA TYR C 95 -10.50 18.45 31.48
C TYR C 95 -11.35 17.20 31.57
N TYR C 96 -12.57 17.30 31.10
CA TYR C 96 -13.43 16.15 31.00
C TYR C 96 -13.48 15.76 29.54
N TYR C 97 -13.33 14.47 29.25
CA TYR C 97 -13.42 14.00 27.88
C TYR C 97 -14.34 12.80 27.74
N GLU C 98 -15.00 12.72 26.58
CA GLU C 98 -15.98 11.68 26.29
C GLU C 98 -15.66 10.92 25.00
N VAL C 99 -15.75 9.59 25.05
CA VAL C 99 -15.60 8.75 23.85
C VAL C 99 -16.82 7.87 23.65
N GLY C 100 -16.98 7.34 22.44
CA GLY C 100 -18.15 6.55 22.10
C GLY C 100 -19.38 7.41 21.91
N LEU C 101 -19.32 8.33 20.96
CA LEU C 101 -20.36 9.35 20.77
C LEU C 101 -21.59 8.88 20.01
N ARG C 102 -21.46 7.81 19.22
CA ARG C 102 -22.58 7.36 18.40
C ARG C 102 -23.53 6.46 19.20
N ASN C 103 -22.98 5.60 20.03
CA ASN C 103 -23.79 4.67 20.79
C ASN C 103 -23.65 4.81 22.29
N THR C 104 -22.68 4.12 22.88
CA THR C 104 -22.50 4.19 24.33
C THR C 104 -21.36 5.10 24.74
N THR C 105 -21.68 6.26 25.26
CA THR C 105 -20.64 7.20 25.68
C THR C 105 -20.09 6.89 27.08
N ARG C 106 -18.77 7.01 27.23
CA ARG C 106 -18.13 6.88 28.52
C ARG C 106 -17.30 8.13 28.76
N ARG C 107 -17.31 8.61 30.00
CA ARG C 107 -16.66 9.86 30.32
C ARG C 107 -15.47 9.66 31.24
N PHE C 108 -14.44 10.47 31.03
CA PHE C 108 -13.23 10.43 31.85
C PHE C 108 -12.72 11.85 32.06
N SER C 109 -11.57 11.99 32.70
CA SER C 109 -10.98 13.30 32.88
C SER C 109 -9.49 13.16 33.08
N PHE C 110 -8.77 14.26 32.87
CA PHE C 110 -7.37 14.31 33.18
C PHE C 110 -7.00 15.73 33.58
N ILE C 111 -5.82 15.91 34.16
CA ILE C 111 -5.36 17.25 34.49
C ILE C 111 -4.07 17.53 33.74
N THR C 112 -4.06 18.57 32.91
CA THR C 112 -2.85 18.93 32.18
C THR C 112 -1.74 19.33 33.15
N PRO C 113 -0.49 19.13 32.77
CA PRO C 113 0.58 19.52 33.70
C PRO C 113 0.72 21.03 33.74
N PRO C 114 1.54 21.54 34.66
CA PRO C 114 1.88 22.97 34.60
C PRO C 114 2.74 23.26 33.38
N GLN C 115 2.83 24.52 32.99
CA GLN C 115 3.74 24.90 31.90
C GLN C 115 5.16 24.53 32.29
N THR C 116 5.96 24.07 31.32
CA THR C 116 7.30 23.63 31.67
C THR C 116 8.03 24.80 32.28
N GLY C 117 8.85 24.52 33.28
CA GLY C 117 9.59 25.58 33.94
C GLY C 117 10.62 25.06 34.91
N LEU C 118 11.51 25.95 35.34
CA LEU C 118 12.66 25.57 36.17
C LEU C 118 12.27 25.03 37.55
N ASP C 119 11.25 25.61 38.16
CA ASP C 119 10.92 25.24 39.53
C ASP C 119 9.54 24.63 39.69
N VAL C 120 9.05 24.02 38.61
CA VAL C 120 7.75 23.37 38.64
C VAL C 120 7.85 21.99 39.26
N PRO C 121 7.16 21.78 40.39
CA PRO C 121 7.10 20.45 41.02
C PRO C 121 6.14 19.49 40.30
N TYR C 122 6.52 18.21 40.23
CA TYR C 122 5.68 17.17 39.66
C TYR C 122 6.07 15.80 40.18
N THR C 123 5.09 14.92 40.26
CA THR C 123 5.29 13.58 40.82
C THR C 123 5.09 12.49 39.76
N PHE C 124 6.14 11.74 39.49
CA PHE C 124 6.09 10.69 38.49
C PHE C 124 6.02 9.31 39.11
N GLY C 125 5.09 8.49 38.63
CA GLY C 125 5.08 7.09 38.99
C GLY C 125 6.18 6.39 38.21
N LEU C 126 6.88 5.47 38.84
CA LEU C 126 7.75 4.60 38.07
C LEU C 126 7.27 3.17 38.14
N ILE C 127 6.97 2.60 36.99
CA ILE C 127 6.43 1.25 36.89
C ILE C 127 7.06 0.55 35.70
N GLY C 128 7.42 -0.72 35.86
CA GLY C 128 7.97 -1.48 34.76
C GLY C 128 7.61 -2.95 34.75
N ASP C 129 7.41 -3.51 33.57
CA ASP C 129 7.16 -4.94 33.44
C ASP C 129 5.93 -5.32 34.24
N LEU C 130 4.83 -4.63 33.98
CA LEU C 130 3.64 -4.81 34.81
C LEU C 130 2.96 -6.17 34.61
N GLY C 131 2.49 -6.44 33.40
CA GLY C 131 1.83 -7.71 33.11
C GLY C 131 0.44 -7.78 33.69
N GLN C 132 -0.06 -8.99 33.94
CA GLN C 132 -1.41 -9.13 34.46
C GLN C 132 -1.57 -10.27 35.46
N SER C 133 -0.54 -10.47 36.27
CA SER C 133 -0.61 -11.41 37.39
C SER C 133 -1.24 -10.73 38.59
N PHE C 134 -1.51 -11.49 39.65
CA PHE C 134 -2.12 -10.91 40.82
C PHE C 134 -1.17 -9.85 41.41
N ASP C 135 0.12 -10.16 41.41
CA ASP C 135 1.13 -9.17 41.74
C ASP C 135 0.91 -7.85 40.97
N SER C 136 0.77 -7.94 39.65
CA SER C 136 0.57 -6.76 38.82
C SER C 136 -0.62 -5.96 39.30
N ASN C 137 -1.67 -6.63 39.76
CA ASN C 137 -2.83 -5.94 40.32
C ASN C 137 -2.52 -5.25 41.65
N THR C 138 -1.62 -5.85 42.44
CA THR C 138 -1.26 -5.29 43.73
C THR C 138 -0.45 -4.01 43.58
N THR C 139 0.57 -4.04 42.72
CA THR C 139 1.39 -2.87 42.41
C THR C 139 0.55 -1.71 41.94
N LEU C 140 -0.35 -2.00 40.99
CA LEU C 140 -1.20 -0.96 40.45
C LEU C 140 -1.98 -0.31 41.58
N SER C 141 -2.41 -1.14 42.51
CA SER C 141 -3.18 -0.64 43.64
C SER C 141 -2.31 0.26 44.50
N HIS C 142 -1.17 -0.25 44.94
CA HIS C 142 -0.27 0.53 45.77
C HIS C 142 0.06 1.86 45.12
N TYR C 143 -0.01 1.92 43.79
CA TYR C 143 0.28 3.16 43.12
C TYR C 143 -0.87 4.14 43.24
N GLU C 144 -2.09 3.67 42.93
CA GLU C 144 -3.30 4.49 43.07
C GLU C 144 -3.47 5.01 44.49
N LEU C 145 -3.09 4.17 45.47
CA LEU C 145 -3.34 4.46 46.87
C LEU C 145 -2.23 5.24 47.50
N SER C 146 -1.13 5.44 46.79
CA SER C 146 0.00 6.18 47.34
C SER C 146 -0.41 7.55 47.85
N PRO C 147 0.09 7.93 49.02
CA PRO C 147 -0.15 9.28 49.53
C PRO C 147 0.56 10.30 48.64
N LYS C 148 1.78 9.96 48.21
CA LYS C 148 2.56 10.81 47.31
C LYS C 148 1.69 11.37 46.20
N LYS C 149 0.79 10.53 45.69
CA LYS C 149 -0.15 10.88 44.64
C LYS C 149 0.50 11.15 43.29
N GLY C 150 0.68 10.10 42.50
CA GLY C 150 1.31 10.18 41.19
C GLY C 150 0.47 10.87 40.14
N GLN C 151 1.13 11.64 39.27
CA GLN C 151 0.42 12.48 38.30
C GLN C 151 0.57 11.96 36.87
N THR C 152 1.62 11.17 36.67
CA THR C 152 1.97 10.59 35.36
C THR C 152 2.88 9.39 35.54
N VAL C 153 2.62 8.30 34.83
CA VAL C 153 3.47 7.11 34.94
C VAL C 153 4.54 6.99 33.86
N LEU C 154 5.80 6.96 34.27
CA LEU C 154 6.87 6.61 33.35
C LEU C 154 6.97 5.08 33.31
N PHE C 155 6.52 4.47 32.21
CA PHE C 155 6.49 3.01 32.11
C PHE C 155 7.70 2.46 31.33
N VAL C 156 8.47 1.58 31.94
CA VAL C 156 9.78 1.20 31.41
C VAL C 156 9.84 -0.05 30.52
N GLY C 157 8.69 -0.56 30.11
CA GLY C 157 8.66 -1.65 29.17
C GLY C 157 8.01 -2.91 29.68
N ASP C 158 7.72 -3.83 28.77
CA ASP C 158 6.95 -5.05 29.03
C ASP C 158 5.59 -4.73 29.61
N LEU C 159 4.57 -4.75 28.76
CA LEU C 159 3.24 -4.35 29.17
C LEU C 159 2.32 -5.50 29.57
N SER C 160 1.96 -6.34 28.60
CA SER C 160 0.89 -7.31 28.79
C SER C 160 1.42 -8.72 28.97
N TYR C 161 2.64 -8.94 28.51
CA TYR C 161 3.23 -10.26 28.45
C TYR C 161 2.36 -11.23 27.65
N ALA C 162 1.53 -10.71 26.75
CA ALA C 162 0.67 -11.57 25.93
C ALA C 162 1.45 -12.59 25.10
N ASP C 163 2.70 -12.25 24.76
CA ASP C 163 3.49 -13.12 23.91
C ASP C 163 3.97 -14.35 24.67
N ARG C 164 3.50 -14.51 25.90
CA ARG C 164 3.82 -15.72 26.66
C ARG C 164 2.75 -16.77 26.43
N TYR C 165 1.61 -16.32 25.89
CA TYR C 165 0.51 -17.21 25.52
C TYR C 165 0.75 -17.84 24.15
N PRO C 166 0.04 -18.93 23.85
CA PRO C 166 0.15 -19.62 22.56
C PRO C 166 -0.23 -18.69 21.41
N ASN C 167 0.69 -18.49 20.48
CA ASN C 167 0.42 -17.56 19.40
C ASN C 167 0.32 -16.13 19.91
N HIS C 168 0.92 -15.88 21.05
CA HIS C 168 0.86 -14.59 21.71
C HIS C 168 -0.56 -14.11 21.95
N ASP C 169 -1.48 -15.06 22.15
CA ASP C 169 -2.92 -14.78 22.23
C ASP C 169 -3.20 -13.31 22.51
N ASN C 170 -3.35 -12.54 21.43
CA ASN C 170 -3.54 -11.10 21.53
C ASN C 170 -4.77 -10.69 22.33
N VAL C 171 -5.62 -11.65 22.65
CA VAL C 171 -6.73 -11.36 23.54
C VAL C 171 -6.16 -10.89 24.86
N ARG C 172 -4.97 -11.38 25.20
CA ARG C 172 -4.32 -10.98 26.45
C ARG C 172 -3.83 -9.53 26.44
N TRP C 173 -3.78 -8.89 25.26
CA TRP C 173 -3.61 -7.45 25.16
C TRP C 173 -4.91 -6.72 25.52
N ASP C 174 -6.04 -7.22 25.02
CA ASP C 174 -7.33 -6.57 25.28
C ASP C 174 -7.64 -6.52 26.78
N THR C 175 -7.36 -7.62 27.48
CA THR C 175 -7.62 -7.66 28.91
C THR C 175 -6.70 -6.70 29.63
N TRP C 176 -5.44 -6.68 29.22
CA TRP C 176 -4.49 -5.79 29.85
C TRP C 176 -4.93 -4.35 29.68
N GLY C 177 -5.47 -4.04 28.50
CA GLY C 177 -6.00 -2.74 28.21
C GLY C 177 -7.16 -2.35 29.12
N ARG C 178 -7.95 -3.33 29.53
CA ARG C 178 -9.13 -3.06 30.35
C ARG C 178 -8.73 -2.92 31.82
N PHE C 179 -7.68 -3.65 32.17
CA PHE C 179 -7.25 -3.74 33.55
C PHE C 179 -6.55 -2.46 33.97
N THR C 180 -5.71 -1.92 33.07
CA THR C 180 -4.94 -0.71 33.37
C THR C 180 -5.76 0.56 33.14
N GLU C 181 -6.92 0.41 32.50
CA GLU C 181 -7.79 1.57 32.24
C GLU C 181 -8.01 2.45 33.47
N ARG C 182 -8.29 1.85 34.62
CA ARG C 182 -8.61 2.61 35.83
C ARG C 182 -7.53 3.62 36.20
N SER C 183 -6.35 3.45 35.64
CA SER C 183 -5.28 4.40 35.90
C SER C 183 -4.93 5.21 34.66
N VAL C 184 -4.60 4.53 33.56
CA VAL C 184 -4.10 5.22 32.37
C VAL C 184 -5.17 5.95 31.57
N ALA C 185 -6.42 5.83 31.99
CA ALA C 185 -7.49 6.60 31.37
C ALA C 185 -7.47 8.03 31.90
N TYR C 186 -6.94 8.20 33.11
CA TYR C 186 -7.11 9.44 33.85
C TYR C 186 -5.82 10.22 33.98
N GLN C 187 -4.70 9.55 33.70
CA GLN C 187 -3.41 10.21 33.70
C GLN C 187 -2.50 9.53 32.69
N PRO C 188 -1.64 10.31 32.03
CA PRO C 188 -0.78 9.80 30.97
C PRO C 188 0.18 8.77 31.52
N TRP C 189 0.38 7.67 30.78
CA TRP C 189 1.51 6.78 31.00
C TRP C 189 2.44 7.04 29.85
N ILE C 190 3.73 7.06 30.12
CA ILE C 190 4.74 7.31 29.09
C ILE C 190 5.35 5.99 28.71
N TRP C 191 5.06 5.55 27.49
CA TRP C 191 5.46 4.21 27.08
C TRP C 191 6.91 4.06 26.64
N THR C 192 7.59 3.09 27.25
CA THR C 192 8.84 2.57 26.72
C THR C 192 8.56 1.20 26.12
N ALA C 193 9.27 0.86 25.05
CA ALA C 193 9.13 -0.46 24.43
C ALA C 193 10.10 -1.48 25.03
N GLY C 194 9.56 -2.57 25.59
CA GLY C 194 10.39 -3.65 26.09
C GLY C 194 10.45 -4.87 25.17
N ASN C 195 11.16 -5.90 25.59
CA ASN C 195 11.35 -7.07 24.75
C ASN C 195 10.09 -7.89 24.54
N HIS C 196 9.17 -7.89 25.51
CA HIS C 196 7.92 -8.62 25.31
C HIS C 196 6.99 -7.88 24.34
N GLU C 197 7.42 -6.72 23.87
CA GLU C 197 6.67 -5.98 22.84
C GLU C 197 7.13 -6.32 21.42
N ILE C 198 8.34 -6.86 21.28
CA ILE C 198 8.90 -7.15 19.97
C ILE C 198 8.00 -8.11 19.19
N GLU C 199 7.52 -9.16 19.85
CA GLU C 199 6.64 -10.14 19.23
C GLU C 199 7.10 -10.61 17.85
N PHE C 200 8.39 -10.83 17.71
CA PHE C 200 8.95 -11.46 16.51
C PHE C 200 8.65 -12.95 16.58
N ALA C 201 7.89 -13.45 15.62
CA ALA C 201 7.46 -14.85 15.66
C ALA C 201 7.35 -15.40 14.26
N PRO C 202 8.50 -15.57 13.58
CA PRO C 202 8.49 -15.97 12.17
C PRO C 202 7.71 -17.28 12.01
N GLU C 203 7.80 -18.14 13.01
CA GLU C 203 7.17 -19.44 12.92
C GLU C 203 5.65 -19.38 12.68
N ILE C 204 5.01 -18.27 13.01
CA ILE C 204 3.61 -18.05 12.64
C ILE C 204 3.49 -16.92 11.64
N ASN C 205 4.53 -16.75 10.84
CA ASN C 205 4.57 -15.74 9.78
C ASN C 205 4.27 -14.30 10.27
N GLU C 206 4.61 -14.02 11.54
CA GLU C 206 4.53 -12.66 12.10
C GLU C 206 5.93 -12.10 12.34
N THR C 207 6.36 -11.18 11.49
CA THR C 207 7.78 -10.84 11.44
C THR C 207 8.06 -9.36 11.52
N GLU C 208 7.03 -8.57 11.83
CA GLU C 208 7.22 -7.14 11.99
C GLU C 208 7.32 -6.84 13.48
N PRO C 209 8.51 -6.40 13.91
CA PRO C 209 8.69 -6.13 15.35
C PRO C 209 7.75 -5.04 15.88
N PHE C 210 7.16 -5.32 17.04
CA PHE C 210 6.37 -4.35 17.79
C PHE C 210 4.97 -4.17 17.22
N LYS C 211 4.60 -5.02 16.27
CA LYS C 211 3.33 -4.82 15.56
C LYS C 211 2.12 -4.53 16.46
N PRO C 212 1.77 -5.46 17.35
CA PRO C 212 0.55 -5.24 18.14
C PRO C 212 0.66 -4.01 19.05
N PHE C 213 1.76 -3.91 19.76
CA PHE C 213 2.03 -2.77 20.64
C PHE C 213 1.96 -1.44 19.88
N SER C 214 2.65 -1.36 18.74
CA SER C 214 2.66 -0.15 17.92
C SER C 214 1.26 0.23 17.46
N TYR C 215 0.39 -0.76 17.24
CA TYR C 215 -0.99 -0.50 16.83
C TYR C 215 -1.85 0.05 17.96
N ARG C 216 -1.59 -0.43 19.17
CA ARG C 216 -2.45 -0.15 20.31
C ARG C 216 -2.03 1.06 21.09
N TYR C 217 -0.75 1.41 21.02
CA TYR C 217 -0.17 2.46 21.86
C TYR C 217 0.67 3.49 21.09
N HIS C 218 0.08 4.66 20.83
CA HIS C 218 0.81 5.72 20.15
C HIS C 218 1.65 6.56 21.10
N VAL C 219 2.66 7.22 20.54
CA VAL C 219 3.49 8.17 21.27
C VAL C 219 3.68 9.37 20.35
N PRO C 220 3.93 10.55 20.92
CA PRO C 220 4.11 11.74 20.09
C PRO C 220 5.54 11.89 19.62
N TYR C 221 6.06 10.85 18.97
CA TYR C 221 7.45 10.83 18.51
C TYR C 221 7.76 11.91 17.48
N GLU C 222 6.80 12.27 16.64
CA GLU C 222 7.05 13.31 15.67
C GLU C 222 7.26 14.66 16.33
N ALA C 223 6.77 14.80 17.55
CA ALA C 223 6.85 16.08 18.22
C ALA C 223 8.29 16.46 18.57
N SER C 224 9.19 15.47 18.57
CA SER C 224 10.59 15.72 18.90
C SER C 224 11.51 15.46 17.71
N GLN C 225 10.91 15.34 16.53
CA GLN C 225 11.65 15.11 15.29
C GLN C 225 12.19 13.68 15.22
N SER C 226 11.58 12.80 16.01
CA SER C 226 11.87 11.37 15.87
C SER C 226 11.23 10.82 14.60
N THR C 227 11.82 9.78 14.03
CA THR C 227 11.28 9.13 12.86
C THR C 227 10.76 7.73 13.19
N SER C 228 10.62 7.45 14.48
CA SER C 228 10.11 6.17 14.94
C SER C 228 9.46 6.29 16.31
N PRO C 229 8.34 5.60 16.52
CA PRO C 229 7.66 5.66 17.82
C PRO C 229 8.52 5.15 18.95
N PHE C 230 9.60 4.42 18.66
CA PHE C 230 10.30 3.67 19.70
C PHE C 230 11.35 4.48 20.44
N TRP C 231 11.66 5.66 19.92
CA TRP C 231 12.44 6.62 20.68
C TRP C 231 11.86 7.99 20.47
N TYR C 232 11.67 8.70 21.55
CA TYR C 232 11.08 10.01 21.45
C TYR C 232 11.39 10.74 22.72
N SER C 233 10.79 11.92 22.86
CA SER C 233 11.14 12.83 23.94
C SER C 233 9.93 13.66 24.28
N ILE C 234 9.68 13.86 25.56
CA ILE C 234 8.67 14.79 25.99
C ILE C 234 9.20 15.68 27.11
N LYS C 235 8.61 16.86 27.25
CA LYS C 235 8.92 17.72 28.37
C LYS C 235 7.64 17.86 29.17
N ARG C 236 7.76 17.72 30.47
CA ARG C 236 6.60 17.85 31.32
C ARG C 236 7.07 18.44 32.62
N ALA C 237 6.36 19.46 33.10
CA ALA C 237 6.77 20.22 34.27
C ALA C 237 8.22 20.66 34.15
N SER C 238 9.09 20.18 35.04
CA SER C 238 10.51 20.54 34.98
C SER C 238 11.36 19.37 34.49
N ALA C 239 10.68 18.39 33.90
CA ALA C 239 11.36 17.20 33.41
C ALA C 239 11.52 17.25 31.90
N HIS C 240 12.71 16.90 31.45
CA HIS C 240 12.95 16.53 30.07
C HIS C 240 13.18 15.01 30.06
N ILE C 241 12.31 14.28 29.37
CA ILE C 241 12.34 12.82 29.39
C ILE C 241 12.73 12.23 28.02
N ILE C 242 13.78 11.42 28.00
CA ILE C 242 14.20 10.81 26.75
C ILE C 242 13.89 9.31 26.75
N VAL C 243 13.02 8.88 25.84
CA VAL C 243 12.67 7.47 25.73
C VAL C 243 13.51 6.80 24.64
N LEU C 244 14.23 5.74 25.02
CA LEU C 244 15.11 5.04 24.11
C LEU C 244 14.59 3.64 23.87
N SER C 245 15.13 2.97 22.86
CA SER C 245 14.64 1.65 22.47
C SER C 245 15.76 0.59 22.42
N SER C 246 15.83 -0.22 23.48
CA SER C 246 16.84 -1.27 23.62
C SER C 246 16.87 -2.22 22.44
N TYR C 247 15.72 -2.41 21.79
CA TYR C 247 15.66 -3.44 20.75
C TYR C 247 15.51 -2.88 19.32
N SER C 248 15.91 -1.62 19.17
CA SER C 248 16.12 -1.04 17.86
C SER C 248 17.61 -0.86 17.65
N ALA C 249 17.98 -0.40 16.45
CA ALA C 249 19.38 -0.16 16.11
C ALA C 249 19.87 1.07 16.85
N TYR C 250 21.16 1.08 17.22
CA TYR C 250 21.78 2.25 17.80
C TYR C 250 23.23 2.37 17.45
N GLY C 251 23.62 1.71 16.37
CA GLY C 251 24.98 1.83 15.88
C GLY C 251 25.18 3.25 15.35
N ARG C 252 26.43 3.69 15.29
CA ARG C 252 26.68 5.02 14.80
C ARG C 252 26.06 5.15 13.41
N GLY C 253 25.33 6.24 13.18
CA GLY C 253 24.70 6.48 11.90
C GLY C 253 23.23 6.10 11.84
N THR C 254 22.80 5.20 12.72
CA THR C 254 21.41 4.72 12.72
C THR C 254 20.47 5.84 13.13
N PRO C 255 19.22 5.77 12.68
CA PRO C 255 18.22 6.75 13.10
C PRO C 255 18.27 7.10 14.59
N GLN C 256 18.03 6.13 15.46
CA GLN C 256 17.96 6.41 16.89
C GLN C 256 19.22 7.05 17.43
N TYR C 257 20.37 6.55 16.99
CA TYR C 257 21.65 7.09 17.42
C TYR C 257 21.77 8.52 16.98
N THR C 258 21.41 8.79 15.72
CA THR C 258 21.49 10.13 15.18
C THR C 258 20.55 11.06 15.94
N TRP C 259 19.34 10.56 16.19
CA TRP C 259 18.33 11.33 16.90
C TRP C 259 18.74 11.71 18.32
N LEU C 260 19.41 10.81 19.02
CA LEU C 260 19.73 11.03 20.42
C LEU C 260 20.85 12.08 20.55
N LYS C 261 21.93 11.85 19.80
CA LYS C 261 23.05 12.78 19.73
C LYS C 261 22.50 14.20 19.62
N LYS C 262 21.45 14.34 18.82
CA LYS C 262 20.93 15.66 18.48
C LYS C 262 19.93 16.10 19.53
N GLU C 263 19.29 15.14 20.19
CA GLU C 263 18.31 15.49 21.20
C GLU C 263 18.99 15.99 22.48
N LEU C 264 20.10 15.38 22.84
CA LEU C 264 20.84 15.84 23.99
C LEU C 264 21.23 17.32 23.81
N ARG C 265 21.69 17.68 22.61
CA ARG C 265 22.02 19.07 22.29
C ARG C 265 20.85 20.02 22.51
N LYS C 266 19.61 19.52 22.40
CA LYS C 266 18.43 20.38 22.53
C LYS C 266 18.02 20.63 23.97
N VAL C 267 18.62 19.90 24.91
CA VAL C 267 18.18 19.99 26.30
C VAL C 267 18.63 21.28 26.97
N LYS C 268 17.70 21.93 27.67
CA LYS C 268 17.98 23.16 28.38
C LYS C 268 17.74 23.02 29.88
N ARG C 269 18.83 22.82 30.62
CA ARG C 269 18.75 22.58 32.07
C ARG C 269 18.13 23.74 32.84
N SER C 270 18.12 24.92 32.25
CA SER C 270 17.53 26.07 32.92
C SER C 270 16.04 26.18 32.61
N GLU C 271 15.57 25.43 31.63
CA GLU C 271 14.13 25.34 31.37
C GLU C 271 13.54 24.10 32.04
N THR C 272 14.23 22.96 31.88
CA THR C 272 13.83 21.71 32.51
C THR C 272 15.06 21.07 33.13
N PRO C 273 15.27 21.27 34.43
CA PRO C 273 16.53 20.90 35.08
C PRO C 273 16.68 19.40 35.26
N TRP C 274 15.56 18.67 35.22
CA TRP C 274 15.61 17.23 35.42
C TRP C 274 15.70 16.48 34.09
N LEU C 275 16.78 15.75 33.93
CA LEU C 275 17.02 15.06 32.68
C LEU C 275 16.94 13.57 32.90
N ILE C 276 15.76 13.02 32.60
CA ILE C 276 15.47 11.62 32.83
C ILE C 276 15.56 10.80 31.56
N VAL C 277 16.32 9.72 31.57
CA VAL C 277 16.27 8.77 30.46
C VAL C 277 15.50 7.50 30.82
N LEU C 278 14.56 7.10 29.96
CA LEU C 278 13.86 5.82 30.09
C LEU C 278 14.34 4.83 29.04
N MET C 279 14.59 3.59 29.47
CA MET C 279 14.98 2.51 28.57
C MET C 279 14.63 1.21 29.27
N HIS C 280 14.34 0.15 28.52
CA HIS C 280 13.91 -1.12 29.12
C HIS C 280 15.05 -1.92 29.74
N SER C 281 16.13 -2.08 28.99
CA SER C 281 17.20 -2.95 29.43
C SER C 281 18.29 -2.19 30.17
N PRO C 282 18.48 -2.49 31.47
CA PRO C 282 19.35 -1.76 32.41
C PRO C 282 20.80 -1.73 31.97
N LEU C 283 21.47 -0.58 32.07
CA LEU C 283 22.88 -0.49 31.74
C LEU C 283 23.73 -0.90 32.94
N TYR C 284 23.16 -0.73 34.13
CA TYR C 284 23.78 -1.23 35.35
C TYR C 284 22.82 -2.18 36.01
N ASN C 285 23.28 -3.42 36.19
CA ASN C 285 22.48 -4.53 36.68
C ASN C 285 23.39 -5.56 37.31
N SER C 286 23.20 -5.84 38.59
CA SER C 286 24.05 -6.81 39.28
C SER C 286 23.25 -8.08 39.63
N TYR C 287 22.00 -8.14 39.18
CA TYR C 287 21.25 -9.38 39.26
C TYR C 287 21.77 -10.37 38.24
N ASN C 288 21.50 -11.65 38.46
CA ASN C 288 22.01 -12.69 37.58
C ASN C 288 21.24 -12.72 36.27
N HIS C 289 19.91 -12.70 36.37
CA HIS C 289 19.10 -12.68 35.18
C HIS C 289 19.44 -11.47 34.32
N HIS C 290 19.80 -11.71 33.07
CA HIS C 290 20.09 -10.64 32.10
C HIS C 290 21.39 -9.88 32.37
N PHE C 291 22.26 -10.45 33.19
CA PHE C 291 23.49 -9.76 33.53
C PHE C 291 24.27 -9.42 32.27
N MET C 292 24.73 -8.18 32.17
CA MET C 292 25.53 -7.67 31.04
C MET C 292 24.82 -7.57 29.67
N GLU C 293 23.51 -7.76 29.64
CA GLU C 293 22.74 -7.56 28.41
C GLU C 293 22.74 -6.10 27.93
N GLY C 294 22.74 -5.16 28.87
CA GLY C 294 22.77 -3.74 28.54
C GLY C 294 24.16 -3.25 28.16
N GLU C 295 25.13 -4.16 28.10
CA GLU C 295 26.49 -3.78 27.80
C GLU C 295 26.66 -3.10 26.46
N ALA C 296 25.99 -3.64 25.45
CA ALA C 296 26.09 -3.08 24.09
C ALA C 296 25.66 -1.62 24.09
N MET C 297 24.42 -1.34 24.46
CA MET C 297 23.96 0.05 24.48
C MET C 297 24.83 0.93 25.38
N ARG C 298 25.29 0.37 26.50
CA ARG C 298 26.20 1.09 27.39
C ARG C 298 27.40 1.66 26.63
N THR C 299 28.14 0.82 25.93
CA THR C 299 29.31 1.29 25.19
C THR C 299 28.99 2.49 24.29
N LYS C 300 27.72 2.61 23.93
CA LYS C 300 27.32 3.60 22.94
C LYS C 300 26.89 4.93 23.58
N PHE C 301 26.10 4.84 24.64
CA PHE C 301 25.43 6.01 25.17
C PHE C 301 25.89 6.48 26.56
N GLU C 302 26.71 5.69 27.23
CA GLU C 302 27.04 6.00 28.61
C GLU C 302 27.79 7.34 28.68
N ALA C 303 28.84 7.45 27.87
CA ALA C 303 29.63 8.67 27.86
C ALA C 303 28.77 9.92 27.62
N TRP C 304 27.80 9.82 26.72
CA TRP C 304 26.86 10.91 26.48
C TRP C 304 26.09 11.27 27.77
N PHE C 305 25.54 10.25 28.44
CA PHE C 305 24.80 10.46 29.68
C PHE C 305 25.61 11.26 30.70
N VAL C 306 26.86 10.86 30.88
CA VAL C 306 27.78 11.58 31.74
C VAL C 306 28.08 12.99 31.22
N LYS C 307 28.42 13.12 29.94
CA LYS C 307 28.72 14.40 29.33
C LYS C 307 27.57 15.40 29.47
N TYR C 308 26.34 14.92 29.31
CA TYR C 308 25.19 15.81 29.40
C TYR C 308 24.60 15.82 30.80
N LYS C 309 25.20 15.07 31.69
CA LYS C 309 24.80 15.10 33.10
C LYS C 309 23.32 14.71 33.28
N VAL C 310 22.98 13.53 32.77
CA VAL C 310 21.65 12.97 32.98
C VAL C 310 21.50 12.73 34.47
N ASP C 311 20.34 13.06 35.03
CA ASP C 311 20.18 12.92 36.47
C ASP C 311 20.00 11.47 36.86
N VAL C 312 19.04 10.82 36.22
CA VAL C 312 18.69 9.45 36.56
C VAL C 312 18.33 8.73 35.28
N VAL C 313 18.63 7.44 35.22
CA VAL C 313 18.22 6.57 34.12
C VAL C 313 17.41 5.41 34.69
N PHE C 314 16.17 5.26 34.22
CA PHE C 314 15.29 4.21 34.71
C PHE C 314 15.16 3.07 33.70
N ALA C 315 15.21 1.84 34.17
CA ALA C 315 15.14 0.68 33.29
C ALA C 315 14.23 -0.39 33.89
N GLY C 316 13.88 -1.40 33.10
CA GLY C 316 13.05 -2.48 33.57
C GLY C 316 13.72 -3.81 33.36
N HIS C 317 12.98 -4.75 32.76
CA HIS C 317 13.57 -5.98 32.23
C HIS C 317 13.91 -7.00 33.31
N VAL C 318 14.71 -6.58 34.28
CA VAL C 318 15.00 -7.40 35.46
C VAL C 318 13.87 -7.28 36.48
N HIS C 319 13.37 -8.41 36.94
CA HIS C 319 12.19 -8.41 37.79
C HIS C 319 12.54 -8.20 39.25
N ALA C 320 13.20 -7.10 39.52
CA ALA C 320 13.55 -6.75 40.89
C ALA C 320 13.74 -5.24 41.02
N TYR C 321 14.58 -4.85 41.96
CA TYR C 321 14.81 -3.44 42.21
C TYR C 321 16.30 -3.22 42.42
N GLU C 322 16.82 -2.17 41.83
CA GLU C 322 18.21 -1.87 42.06
C GLU C 322 18.46 -0.41 41.84
N ARG C 323 19.30 0.14 42.70
CA ARG C 323 19.70 1.53 42.64
C ARG C 323 21.21 1.51 42.66
N SER C 324 21.83 2.22 41.74
CA SER C 324 23.26 2.19 41.70
C SER C 324 23.80 3.45 42.36
N GLU C 325 25.08 3.45 42.70
CA GLU C 325 25.80 4.67 43.00
C GLU C 325 25.96 5.47 41.70
N ARG C 326 26.38 6.74 41.77
CA ARG C 326 26.73 7.47 40.54
C ARG C 326 28.10 7.06 40.05
N VAL C 327 28.11 6.20 39.04
CA VAL C 327 29.35 5.70 38.52
C VAL C 327 29.40 5.85 37.02
N SER C 328 30.60 5.73 36.45
CA SER C 328 30.79 5.73 35.01
C SER C 328 31.90 4.76 34.67
N ASN C 329 31.82 4.16 33.49
CA ASN C 329 32.79 3.16 33.08
C ASN C 329 33.19 3.48 31.65
N ILE C 330 33.66 4.71 31.46
CA ILE C 330 33.81 5.26 30.12
C ILE C 330 35.25 5.59 29.75
N ALA C 331 36.21 4.84 30.30
CA ALA C 331 37.63 5.15 30.13
C ALA C 331 38.37 4.02 29.44
N TYR C 332 37.68 2.90 29.30
CA TYR C 332 38.23 1.71 28.67
C TYR C 332 38.73 1.99 27.24
N LYS C 333 39.89 1.46 26.89
CA LYS C 333 40.39 1.59 25.53
C LYS C 333 41.01 0.27 25.10
N ILE C 334 40.36 -0.82 25.47
CA ILE C 334 40.79 -2.15 25.05
C ILE C 334 42.04 -2.60 25.79
N THR C 335 43.14 -1.89 25.58
CA THR C 335 44.43 -2.30 26.15
C THR C 335 44.90 -1.47 27.34
N ASN C 336 44.17 -0.41 27.69
CA ASN C 336 44.59 0.49 28.76
C ASN C 336 44.23 0.04 30.18
N GLY C 337 43.50 -1.06 30.31
CA GLY C 337 43.23 -1.64 31.61
C GLY C 337 42.11 -1.02 32.43
N LEU C 338 41.51 0.06 31.92
CA LEU C 338 40.55 0.79 32.72
C LEU C 338 39.14 0.25 32.58
N CYS C 339 38.88 -0.93 33.13
CA CYS C 339 37.57 -1.54 32.96
C CYS C 339 36.73 -1.59 34.23
N THR C 340 36.96 -0.68 35.17
CA THR C 340 36.22 -0.74 36.42
C THR C 340 35.39 0.53 36.61
N PRO C 341 34.10 0.36 36.96
CA PRO C 341 33.30 1.57 37.25
C PRO C 341 33.92 2.38 38.39
N VAL C 342 33.84 3.70 38.27
CA VAL C 342 34.31 4.60 39.31
C VAL C 342 33.25 5.61 39.66
N LYS C 343 33.28 6.07 40.92
CA LYS C 343 32.39 7.15 41.36
C LYS C 343 32.61 8.33 40.44
N ASP C 344 31.53 8.86 39.89
CA ASP C 344 31.60 9.99 38.97
C ASP C 344 30.41 10.88 39.25
N GLN C 345 30.67 12.11 39.68
CA GLN C 345 29.61 13.02 40.12
C GLN C 345 28.85 13.63 38.97
N SER C 346 29.37 13.44 37.77
CA SER C 346 28.66 13.81 36.56
C SER C 346 27.74 12.71 36.02
N ALA C 347 27.85 11.49 36.54
CA ALA C 347 27.05 10.36 36.09
C ALA C 347 25.64 10.35 36.66
N PRO C 348 24.66 9.80 35.92
CA PRO C 348 23.33 9.62 36.51
C PRO C 348 23.34 8.49 37.52
N VAL C 349 22.26 8.37 38.26
CA VAL C 349 22.02 7.17 39.03
C VAL C 349 21.22 6.27 38.10
N TYR C 350 21.58 4.99 38.00
CA TYR C 350 20.78 4.01 37.25
C TYR C 350 19.87 3.25 38.19
N ILE C 351 18.58 3.34 37.93
CA ILE C 351 17.63 2.59 38.74
C ILE C 351 16.92 1.51 37.93
N THR C 352 16.92 0.29 38.45
CA THR C 352 16.16 -0.81 37.88
C THR C 352 14.86 -0.96 38.64
N ILE C 353 13.75 -0.86 37.94
CA ILE C 353 12.44 -0.83 38.58
C ILE C 353 11.43 -1.70 37.79
N GLY C 354 11.91 -2.82 37.27
CA GLY C 354 11.03 -3.73 36.55
C GLY C 354 10.37 -4.77 37.43
N ASP C 355 9.69 -4.33 38.49
CA ASP C 355 9.17 -5.28 39.46
C ASP C 355 7.69 -5.12 39.81
N ALA C 356 6.90 -4.59 38.89
CA ALA C 356 5.47 -4.35 39.13
C ALA C 356 4.59 -5.63 39.13
N GLY C 357 5.16 -6.75 38.70
CA GLY C 357 4.42 -7.99 38.83
C GLY C 357 4.62 -8.98 37.73
N ASN C 358 4.97 -8.50 36.54
CA ASN C 358 5.06 -9.35 35.34
C ASN C 358 4.03 -10.47 35.39
N TYR C 359 4.48 -11.70 35.17
CA TYR C 359 3.61 -12.87 35.27
C TYR C 359 3.84 -13.62 36.60
N GLY C 360 4.17 -12.89 37.66
CA GLY C 360 4.19 -13.45 38.99
C GLY C 360 5.53 -13.95 39.53
N VAL C 361 6.60 -13.73 38.79
CA VAL C 361 7.93 -14.22 39.18
C VAL C 361 8.91 -13.10 39.49
N ILE C 362 9.70 -13.26 40.55
CA ILE C 362 10.74 -12.30 40.89
C ILE C 362 12.12 -12.85 40.49
N ASP C 363 13.09 -11.97 40.27
CA ASP C 363 14.46 -12.43 40.02
C ASP C 363 15.29 -12.24 41.29
N SER C 364 15.47 -13.31 42.06
CA SER C 364 16.08 -13.17 43.38
C SER C 364 17.57 -13.49 43.40
N ASN C 365 17.98 -14.30 42.44
CA ASN C 365 19.38 -14.70 42.30
C ASN C 365 20.25 -13.51 41.86
N MET C 366 21.02 -12.96 42.80
CA MET C 366 21.91 -11.82 42.54
C MET C 366 23.36 -12.23 42.38
N ILE C 367 24.18 -11.28 41.96
CA ILE C 367 25.62 -11.50 41.92
C ILE C 367 26.26 -11.18 43.28
N GLN C 368 27.08 -12.11 43.77
CA GLN C 368 27.73 -11.95 45.06
C GLN C 368 29.26 -11.93 44.92
N PRO C 369 29.93 -11.04 45.65
CA PRO C 369 29.31 -10.04 46.53
C PRO C 369 28.66 -8.91 45.71
N GLN C 370 27.79 -8.14 46.37
CA GLN C 370 27.24 -6.92 45.81
C GLN C 370 28.38 -6.05 45.36
N PRO C 371 28.37 -5.66 44.08
CA PRO C 371 29.47 -4.84 43.59
C PRO C 371 29.44 -3.44 44.22
N GLU C 372 30.58 -2.77 44.16
CA GLU C 372 30.70 -1.42 44.69
C GLU C 372 29.68 -0.49 44.00
N TYR C 373 29.47 -0.67 42.70
CA TYR C 373 28.58 0.22 41.94
C TYR C 373 27.10 0.12 42.36
N SER C 374 26.78 -0.87 43.21
CA SER C 374 25.41 -1.13 43.61
C SER C 374 25.02 -0.48 44.95
N ALA C 375 24.24 0.59 44.92
CA ALA C 375 23.77 1.16 46.16
C ALA C 375 22.79 0.25 46.91
N PHE C 376 21.73 -0.17 46.24
CA PHE C 376 20.66 -0.90 46.91
C PHE C 376 19.97 -1.86 45.97
N ARG C 377 19.77 -3.10 46.41
CA ARG C 377 19.15 -4.12 45.58
C ARG C 377 18.24 -5.00 46.42
N GLU C 378 17.04 -5.26 45.91
CA GLU C 378 16.16 -6.22 46.55
C GLU C 378 15.25 -6.92 45.53
N ALA C 379 15.09 -8.22 45.70
CA ALA C 379 14.11 -8.95 44.91
C ALA C 379 12.72 -8.88 45.58
N SER C 380 11.97 -7.83 45.26
CA SER C 380 10.65 -7.64 45.83
C SER C 380 9.76 -6.94 44.81
N PHE C 381 8.47 -7.24 44.82
CA PHE C 381 7.52 -6.58 43.94
C PHE C 381 7.20 -5.16 44.41
N GLY C 382 7.09 -4.23 43.48
CA GLY C 382 6.66 -2.89 43.81
C GLY C 382 6.77 -1.89 42.69
N HIS C 383 6.76 -0.61 43.06
CA HIS C 383 6.85 0.47 42.09
C HIS C 383 7.58 1.67 42.69
N GLY C 384 8.21 2.46 41.82
CA GLY C 384 8.94 3.63 42.26
C GLY C 384 8.08 4.88 42.23
N MET C 385 8.64 5.97 42.74
CA MET C 385 7.98 7.27 42.76
C MET C 385 9.10 8.30 42.72
N PHE C 386 9.06 9.17 41.74
CA PHE C 386 10.13 10.15 41.57
C PHE C 386 9.52 11.53 41.64
N ASP C 387 9.57 12.11 42.84
CA ASP C 387 8.80 13.30 43.17
C ASP C 387 9.68 14.53 43.15
N ILE C 388 9.49 15.38 42.13
CA ILE C 388 10.32 16.57 41.97
C ILE C 388 9.83 17.71 42.85
N LYS C 389 10.70 18.17 43.75
CA LYS C 389 10.32 19.23 44.67
C LYS C 389 10.59 20.60 44.07
N ASN C 390 11.71 20.71 43.36
CA ASN C 390 12.15 21.96 42.75
C ASN C 390 13.40 21.69 41.95
N ARG C 391 14.07 22.75 41.51
CA ARG C 391 15.21 22.56 40.62
C ARG C 391 16.42 21.87 41.27
N THR C 392 16.48 21.80 42.60
CA THR C 392 17.66 21.20 43.22
C THR C 392 17.37 19.82 43.77
N HIS C 393 16.12 19.58 44.12
CA HIS C 393 15.77 18.36 44.82
C HIS C 393 14.69 17.58 44.12
N ALA C 394 14.85 16.26 44.13
CA ALA C 394 13.80 15.33 43.74
C ALA C 394 13.89 14.19 44.73
N HIS C 395 12.74 13.75 45.23
CA HIS C 395 12.77 12.64 46.14
C HIS C 395 12.30 11.35 45.46
N PHE C 396 13.21 10.40 45.30
CA PHE C 396 12.84 9.07 44.80
C PHE C 396 12.56 8.03 45.90
N SER C 397 11.42 7.35 45.79
CA SER C 397 11.08 6.31 46.74
C SER C 397 10.56 5.03 46.10
N TRP C 398 10.90 3.90 46.69
CA TRP C 398 10.48 2.58 46.25
C TRP C 398 9.49 1.99 47.26
N ASN C 399 8.35 1.52 46.78
CA ASN C 399 7.34 0.96 47.67
C ASN C 399 7.08 -0.51 47.38
N ARG C 400 7.14 -1.34 48.42
CA ARG C 400 7.02 -2.78 48.26
C ARG C 400 5.57 -3.26 48.36
N ASN C 401 5.26 -4.34 47.65
CA ASN C 401 3.90 -4.86 47.69
C ASN C 401 3.47 -5.48 49.04
N GLN C 402 4.43 -5.98 49.80
CA GLN C 402 4.11 -6.50 51.13
C GLN C 402 3.85 -5.41 52.19
N ASP C 403 4.51 -4.27 52.06
CA ASP C 403 4.32 -3.19 53.02
C ASP C 403 3.02 -2.45 52.80
N GLY C 404 2.72 -1.52 53.71
CA GLY C 404 1.60 -0.63 53.56
C GLY C 404 1.89 0.40 52.50
N VAL C 405 0.83 1.04 52.01
CA VAL C 405 0.93 1.88 50.84
C VAL C 405 1.68 3.18 51.11
N ALA C 406 1.92 3.50 52.37
CA ALA C 406 2.67 4.70 52.70
C ALA C 406 4.11 4.41 53.13
N VAL C 407 4.58 3.18 52.89
CA VAL C 407 5.90 2.77 53.40
C VAL C 407 7.01 2.68 52.34
N GLU C 408 8.10 3.41 52.55
CA GLU C 408 9.19 3.46 51.58
C GLU C 408 10.39 2.59 51.99
N ALA C 409 10.47 1.39 51.42
CA ALA C 409 11.55 0.48 51.78
C ALA C 409 12.92 1.00 51.36
N ASP C 410 12.97 1.77 50.27
CA ASP C 410 14.18 2.49 49.91
C ASP C 410 13.81 3.92 49.67
N SER C 411 14.73 4.82 49.95
CA SER C 411 14.46 6.25 49.86
C SER C 411 15.74 7.00 49.55
N VAL C 412 15.64 8.10 48.84
CA VAL C 412 16.85 8.79 48.43
C VAL C 412 16.50 10.15 47.87
N TRP C 413 17.38 11.12 48.11
CA TRP C 413 17.20 12.43 47.54
C TRP C 413 18.06 12.49 46.31
N PHE C 414 17.50 13.04 45.23
CA PHE C 414 18.31 13.33 44.08
C PHE C 414 18.73 14.77 44.19
N PHE C 415 20.03 15.01 43.99
CA PHE C 415 20.54 16.37 43.97
C PHE C 415 20.80 16.67 42.51
N ASN C 416 20.14 17.71 42.00
CA ASN C 416 20.20 18.00 40.59
C ASN C 416 21.60 18.17 40.00
N ARG C 417 21.92 17.38 39.01
CA ARG C 417 23.25 17.39 38.46
C ARG C 417 23.63 18.76 37.92
N HIS C 418 22.64 19.57 37.61
CA HIS C 418 22.95 20.87 37.04
C HIS C 418 22.97 21.93 38.12
N TRP C 419 21.90 21.98 38.91
CA TRP C 419 21.67 23.06 39.85
C TRP C 419 22.21 22.83 41.26
N TYR C 420 22.62 21.61 41.57
CA TYR C 420 23.02 21.25 42.93
C TYR C 420 23.79 19.92 42.97
N PRO C 421 24.96 19.87 42.29
CA PRO C 421 25.86 18.73 42.11
C PRO C 421 26.52 18.23 43.39
N VAL C 422 25.77 18.06 44.47
CA VAL C 422 26.35 17.68 45.75
C VAL C 422 26.38 16.17 45.83
N ASP C 423 27.50 15.61 46.28
CA ASP C 423 27.58 14.16 46.48
C ASP C 423 26.35 13.66 47.26
N ASP C 424 25.54 12.80 46.64
CA ASP C 424 24.31 12.35 47.29
C ASP C 424 24.34 10.89 47.70
N SER C 425 25.54 10.35 47.95
CA SER C 425 25.67 8.95 48.35
C SER C 425 24.81 8.60 49.58
N THR C 426 24.35 7.35 49.63
CA THR C 426 23.71 6.79 50.82
C THR C 426 24.72 6.03 51.66
N LYS D 1 -3.21 16.85 -39.62
CA LYS D 1 -2.02 17.73 -39.61
C LYS D 1 -1.40 17.81 -38.21
N ASN D 2 -0.90 18.99 -37.82
CA ASN D 2 -0.40 19.23 -36.47
C ASN D 2 -0.45 20.71 -36.09
N ARG D 3 -1.49 21.08 -35.35
CA ARG D 3 -1.71 22.47 -34.99
C ARG D 3 -1.54 22.73 -33.50
N ASP D 4 -0.90 21.81 -32.79
CA ASP D 4 -0.57 22.01 -31.38
C ASP D 4 0.58 23.02 -31.25
N MET D 5 0.45 23.91 -30.27
CA MET D 5 1.47 24.92 -30.04
C MET D 5 2.80 24.29 -29.65
N PRO D 6 3.89 24.74 -30.28
CA PRO D 6 5.22 24.18 -30.02
C PRO D 6 5.63 24.36 -28.59
N LEU D 7 6.42 23.42 -28.08
CA LEU D 7 6.87 23.47 -26.69
C LEU D 7 7.44 24.83 -26.31
N ASP D 8 8.15 25.49 -27.23
CA ASP D 8 8.80 26.77 -26.93
C ASP D 8 7.90 27.98 -27.09
N SER D 9 6.59 27.76 -27.11
CA SER D 9 5.63 28.86 -27.23
C SER D 9 5.58 29.69 -25.94
N ASP D 10 5.22 30.96 -26.08
CA ASP D 10 5.17 31.87 -24.93
C ASP D 10 4.14 31.47 -23.85
N VAL D 11 3.07 30.81 -24.26
CA VAL D 11 2.08 30.36 -23.30
C VAL D 11 2.65 29.21 -22.48
N PHE D 12 3.70 28.57 -22.98
CA PHE D 12 4.29 27.41 -22.31
C PHE D 12 5.48 27.75 -21.42
N ARG D 13 5.92 29.01 -21.44
CA ARG D 13 7.12 29.45 -20.71
C ARG D 13 7.09 29.09 -19.23
N VAL D 14 8.26 28.75 -18.67
CA VAL D 14 8.36 28.40 -17.25
C VAL D 14 8.65 29.60 -16.35
N PRO D 15 7.79 29.83 -15.34
CA PRO D 15 8.03 30.85 -14.30
C PRO D 15 9.44 30.75 -13.73
N PRO D 16 10.19 31.85 -13.75
CA PRO D 16 11.60 31.83 -13.39
C PRO D 16 11.84 31.78 -11.88
N GLY D 17 13.00 31.27 -11.51
CA GLY D 17 13.40 31.19 -10.11
C GLY D 17 13.48 29.76 -9.62
N TYR D 18 14.39 29.50 -8.70
CA TYR D 18 14.50 28.15 -8.20
C TYR D 18 13.18 27.66 -7.62
N ASN D 19 12.75 26.48 -8.08
CA ASN D 19 11.53 25.82 -7.64
C ASN D 19 10.31 26.72 -7.65
N ALA D 20 10.22 27.60 -8.63
CA ALA D 20 9.07 28.49 -8.72
C ALA D 20 7.83 27.65 -8.98
N PRO D 21 6.76 27.85 -8.17
CA PRO D 21 5.55 27.07 -8.37
C PRO D 21 5.02 27.29 -9.77
N GLN D 22 4.70 26.22 -10.48
CA GLN D 22 4.09 26.39 -11.80
C GLN D 22 2.76 25.63 -11.90
N GLN D 23 2.06 25.81 -13.02
CA GLN D 23 0.77 25.16 -13.30
C GLN D 23 -0.24 25.39 -12.17
N VAL D 24 -0.32 26.64 -11.72
CA VAL D 24 -1.23 26.95 -10.63
C VAL D 24 -2.67 26.93 -11.11
N HIS D 25 -3.55 26.32 -10.32
CA HIS D 25 -4.99 26.36 -10.64
C HIS D 25 -5.83 26.20 -9.38
N ILE D 26 -7.04 26.77 -9.40
CA ILE D 26 -7.91 26.71 -8.24
C ILE D 26 -9.30 26.25 -8.66
N THR D 27 -10.03 25.67 -7.72
CA THR D 27 -11.43 25.29 -7.93
C THR D 27 -12.16 25.34 -6.60
N GLN D 28 -13.48 25.40 -6.66
CA GLN D 28 -14.29 25.45 -5.47
C GLN D 28 -13.89 24.28 -4.60
N GLY D 29 -13.64 24.56 -3.32
CA GLY D 29 -13.16 23.57 -2.37
C GLY D 29 -14.21 22.98 -1.44
N ASP D 30 -15.41 23.56 -1.42
CA ASP D 30 -16.48 23.00 -0.59
C ASP D 30 -17.79 22.98 -1.37
N LEU D 31 -18.89 22.74 -0.67
CA LEU D 31 -20.17 22.58 -1.33
C LEU D 31 -20.83 23.90 -1.70
N VAL D 32 -20.50 24.99 -0.99
CA VAL D 32 -21.27 26.24 -1.13
C VAL D 32 -20.47 27.49 -1.52
N GLY D 33 -19.15 27.42 -1.46
CA GLY D 33 -18.36 28.53 -1.93
C GLY D 33 -17.38 29.08 -0.92
N ARG D 34 -17.37 28.52 0.28
CA ARG D 34 -16.56 29.09 1.34
C ARG D 34 -15.13 28.58 1.32
N ALA D 35 -14.85 27.64 0.42
CA ALA D 35 -13.51 27.05 0.37
C ALA D 35 -12.99 26.98 -1.05
N MET D 36 -11.70 26.71 -1.18
CA MET D 36 -11.07 26.73 -2.48
C MET D 36 -9.90 25.76 -2.48
N ILE D 37 -9.83 24.91 -3.49
CA ILE D 37 -8.68 24.05 -3.65
C ILE D 37 -7.65 24.75 -4.52
N ILE D 38 -6.47 24.97 -3.94
CA ILE D 38 -5.37 25.58 -4.66
C ILE D 38 -4.38 24.48 -5.01
N SER D 39 -3.89 24.47 -6.24
CA SER D 39 -3.02 23.39 -6.72
C SER D 39 -1.86 23.91 -7.54
N TRP D 40 -0.73 23.22 -7.47
CA TRP D 40 0.41 23.58 -8.32
C TRP D 40 1.47 22.49 -8.40
N VAL D 41 2.48 22.73 -9.22
CA VAL D 41 3.56 21.78 -9.39
C VAL D 41 4.89 22.49 -9.19
N THR D 42 5.81 21.84 -8.47
CA THR D 42 7.15 22.37 -8.32
C THR D 42 8.08 21.35 -8.91
N MET D 43 9.08 21.80 -9.65
CA MET D 43 9.84 20.89 -10.48
C MET D 43 11.24 20.57 -9.98
N ASP D 44 11.80 21.44 -9.13
CA ASP D 44 13.16 21.26 -8.63
C ASP D 44 13.22 20.44 -7.34
N GLU D 45 12.21 20.61 -6.49
CA GLU D 45 12.12 19.76 -5.32
C GLU D 45 10.75 19.86 -4.67
N PRO D 46 10.42 18.87 -3.83
CA PRO D 46 9.11 18.79 -3.19
C PRO D 46 8.57 20.16 -2.79
N GLY D 47 9.32 20.91 -1.99
CA GLY D 47 8.87 22.23 -1.57
C GLY D 47 7.75 22.17 -0.54
N SER D 48 7.27 23.34 -0.13
CA SER D 48 6.17 23.42 0.81
C SER D 48 4.82 23.31 0.12
N SER D 49 3.85 22.72 0.81
CA SER D 49 2.49 22.63 0.30
C SER D 49 1.65 23.67 0.99
N ALA D 50 2.31 24.68 1.52
CA ALA D 50 1.62 25.70 2.29
C ALA D 50 1.12 26.81 1.38
N VAL D 51 -0.08 27.30 1.68
CA VAL D 51 -0.62 28.47 1.01
C VAL D 51 -0.73 29.63 2.01
N ARG D 52 -0.20 30.80 1.64
CA ARG D 52 -0.47 32.01 2.42
C ARG D 52 -1.64 32.70 1.76
N TYR D 53 -2.50 33.32 2.57
CA TYR D 53 -3.67 33.98 2.01
C TYR D 53 -4.29 35.03 2.94
N TRP D 54 -4.97 35.99 2.31
CA TRP D 54 -5.56 37.09 3.02
C TRP D 54 -6.49 37.84 2.09
N SER D 55 -7.58 38.39 2.64
CA SER D 55 -8.46 39.25 1.89
C SER D 55 -7.82 40.64 1.74
N GLU D 56 -8.15 41.38 0.68
CA GLU D 56 -7.57 42.71 0.52
C GLU D 56 -8.10 43.64 1.61
N LYS D 57 -9.27 43.28 2.15
CA LYS D 57 -9.92 44.02 3.24
C LYS D 57 -9.22 43.73 4.56
N ASN D 58 -9.95 43.12 5.50
CA ASN D 58 -9.34 42.55 6.70
C ASN D 58 -8.00 41.88 6.34
N GLY D 59 -6.89 42.49 6.75
CA GLY D 59 -5.60 42.06 6.27
C GLY D 59 -4.83 40.95 7.00
N ARG D 60 -5.50 40.08 7.76
CA ARG D 60 -4.78 39.03 8.48
C ARG D 60 -4.29 37.91 7.56
N LYS D 61 -2.98 37.67 7.57
CA LYS D 61 -2.41 36.63 6.72
C LYS D 61 -2.36 35.26 7.38
N ARG D 62 -3.26 34.38 6.94
CA ARG D 62 -3.33 33.01 7.44
C ARG D 62 -2.53 32.04 6.56
N ILE D 63 -2.32 30.82 7.06
CA ILE D 63 -1.60 29.81 6.31
C ILE D 63 -2.29 28.47 6.27
N ALA D 64 -2.55 27.99 5.06
CA ALA D 64 -3.21 26.71 4.84
C ALA D 64 -2.18 25.64 4.57
N LYS D 65 -2.39 24.45 5.14
CA LYS D 65 -1.48 23.34 4.90
C LYS D 65 -2.13 22.19 4.11
N GLY D 66 -1.42 21.72 3.09
CA GLY D 66 -1.94 20.69 2.20
C GLY D 66 -0.98 19.53 2.03
N LYS D 67 -1.17 18.74 0.98
CA LYS D 67 -0.35 17.55 0.75
C LYS D 67 0.40 17.62 -0.56
N MET D 68 1.47 16.84 -0.69
CA MET D 68 2.21 16.75 -1.93
C MET D 68 2.13 15.31 -2.47
N SER D 69 2.09 15.16 -3.79
CA SER D 69 2.03 13.84 -4.38
C SER D 69 2.85 13.79 -5.69
N THR D 70 3.18 12.58 -6.11
CA THR D 70 3.87 12.38 -7.38
C THR D 70 3.25 11.17 -8.06
N TYR D 71 3.39 11.08 -9.37
CA TYR D 71 2.98 9.86 -10.07
C TYR D 71 3.97 9.54 -11.19
N ARG D 72 3.95 8.30 -11.66
CA ARG D 72 4.65 7.95 -12.87
C ARG D 72 3.67 7.45 -13.92
N PHE D 73 4.05 7.57 -15.18
CA PHE D 73 3.26 7.05 -16.28
C PHE D 73 4.25 6.53 -17.30
N PHE D 74 4.37 5.21 -17.41
CA PHE D 74 5.33 4.65 -18.35
C PHE D 74 6.73 5.27 -18.09
N ASN D 75 7.34 5.89 -19.09
CA ASN D 75 8.67 6.47 -18.89
C ASN D 75 8.68 7.92 -18.39
N TYR D 76 7.53 8.40 -17.89
CA TYR D 76 7.39 9.78 -17.41
C TYR D 76 7.32 9.89 -15.90
N SER D 77 8.08 10.84 -15.33
CA SER D 77 8.03 11.13 -13.90
C SER D 77 7.45 12.51 -13.65
N SER D 78 6.37 12.57 -12.86
CA SER D 78 5.73 13.85 -12.59
C SER D 78 6.65 14.70 -11.74
N GLY D 79 6.36 16.00 -11.66
CA GLY D 79 7.01 16.83 -10.66
C GLY D 79 6.27 16.70 -9.35
N PHE D 80 6.45 17.69 -8.49
CA PHE D 80 5.85 17.64 -7.17
C PHE D 80 4.55 18.36 -7.17
N ILE D 81 3.47 17.60 -6.99
CA ILE D 81 2.12 18.12 -7.12
C ILE D 81 1.51 18.45 -5.77
N HIS D 82 1.05 19.68 -5.63
CA HIS D 82 0.47 20.14 -4.37
C HIS D 82 -1.00 20.50 -4.54
N HIS D 83 -1.80 20.06 -3.58
CA HIS D 83 -3.19 20.50 -3.45
C HIS D 83 -3.34 20.95 -2.01
N THR D 84 -3.91 22.13 -1.81
CA THR D 84 -4.19 22.62 -0.47
C THR D 84 -5.56 23.23 -0.46
N THR D 85 -6.32 22.98 0.60
CA THR D 85 -7.64 23.56 0.68
C THR D 85 -7.69 24.72 1.67
N ILE D 86 -7.95 25.92 1.15
CA ILE D 86 -8.23 27.07 1.99
C ILE D 86 -9.72 27.06 2.32
N ARG D 87 -10.05 27.00 3.62
CA ARG D 87 -11.44 26.96 4.07
C ARG D 87 -11.87 28.21 4.81
N LYS D 88 -13.11 28.17 5.30
CA LYS D 88 -13.74 29.24 6.08
C LYS D 88 -13.54 30.66 5.55
N LEU D 89 -13.66 30.81 4.24
CA LEU D 89 -13.53 32.12 3.60
C LEU D 89 -14.81 32.95 3.71
N LYS D 90 -14.67 34.26 3.55
CA LYS D 90 -15.80 35.16 3.61
C LYS D 90 -16.40 35.24 2.22
N TYR D 91 -17.73 35.23 2.13
CA TYR D 91 -18.39 35.36 0.84
C TYR D 91 -18.08 36.71 0.19
N ASN D 92 -18.13 36.70 -1.13
CA ASN D 92 -18.04 37.92 -1.91
C ASN D 92 -16.85 38.80 -1.52
N THR D 93 -15.67 38.22 -1.42
CA THR D 93 -14.47 39.04 -1.20
C THR D 93 -13.23 38.59 -1.97
N LYS D 94 -12.43 39.57 -2.38
CA LYS D 94 -11.16 39.31 -3.05
C LYS D 94 -10.15 38.78 -2.04
N TYR D 95 -9.50 37.67 -2.36
CA TYR D 95 -8.46 37.08 -1.52
C TYR D 95 -7.17 36.95 -2.31
N TYR D 96 -6.05 37.30 -1.69
CA TYR D 96 -4.75 37.06 -2.29
C TYR D 96 -4.21 35.79 -1.70
N TYR D 97 -3.66 34.93 -2.54
CA TYR D 97 -2.98 33.75 -2.03
C TYR D 97 -1.59 33.66 -2.65
N GLU D 98 -0.68 33.00 -1.94
CA GLU D 98 0.68 32.80 -2.39
C GLU D 98 1.07 31.34 -2.18
N VAL D 99 1.90 30.83 -3.09
CA VAL D 99 2.47 29.49 -2.98
C VAL D 99 3.96 29.55 -3.22
N GLY D 100 4.67 28.49 -2.90
CA GLY D 100 6.12 28.47 -3.02
C GLY D 100 6.81 29.24 -1.92
N LEU D 101 6.34 29.06 -0.69
CA LEU D 101 6.75 29.87 0.44
C LEU D 101 8.20 29.68 0.88
N ARG D 102 8.80 28.55 0.51
CA ARG D 102 10.15 28.20 0.94
C ARG D 102 11.21 28.80 0.03
N ASN D 103 10.86 29.00 -1.23
CA ASN D 103 11.80 29.52 -2.21
C ASN D 103 11.14 30.63 -3.04
N THR D 104 11.16 30.50 -4.36
CA THR D 104 10.47 31.45 -5.22
C THR D 104 8.97 31.46 -4.95
N THR D 105 8.47 32.62 -4.56
CA THR D 105 7.05 32.80 -4.23
C THR D 105 6.32 33.47 -5.38
N ARG D 106 5.10 33.02 -5.64
CA ARG D 106 4.28 33.69 -6.61
C ARG D 106 2.93 34.04 -6.01
N ARG D 107 2.41 35.21 -6.37
CA ARG D 107 1.15 35.69 -5.79
C ARG D 107 0.02 35.64 -6.82
N PHE D 108 -1.16 35.23 -6.36
CA PHE D 108 -2.34 35.24 -7.21
C PHE D 108 -3.50 35.73 -6.37
N SER D 109 -4.69 35.75 -6.94
CA SER D 109 -5.86 36.29 -6.26
C SER D 109 -7.11 35.66 -6.81
N PHE D 110 -8.19 35.69 -6.04
CA PHE D 110 -9.48 35.23 -6.52
C PHE D 110 -10.60 35.93 -5.77
N ILE D 111 -11.82 35.80 -6.26
CA ILE D 111 -12.95 36.45 -5.60
C ILE D 111 -14.00 35.42 -5.27
N THR D 112 -14.28 35.26 -3.98
CA THR D 112 -15.28 34.29 -3.56
C THR D 112 -16.59 34.72 -4.16
N PRO D 113 -17.47 33.75 -4.38
CA PRO D 113 -18.80 34.04 -4.90
C PRO D 113 -19.70 34.55 -3.79
N PRO D 114 -20.79 35.25 -4.16
CA PRO D 114 -21.78 35.62 -3.16
C PRO D 114 -22.26 34.35 -2.49
N GLN D 115 -22.85 34.46 -1.31
CA GLN D 115 -23.48 33.31 -0.67
C GLN D 115 -24.65 32.80 -1.52
N THR D 116 -24.83 31.48 -1.62
CA THR D 116 -25.94 30.97 -2.43
C THR D 116 -27.22 31.64 -2.00
N GLY D 117 -28.07 31.95 -2.97
CA GLY D 117 -29.32 32.64 -2.72
C GLY D 117 -30.20 32.62 -3.94
N LEU D 118 -31.51 32.70 -3.72
CA LEU D 118 -32.47 32.60 -4.82
C LEU D 118 -32.22 33.62 -5.93
N ASP D 119 -31.81 34.83 -5.58
CA ASP D 119 -31.72 35.87 -6.60
C ASP D 119 -30.31 36.41 -6.87
N VAL D 120 -29.31 35.57 -6.58
CA VAL D 120 -27.93 35.92 -6.82
C VAL D 120 -27.49 35.75 -8.28
N PRO D 121 -27.19 36.85 -8.97
CA PRO D 121 -26.66 36.83 -10.34
C PRO D 121 -25.25 36.28 -10.40
N TYR D 122 -24.90 35.62 -11.50
CA TYR D 122 -23.55 35.09 -11.63
C TYR D 122 -23.27 34.68 -13.07
N THR D 123 -22.06 34.95 -13.56
CA THR D 123 -21.73 34.63 -14.96
C THR D 123 -20.76 33.44 -15.10
N PHE D 124 -21.24 32.34 -15.68
CA PHE D 124 -20.37 31.19 -15.95
C PHE D 124 -19.87 31.15 -17.40
N GLY D 125 -18.58 30.90 -17.53
CA GLY D 125 -17.98 30.53 -18.79
C GLY D 125 -18.24 29.06 -19.08
N LEU D 126 -18.31 28.74 -20.36
CA LEU D 126 -18.53 27.37 -20.77
C LEU D 126 -17.50 27.02 -21.82
N ILE D 127 -16.70 26.01 -21.53
CA ILE D 127 -15.55 25.62 -22.33
C ILE D 127 -15.40 24.12 -22.31
N GLY D 128 -15.29 23.53 -23.50
CA GLY D 128 -15.11 22.10 -23.61
C GLY D 128 -13.99 21.76 -24.56
N ASP D 129 -13.36 20.60 -24.36
CA ASP D 129 -12.41 20.09 -25.34
C ASP D 129 -11.36 21.16 -25.69
N LEU D 130 -10.74 21.76 -24.68
CA LEU D 130 -9.85 22.88 -24.90
C LEU D 130 -8.60 22.54 -25.72
N GLY D 131 -7.87 21.50 -25.32
CA GLY D 131 -6.61 21.20 -25.95
C GLY D 131 -5.61 22.34 -25.86
N GLN D 132 -4.55 22.25 -26.67
CA GLN D 132 -3.51 23.27 -26.67
C GLN D 132 -3.04 23.56 -28.09
N SER D 133 -3.99 23.73 -29.00
CA SER D 133 -3.69 24.16 -30.37
C SER D 133 -3.67 25.68 -30.44
N PHE D 134 -3.45 26.24 -31.63
CA PHE D 134 -3.49 27.68 -31.73
C PHE D 134 -4.93 28.15 -31.55
N ASP D 135 -5.86 27.40 -32.13
CA ASP D 135 -7.28 27.59 -31.87
C ASP D 135 -7.61 27.66 -30.37
N SER D 136 -7.08 26.72 -29.60
CA SER D 136 -7.24 26.73 -28.15
C SER D 136 -6.86 28.08 -27.55
N ASN D 137 -5.66 28.55 -27.90
CA ASN D 137 -5.20 29.81 -27.37
C ASN D 137 -6.16 30.95 -27.73
N THR D 138 -6.68 30.93 -28.95
CA THR D 138 -7.64 31.94 -29.38
C THR D 138 -8.90 31.95 -28.52
N THR D 139 -9.48 30.78 -28.30
CA THR D 139 -10.65 30.68 -27.43
C THR D 139 -10.37 31.25 -26.05
N LEU D 140 -9.41 30.68 -25.33
CA LEU D 140 -9.13 31.18 -23.99
C LEU D 140 -8.97 32.69 -24.02
N SER D 141 -8.33 33.19 -25.07
CA SER D 141 -8.10 34.61 -25.18
C SER D 141 -9.43 35.36 -25.36
N HIS D 142 -10.36 34.77 -26.09
CA HIS D 142 -11.67 35.40 -26.22
C HIS D 142 -12.39 35.45 -24.88
N TYR D 143 -12.48 34.29 -24.23
CA TYR D 143 -13.14 34.22 -22.96
C TYR D 143 -12.65 35.31 -21.99
N GLU D 144 -11.35 35.43 -21.82
CA GLU D 144 -10.84 36.38 -20.83
C GLU D 144 -11.12 37.84 -21.25
N LEU D 145 -11.23 38.06 -22.56
CA LEU D 145 -11.57 39.37 -23.10
C LEU D 145 -13.07 39.64 -23.26
N SER D 146 -13.92 38.72 -22.83
CA SER D 146 -15.36 38.92 -22.95
C SER D 146 -15.78 40.06 -22.05
N PRO D 147 -16.67 40.92 -22.54
CA PRO D 147 -17.21 42.03 -21.73
C PRO D 147 -18.22 41.52 -20.70
N LYS D 148 -18.90 40.41 -21.01
CA LYS D 148 -19.80 39.77 -20.06
C LYS D 148 -19.05 39.43 -18.76
N LYS D 149 -17.74 39.23 -18.88
CA LYS D 149 -16.83 39.01 -17.72
C LYS D 149 -17.16 37.77 -16.88
N GLY D 150 -16.60 36.62 -17.28
CA GLY D 150 -16.89 35.36 -16.63
C GLY D 150 -16.22 35.21 -15.28
N GLN D 151 -16.95 34.63 -14.32
CA GLN D 151 -16.45 34.51 -12.96
C GLN D 151 -15.99 33.08 -12.62
N THR D 152 -16.57 32.10 -13.29
CA THR D 152 -16.19 30.72 -13.10
C THR D 152 -16.32 30.06 -14.45
N VAL D 153 -15.40 29.18 -14.78
CA VAL D 153 -15.52 28.36 -15.98
C VAL D 153 -16.12 27.00 -15.66
N LEU D 154 -17.23 26.65 -16.30
CA LEU D 154 -17.68 25.27 -16.25
C LEU D 154 -16.99 24.54 -17.39
N PHE D 155 -16.19 23.52 -17.05
CA PHE D 155 -15.39 22.84 -18.05
C PHE D 155 -15.88 21.41 -18.29
N VAL D 156 -16.35 21.14 -19.50
CA VAL D 156 -17.08 19.91 -19.79
C VAL D 156 -16.24 18.74 -20.32
N GLY D 157 -14.94 18.72 -20.04
CA GLY D 157 -14.14 17.57 -20.39
C GLY D 157 -13.18 17.74 -21.54
N ASP D 158 -12.12 16.92 -21.51
CA ASP D 158 -11.05 16.92 -22.52
C ASP D 158 -10.16 18.15 -22.38
N LEU D 159 -9.10 17.97 -21.61
CA LEU D 159 -8.27 19.09 -21.19
C LEU D 159 -7.05 19.32 -22.07
N SER D 160 -6.05 18.45 -21.94
CA SER D 160 -4.76 18.69 -22.57
C SER D 160 -4.58 17.95 -23.92
N TYR D 161 -5.47 17.01 -24.21
CA TYR D 161 -5.27 16.07 -25.33
C TYR D 161 -3.86 15.45 -25.34
N ALA D 162 -3.26 15.37 -24.16
CA ALA D 162 -1.91 14.85 -24.03
C ALA D 162 -1.84 13.39 -24.40
N ASP D 163 -2.97 12.70 -24.46
CA ASP D 163 -2.96 11.28 -24.77
C ASP D 163 -2.82 10.97 -26.27
N ARG D 164 -2.80 12.01 -27.09
CA ARG D 164 -2.60 11.84 -28.52
C ARG D 164 -1.13 11.72 -28.88
N TYR D 165 -0.29 12.10 -27.93
CA TYR D 165 1.14 12.09 -28.14
C TYR D 165 1.73 10.68 -27.94
N PRO D 166 2.96 10.47 -28.43
CA PRO D 166 3.74 9.24 -28.16
C PRO D 166 3.79 8.90 -26.66
N ASN D 167 3.22 7.76 -26.27
CA ASN D 167 3.16 7.37 -24.86
C ASN D 167 2.40 8.34 -23.98
N HIS D 168 1.35 8.94 -24.53
CA HIS D 168 0.61 9.98 -23.81
C HIS D 168 1.55 11.02 -23.26
N ASP D 169 2.69 11.23 -23.93
CA ASP D 169 3.73 12.13 -23.43
C ASP D 169 3.13 13.12 -22.46
N ASN D 170 3.40 12.91 -21.17
CA ASN D 170 2.72 13.67 -20.12
C ASN D 170 3.31 15.06 -19.93
N VAL D 171 4.41 15.34 -20.61
CA VAL D 171 4.93 16.70 -20.63
C VAL D 171 3.81 17.60 -21.16
N ARG D 172 3.05 17.08 -22.10
CA ARG D 172 1.94 17.81 -22.67
C ARG D 172 0.80 18.09 -21.67
N TRP D 173 0.85 17.44 -20.50
CA TRP D 173 -0.04 17.79 -19.38
C TRP D 173 0.56 19.01 -18.69
N ASP D 174 1.87 19.00 -18.51
CA ASP D 174 2.57 20.08 -17.84
C ASP D 174 2.41 21.40 -18.60
N THR D 175 2.53 21.34 -19.92
CA THR D 175 2.37 22.54 -20.75
C THR D 175 0.94 23.10 -20.69
N TRP D 176 -0.04 22.21 -20.74
CA TRP D 176 -1.41 22.64 -20.66
C TRP D 176 -1.72 23.24 -19.29
N GLY D 177 -0.99 22.79 -18.28
CA GLY D 177 -1.08 23.40 -16.98
C GLY D 177 -0.59 24.83 -17.01
N ARG D 178 0.58 25.05 -17.61
CA ARG D 178 1.18 26.38 -17.62
C ARG D 178 0.44 27.32 -18.58
N PHE D 179 -0.20 26.75 -19.58
CA PHE D 179 -0.95 27.55 -20.55
C PHE D 179 -2.24 28.05 -19.92
N THR D 180 -3.00 27.17 -19.28
CA THR D 180 -4.26 27.58 -18.68
C THR D 180 -4.08 28.43 -17.43
N GLU D 181 -2.92 28.36 -16.81
CA GLU D 181 -2.71 29.13 -15.58
C GLU D 181 -3.17 30.59 -15.58
N ARG D 182 -3.02 31.29 -16.69
CA ARG D 182 -3.33 32.72 -16.74
C ARG D 182 -4.81 33.01 -16.49
N SER D 183 -5.63 31.97 -16.61
CA SER D 183 -7.05 32.06 -16.30
C SER D 183 -7.41 31.36 -14.98
N VAL D 184 -7.11 30.08 -14.88
CA VAL D 184 -7.62 29.26 -13.80
C VAL D 184 -6.90 29.48 -12.45
N ALA D 185 -5.82 30.27 -12.46
CA ALA D 185 -5.14 30.58 -11.21
C ALA D 185 -5.86 31.71 -10.50
N TYR D 186 -6.78 32.35 -11.22
CA TYR D 186 -7.53 33.48 -10.67
C TYR D 186 -9.03 33.22 -10.59
N GLN D 187 -9.52 32.20 -11.27
CA GLN D 187 -10.92 31.80 -11.12
C GLN D 187 -11.09 30.28 -11.19
N PRO D 188 -12.01 29.74 -10.40
CA PRO D 188 -12.23 28.30 -10.43
C PRO D 188 -12.62 27.85 -11.82
N TRP D 189 -12.07 26.74 -12.29
CA TRP D 189 -12.69 26.02 -13.37
C TRP D 189 -13.30 24.77 -12.75
N ILE D 190 -14.58 24.50 -13.01
CA ILE D 190 -15.22 23.30 -12.50
C ILE D 190 -14.97 22.15 -13.48
N TRP D 191 -14.26 21.12 -13.03
CA TRP D 191 -13.80 20.05 -13.91
C TRP D 191 -14.77 18.88 -14.12
N THR D 192 -15.02 18.55 -15.39
CA THR D 192 -15.71 17.33 -15.79
C THR D 192 -14.66 16.43 -16.45
N ALA D 193 -14.81 15.11 -16.31
CA ALA D 193 -13.86 14.16 -16.89
C ALA D 193 -14.33 13.66 -18.26
N GLY D 194 -13.50 13.88 -19.29
CA GLY D 194 -13.83 13.48 -20.66
C GLY D 194 -13.06 12.23 -21.07
N ASN D 195 -13.32 11.74 -22.28
CA ASN D 195 -12.66 10.50 -22.73
C ASN D 195 -11.14 10.63 -22.95
N HIS D 196 -10.66 11.85 -23.22
CA HIS D 196 -9.22 12.04 -23.32
C HIS D 196 -8.54 12.02 -21.97
N GLU D 197 -9.32 11.92 -20.90
CA GLU D 197 -8.75 11.81 -19.58
C GLU D 197 -8.73 10.40 -19.06
N ILE D 198 -9.37 9.48 -19.77
CA ILE D 198 -9.35 8.07 -19.38
C ILE D 198 -7.93 7.47 -19.40
N GLU D 199 -7.15 7.83 -20.40
CA GLU D 199 -5.77 7.37 -20.54
C GLU D 199 -5.59 5.87 -20.23
N PHE D 200 -6.49 5.07 -20.80
CA PHE D 200 -6.40 3.62 -20.68
C PHE D 200 -5.44 3.07 -21.73
N ALA D 201 -4.25 2.70 -21.30
CA ALA D 201 -3.22 2.29 -22.23
C ALA D 201 -2.59 0.99 -21.76
N PRO D 202 -3.30 -0.12 -21.93
CA PRO D 202 -2.78 -1.42 -21.48
C PRO D 202 -1.44 -1.72 -22.13
N GLU D 203 -1.28 -1.28 -23.37
CA GLU D 203 -0.10 -1.56 -24.16
C GLU D 203 1.21 -1.07 -23.52
N ILE D 204 1.10 -0.21 -22.52
CA ILE D 204 2.27 0.21 -21.74
C ILE D 204 2.00 0.14 -20.24
N ASN D 205 1.32 -0.91 -19.82
CA ASN D 205 1.03 -1.14 -18.41
C ASN D 205 0.49 0.10 -17.64
N GLU D 206 -0.28 0.94 -18.30
CA GLU D 206 -1.04 1.96 -17.59
C GLU D 206 -2.52 1.64 -17.73
N THR D 207 -3.07 0.97 -16.72
CA THR D 207 -4.40 0.42 -16.84
C THR D 207 -5.36 0.98 -15.82
N GLU D 208 -4.99 2.10 -15.21
CA GLU D 208 -5.81 2.72 -14.18
C GLU D 208 -6.52 3.95 -14.74
N PRO D 209 -7.83 3.83 -15.00
CA PRO D 209 -8.47 4.94 -15.71
C PRO D 209 -8.28 6.27 -14.97
N PHE D 210 -7.99 7.31 -15.75
CA PHE D 210 -8.02 8.69 -15.26
C PHE D 210 -6.81 9.12 -14.45
N LYS D 211 -5.82 8.24 -14.31
CA LYS D 211 -4.69 8.52 -13.42
C LYS D 211 -4.13 9.94 -13.52
N PRO D 212 -3.48 10.30 -14.64
CA PRO D 212 -2.83 11.61 -14.65
C PRO D 212 -3.81 12.71 -14.27
N PHE D 213 -4.96 12.68 -14.91
CA PHE D 213 -6.00 13.65 -14.57
C PHE D 213 -6.30 13.68 -13.05
N SER D 214 -6.46 12.52 -12.43
CA SER D 214 -6.92 12.47 -11.05
C SER D 214 -5.86 12.97 -10.07
N TYR D 215 -4.60 12.81 -10.45
CA TYR D 215 -3.50 13.37 -9.68
C TYR D 215 -3.39 14.89 -9.83
N ARG D 216 -3.61 15.40 -11.03
CA ARG D 216 -3.37 16.82 -11.29
C ARG D 216 -4.56 17.73 -10.94
N TYR D 217 -5.75 17.17 -10.92
CA TYR D 217 -6.94 18.00 -10.72
C TYR D 217 -7.88 17.41 -9.69
N HIS D 218 -7.87 17.96 -8.49
CA HIS D 218 -8.79 17.55 -7.44
C HIS D 218 -10.08 18.34 -7.54
N VAL D 219 -11.17 17.69 -7.13
CA VAL D 219 -12.46 18.33 -7.04
C VAL D 219 -12.96 18.05 -5.62
N PRO D 220 -14.00 18.78 -5.18
CA PRO D 220 -14.50 18.60 -3.82
C PRO D 220 -15.57 17.53 -3.68
N TYR D 221 -15.30 16.29 -4.11
CA TYR D 221 -16.37 15.27 -4.17
C TYR D 221 -17.00 14.82 -2.86
N GLU D 222 -16.23 14.67 -1.79
CA GLU D 222 -16.82 14.33 -0.50
C GLU D 222 -17.81 15.41 -0.06
N ALA D 223 -17.57 16.65 -0.45
CA ALA D 223 -18.47 17.73 -0.10
C ALA D 223 -19.93 17.37 -0.39
N SER D 224 -20.16 16.56 -1.40
CA SER D 224 -21.53 16.20 -1.79
C SER D 224 -21.86 14.73 -1.54
N GLN D 225 -21.04 14.07 -0.73
CA GLN D 225 -21.28 12.69 -0.31
C GLN D 225 -21.10 11.72 -1.47
N SER D 226 -20.25 12.09 -2.42
CA SER D 226 -19.86 11.20 -3.50
C SER D 226 -18.61 10.43 -3.07
N THR D 227 -18.41 9.27 -3.66
CA THR D 227 -17.30 8.43 -3.28
C THR D 227 -16.24 8.49 -4.36
N SER D 228 -16.41 9.37 -5.32
CA SER D 228 -15.50 9.42 -6.45
C SER D 228 -15.36 10.82 -6.97
N PRO D 229 -14.17 11.17 -7.44
CA PRO D 229 -13.82 12.46 -8.03
C PRO D 229 -14.54 12.72 -9.35
N PHE D 230 -15.14 11.69 -9.93
CA PHE D 230 -15.69 11.82 -11.28
C PHE D 230 -17.12 12.26 -11.31
N TRP D 231 -17.85 12.11 -10.21
CA TRP D 231 -19.15 12.72 -10.09
C TRP D 231 -19.31 13.44 -8.77
N TYR D 232 -19.78 14.68 -8.82
CA TYR D 232 -19.98 15.47 -7.61
C TYR D 232 -20.85 16.64 -7.98
N SER D 233 -21.31 17.38 -6.98
CA SER D 233 -22.03 18.62 -7.22
C SER D 233 -21.51 19.73 -6.34
N ILE D 234 -21.77 20.96 -6.73
CA ILE D 234 -21.41 22.11 -5.93
C ILE D 234 -22.50 23.12 -6.14
N LYS D 235 -22.68 23.98 -5.15
CA LYS D 235 -23.61 25.09 -5.26
C LYS D 235 -22.75 26.34 -5.30
N ARG D 236 -23.08 27.25 -6.22
CA ARG D 236 -22.35 28.50 -6.31
C ARG D 236 -23.32 29.56 -6.78
N ALA D 237 -23.46 30.62 -6.00
CA ALA D 237 -24.42 31.65 -6.32
C ALA D 237 -25.81 31.04 -6.33
N SER D 238 -26.54 31.23 -7.42
CA SER D 238 -27.90 30.72 -7.51
C SER D 238 -27.96 29.43 -8.31
N ALA D 239 -26.84 28.76 -8.44
CA ALA D 239 -26.81 27.55 -9.26
C ALA D 239 -26.43 26.31 -8.47
N HIS D 240 -27.13 25.23 -8.78
CA HIS D 240 -26.77 23.94 -8.28
C HIS D 240 -26.19 23.17 -9.46
N ILE D 241 -24.92 22.80 -9.38
CA ILE D 241 -24.26 22.19 -10.52
C ILE D 241 -23.91 20.73 -10.26
N ILE D 242 -24.52 19.84 -11.01
CA ILE D 242 -24.25 18.42 -10.91
C ILE D 242 -23.28 18.03 -12.03
N VAL D 243 -22.18 17.39 -11.65
CA VAL D 243 -21.15 16.98 -12.59
C VAL D 243 -21.11 15.46 -12.67
N LEU D 244 -21.26 14.91 -13.88
CA LEU D 244 -21.34 13.47 -14.09
C LEU D 244 -20.19 12.93 -14.92
N SER D 245 -20.11 11.61 -15.03
CA SER D 245 -18.98 10.97 -15.67
C SER D 245 -19.49 10.04 -16.75
N SER D 246 -19.32 10.47 -17.99
CA SER D 246 -19.77 9.69 -19.13
C SER D 246 -19.05 8.34 -19.19
N TYR D 247 -17.94 8.22 -18.46
CA TYR D 247 -17.06 7.04 -18.56
C TYR D 247 -16.83 6.26 -17.24
N SER D 248 -17.73 6.45 -16.29
CA SER D 248 -17.79 5.59 -15.11
C SER D 248 -19.11 4.84 -15.16
N ALA D 249 -19.29 3.86 -14.31
CA ALA D 249 -20.51 3.06 -14.36
C ALA D 249 -21.70 3.97 -14.12
N TYR D 250 -22.83 3.66 -14.76
CA TYR D 250 -24.07 4.31 -14.37
C TYR D 250 -25.26 3.36 -14.41
N GLY D 251 -24.99 2.07 -14.26
CA GLY D 251 -26.04 1.09 -14.17
C GLY D 251 -26.84 1.21 -12.88
N ARG D 252 -28.02 0.59 -12.86
CA ARG D 252 -28.86 0.62 -11.66
C ARG D 252 -28.14 -0.08 -10.52
N GLY D 253 -27.79 0.67 -9.50
CA GLY D 253 -27.15 0.11 -8.34
C GLY D 253 -25.72 0.53 -8.21
N THR D 254 -25.15 1.08 -9.28
CA THR D 254 -23.78 1.58 -9.21
C THR D 254 -23.65 2.80 -8.29
N PRO D 255 -22.43 3.09 -7.85
CA PRO D 255 -22.20 4.32 -7.10
C PRO D 255 -22.72 5.60 -7.77
N GLN D 256 -22.29 5.89 -9.00
CA GLN D 256 -22.72 7.14 -9.65
C GLN D 256 -24.23 7.21 -9.75
N TYR D 257 -24.83 6.13 -10.21
CA TYR D 257 -26.27 6.03 -10.30
C TYR D 257 -26.90 6.31 -8.92
N THR D 258 -26.48 5.57 -7.92
CA THR D 258 -27.02 5.77 -6.57
C THR D 258 -26.83 7.19 -6.05
N TRP D 259 -25.64 7.76 -6.24
CA TRP D 259 -25.36 9.13 -5.81
C TRP D 259 -26.24 10.17 -6.51
N LEU D 260 -26.45 9.99 -7.81
CA LEU D 260 -27.22 10.96 -8.58
C LEU D 260 -28.65 10.97 -8.08
N LYS D 261 -29.24 9.79 -7.98
CA LYS D 261 -30.62 9.67 -7.54
C LYS D 261 -30.91 10.38 -6.23
N LYS D 262 -29.96 10.33 -5.29
CA LYS D 262 -30.11 11.02 -4.00
C LYS D 262 -29.88 12.50 -4.19
N GLU D 263 -28.79 12.85 -4.85
CA GLU D 263 -28.39 14.24 -5.01
C GLU D 263 -29.53 15.13 -5.50
N LEU D 264 -30.17 14.72 -6.59
CA LEU D 264 -31.34 15.42 -7.13
C LEU D 264 -32.40 15.68 -6.05
N ARG D 265 -32.70 14.66 -5.26
CA ARG D 265 -33.57 14.84 -4.09
C ARG D 265 -33.11 15.93 -3.12
N LYS D 266 -31.85 16.35 -3.19
CA LYS D 266 -31.32 17.38 -2.31
C LYS D 266 -31.37 18.79 -2.92
N VAL D 267 -32.02 18.91 -4.07
CA VAL D 267 -32.00 20.17 -4.77
C VAL D 267 -33.14 21.05 -4.27
N LYS D 268 -32.78 22.21 -3.75
CA LYS D 268 -33.79 23.19 -3.28
C LYS D 268 -33.83 24.36 -4.24
N ARG D 269 -34.89 24.41 -5.04
CA ARG D 269 -35.00 25.43 -6.09
C ARG D 269 -35.18 26.88 -5.59
N SER D 270 -35.64 27.02 -4.35
CA SER D 270 -35.80 28.33 -3.72
C SER D 270 -34.48 28.89 -3.20
N GLU D 271 -33.49 28.01 -3.08
CA GLU D 271 -32.17 28.40 -2.64
C GLU D 271 -31.18 28.48 -3.82
N THR D 272 -31.30 27.53 -4.75
CA THR D 272 -30.55 27.60 -6.00
C THR D 272 -31.51 27.24 -7.13
N PRO D 273 -32.05 28.26 -7.82
CA PRO D 273 -33.10 27.99 -8.78
C PRO D 273 -32.52 27.50 -10.11
N TRP D 274 -31.22 27.66 -10.31
CA TRP D 274 -30.60 27.25 -11.56
C TRP D 274 -29.94 25.91 -11.42
N LEU D 275 -30.59 24.91 -11.98
CA LEU D 275 -30.10 23.55 -11.86
C LEU D 275 -29.43 23.16 -13.15
N ILE D 276 -28.11 22.99 -13.06
CA ILE D 276 -27.27 22.74 -14.21
C ILE D 276 -26.57 21.42 -14.07
N VAL D 277 -26.56 20.66 -15.16
CA VAL D 277 -25.88 19.38 -15.21
C VAL D 277 -24.72 19.49 -16.19
N LEU D 278 -23.61 18.86 -15.83
CA LEU D 278 -22.46 18.76 -16.74
C LEU D 278 -22.16 17.29 -17.03
N MET D 279 -21.63 17.02 -18.21
CA MET D 279 -21.22 15.66 -18.60
C MET D 279 -20.48 15.80 -19.90
N HIS D 280 -19.59 14.86 -20.22
CA HIS D 280 -18.78 15.05 -21.42
C HIS D 280 -19.52 14.67 -22.71
N SER D 281 -20.08 13.47 -22.73
CA SER D 281 -20.76 12.99 -23.92
C SER D 281 -22.19 13.50 -23.92
N PRO D 282 -22.59 14.18 -25.00
CA PRO D 282 -23.92 14.77 -25.19
C PRO D 282 -24.99 13.69 -25.33
N LEU D 283 -26.19 13.94 -24.84
CA LEU D 283 -27.29 12.99 -24.98
C LEU D 283 -28.14 13.35 -26.19
N TYR D 284 -28.04 14.61 -26.63
CA TYR D 284 -28.67 15.04 -27.88
C TYR D 284 -27.61 15.62 -28.78
N ASN D 285 -27.45 15.00 -29.94
CA ASN D 285 -26.36 15.35 -30.83
C ASN D 285 -26.68 14.97 -32.27
N SER D 286 -26.70 15.96 -33.15
CA SER D 286 -27.04 15.72 -34.54
C SER D 286 -25.81 15.83 -35.46
N TYR D 287 -24.61 15.83 -34.88
CA TYR D 287 -23.42 15.72 -35.70
C TYR D 287 -23.17 14.25 -35.98
N ASN D 288 -22.48 13.97 -37.09
CA ASN D 288 -22.16 12.58 -37.41
C ASN D 288 -21.18 12.00 -36.40
N HIS D 289 -20.14 12.77 -36.13
CA HIS D 289 -19.16 12.36 -35.15
C HIS D 289 -19.79 12.09 -33.77
N HIS D 290 -19.49 10.92 -33.21
CA HIS D 290 -20.05 10.51 -31.91
C HIS D 290 -21.58 10.49 -31.89
N PHE D 291 -22.20 10.39 -33.06
CA PHE D 291 -23.65 10.36 -33.11
C PHE D 291 -24.19 9.17 -32.31
N MET D 292 -25.15 9.44 -31.45
CA MET D 292 -25.78 8.41 -30.61
C MET D 292 -24.94 7.74 -29.51
N GLU D 293 -23.71 8.22 -29.29
CA GLU D 293 -22.89 7.66 -28.21
C GLU D 293 -23.57 7.85 -26.87
N GLY D 294 -24.18 9.01 -26.67
CA GLY D 294 -24.81 9.36 -25.41
C GLY D 294 -26.10 8.61 -25.14
N GLU D 295 -26.48 7.71 -26.05
CA GLU D 295 -27.73 6.96 -25.89
C GLU D 295 -27.82 6.11 -24.63
N ALA D 296 -26.71 5.55 -24.19
CA ALA D 296 -26.71 4.69 -23.01
C ALA D 296 -27.02 5.48 -21.76
N MET D 297 -26.33 6.61 -21.54
CA MET D 297 -26.61 7.42 -20.38
C MET D 297 -28.00 8.04 -20.45
N ARG D 298 -28.47 8.33 -21.66
CA ARG D 298 -29.81 8.85 -21.84
C ARG D 298 -30.90 7.91 -21.32
N THR D 299 -30.76 6.62 -21.56
CA THR D 299 -31.77 5.68 -21.10
C THR D 299 -31.87 5.71 -19.56
N LYS D 300 -30.74 5.95 -18.88
CA LYS D 300 -30.73 5.91 -17.42
C LYS D 300 -31.14 7.22 -16.79
N PHE D 301 -30.81 8.34 -17.43
CA PHE D 301 -30.88 9.62 -16.72
C PHE D 301 -31.85 10.65 -17.26
N GLU D 302 -32.22 10.53 -18.52
CA GLU D 302 -33.06 11.55 -19.14
C GLU D 302 -34.34 11.78 -18.35
N ALA D 303 -35.07 10.70 -18.05
CA ALA D 303 -36.36 10.85 -17.36
C ALA D 303 -36.23 11.61 -16.04
N TRP D 304 -35.12 11.38 -15.32
CA TRP D 304 -34.86 12.09 -14.06
C TRP D 304 -34.71 13.58 -14.33
N PHE D 305 -33.75 13.92 -15.17
CA PHE D 305 -33.52 15.31 -15.58
C PHE D 305 -34.83 16.07 -15.86
N VAL D 306 -35.82 15.36 -16.40
CA VAL D 306 -37.13 15.92 -16.64
C VAL D 306 -37.98 15.99 -15.36
N LYS D 307 -38.03 14.90 -14.61
CA LYS D 307 -38.76 14.86 -13.36
C LYS D 307 -38.32 15.99 -12.47
N TYR D 308 -37.04 16.36 -12.57
CA TYR D 308 -36.48 17.37 -11.68
C TYR D 308 -36.32 18.71 -12.35
N LYS D 309 -36.99 18.82 -13.50
CA LYS D 309 -37.03 20.04 -14.28
C LYS D 309 -35.68 20.72 -14.37
N VAL D 310 -34.67 20.00 -14.85
CA VAL D 310 -33.35 20.56 -15.00
C VAL D 310 -33.35 21.69 -16.04
N ASP D 311 -32.66 22.79 -15.74
CA ASP D 311 -32.62 23.91 -16.68
C ASP D 311 -31.77 23.64 -17.92
N VAL D 312 -30.55 23.15 -17.74
CA VAL D 312 -29.65 22.96 -18.87
C VAL D 312 -28.60 21.88 -18.59
N VAL D 313 -28.26 21.14 -19.64
CA VAL D 313 -27.20 20.13 -19.59
C VAL D 313 -26.16 20.51 -20.64
N PHE D 314 -24.92 20.75 -20.22
CA PHE D 314 -23.85 21.14 -21.14
C PHE D 314 -22.98 19.93 -21.43
N ALA D 315 -22.51 19.79 -22.66
CA ALA D 315 -21.61 18.70 -23.01
C ALA D 315 -20.51 19.16 -23.96
N GLY D 316 -19.47 18.36 -24.08
CA GLY D 316 -18.42 18.61 -25.05
C GLY D 316 -18.34 17.45 -26.03
N HIS D 317 -17.17 16.83 -26.11
CA HIS D 317 -16.94 15.63 -26.91
C HIS D 317 -16.99 15.91 -28.42
N VAL D 318 -18.17 16.27 -28.95
CA VAL D 318 -18.34 16.71 -30.32
C VAL D 318 -17.73 18.09 -30.53
N HIS D 319 -16.81 18.19 -31.49
CA HIS D 319 -16.04 19.42 -31.70
C HIS D 319 -16.80 20.42 -32.56
N ALA D 320 -17.80 21.06 -31.96
CA ALA D 320 -18.72 21.94 -32.65
C ALA D 320 -19.76 22.45 -31.66
N TYR D 321 -20.75 23.19 -32.14
CA TYR D 321 -21.68 23.85 -31.25
C TYR D 321 -23.11 23.48 -31.57
N GLU D 322 -23.84 22.99 -30.57
CA GLU D 322 -25.25 22.74 -30.79
C GLU D 322 -26.13 23.11 -29.57
N ARG D 323 -27.37 23.48 -29.87
CA ARG D 323 -28.35 23.86 -28.87
C ARG D 323 -29.68 23.19 -29.22
N SER D 324 -30.11 22.24 -28.41
CA SER D 324 -31.36 21.52 -28.65
C SER D 324 -32.55 22.39 -28.30
N GLU D 325 -33.72 21.95 -28.71
CA GLU D 325 -34.94 22.52 -28.17
C GLU D 325 -35.19 21.78 -26.86
N ARG D 326 -36.12 22.29 -26.06
CA ARG D 326 -36.59 21.56 -24.89
C ARG D 326 -37.41 20.38 -25.34
N VAL D 327 -36.78 19.22 -25.41
CA VAL D 327 -37.48 18.00 -25.77
C VAL D 327 -37.17 16.90 -24.78
N SER D 328 -38.00 15.86 -24.79
CA SER D 328 -37.71 14.65 -24.06
C SER D 328 -38.02 13.48 -24.99
N ASN D 329 -37.44 12.33 -24.73
CA ASN D 329 -37.68 11.15 -25.52
C ASN D 329 -37.69 9.97 -24.56
N ILE D 330 -38.70 9.94 -23.70
CA ILE D 330 -38.71 9.05 -22.55
C ILE D 330 -39.99 8.24 -22.43
N ALA D 331 -40.78 8.17 -23.49
CA ALA D 331 -42.03 7.40 -23.49
C ALA D 331 -41.85 5.99 -24.04
N TYR D 332 -40.66 5.71 -24.55
CA TYR D 332 -40.37 4.44 -25.21
C TYR D 332 -40.54 3.24 -24.30
N LYS D 333 -41.17 2.18 -24.85
CA LYS D 333 -41.37 0.93 -24.12
C LYS D 333 -41.14 -0.33 -24.98
N ILE D 334 -40.16 -0.26 -25.88
CA ILE D 334 -39.78 -1.36 -26.79
C ILE D 334 -40.80 -1.58 -27.91
N THR D 335 -42.03 -1.91 -27.52
CA THR D 335 -43.08 -2.27 -28.47
C THR D 335 -44.19 -1.21 -28.60
N ASN D 336 -44.00 -0.04 -28.01
CA ASN D 336 -45.03 0.99 -28.05
C ASN D 336 -44.79 2.03 -29.13
N GLY D 337 -43.69 1.90 -29.86
CA GLY D 337 -43.39 2.78 -30.98
C GLY D 337 -43.00 4.21 -30.62
N LEU D 338 -43.01 4.54 -29.34
CA LEU D 338 -42.79 5.92 -28.92
C LEU D 338 -41.31 6.27 -28.73
N CYS D 339 -40.60 6.46 -29.84
CA CYS D 339 -39.17 6.75 -29.81
C CYS D 339 -38.78 8.07 -30.49
N THR D 340 -39.73 8.95 -30.73
CA THR D 340 -39.39 10.24 -31.29
C THR D 340 -39.41 11.30 -30.20
N PRO D 341 -38.32 12.08 -30.11
CA PRO D 341 -38.30 13.13 -29.12
C PRO D 341 -39.45 14.12 -29.38
N VAL D 342 -40.10 14.62 -28.33
CA VAL D 342 -41.21 15.57 -28.48
C VAL D 342 -40.99 16.83 -27.65
N LYS D 343 -41.60 17.93 -28.06
CA LYS D 343 -41.49 19.19 -27.32
C LYS D 343 -41.88 18.91 -25.90
N ASP D 344 -41.14 19.45 -24.94
CA ASP D 344 -41.43 19.18 -23.54
C ASP D 344 -40.89 20.28 -22.64
N GLN D 345 -41.78 21.07 -22.05
CA GLN D 345 -41.36 22.26 -21.32
C GLN D 345 -40.79 21.94 -19.94
N SER D 346 -40.74 20.66 -19.60
CA SER D 346 -40.16 20.26 -18.32
C SER D 346 -38.73 19.84 -18.50
N ALA D 347 -38.38 19.56 -19.75
CA ALA D 347 -37.05 19.07 -20.09
C ALA D 347 -36.08 20.21 -20.20
N PRO D 348 -34.80 19.93 -20.00
CA PRO D 348 -33.70 20.88 -20.16
C PRO D 348 -33.45 21.23 -21.63
N VAL D 349 -32.69 22.28 -21.84
CA VAL D 349 -32.09 22.49 -23.14
C VAL D 349 -30.74 21.79 -23.11
N TYR D 350 -30.40 21.08 -24.19
CA TYR D 350 -29.11 20.41 -24.27
C TYR D 350 -28.17 21.17 -25.16
N ILE D 351 -26.99 21.46 -24.63
CA ILE D 351 -26.02 22.25 -25.36
C ILE D 351 -24.68 21.52 -25.49
N THR D 352 -24.28 21.27 -26.74
CA THR D 352 -22.95 20.80 -27.03
C THR D 352 -22.05 22.01 -27.20
N ILE D 353 -20.93 22.02 -26.50
CA ILE D 353 -20.05 23.16 -26.54
C ILE D 353 -18.60 22.69 -26.46
N GLY D 354 -18.29 21.65 -27.23
CA GLY D 354 -16.97 21.07 -27.23
C GLY D 354 -16.13 21.59 -28.38
N ASP D 355 -16.10 22.91 -28.56
CA ASP D 355 -15.48 23.50 -29.73
C ASP D 355 -14.46 24.54 -29.34
N ALA D 356 -13.83 24.37 -28.19
CA ALA D 356 -12.86 25.36 -27.72
C ALA D 356 -11.52 25.26 -28.44
N GLY D 357 -11.28 24.17 -29.18
CA GLY D 357 -10.04 24.09 -29.94
C GLY D 357 -9.43 22.73 -30.15
N ASN D 358 -9.49 21.87 -29.12
CA ASN D 358 -8.88 20.54 -29.17
C ASN D 358 -7.53 20.58 -29.89
N TYR D 359 -7.26 19.59 -30.73
CA TYR D 359 -5.99 19.57 -31.45
C TYR D 359 -6.08 20.30 -32.81
N GLY D 360 -7.10 21.13 -32.95
CA GLY D 360 -7.23 22.03 -34.09
C GLY D 360 -8.17 21.61 -35.20
N VAL D 361 -9.07 20.68 -34.88
CA VAL D 361 -9.99 20.11 -35.84
C VAL D 361 -11.45 20.28 -35.43
N ILE D 362 -12.29 20.71 -36.37
CA ILE D 362 -13.71 20.92 -36.09
C ILE D 362 -14.53 19.78 -36.71
N ASP D 363 -15.64 19.42 -36.07
CA ASP D 363 -16.56 18.41 -36.63
C ASP D 363 -17.60 19.11 -37.49
N SER D 364 -17.52 18.94 -38.81
CA SER D 364 -18.44 19.68 -39.67
C SER D 364 -19.60 18.85 -40.23
N ASN D 365 -19.46 17.52 -40.25
CA ASN D 365 -20.51 16.63 -40.75
C ASN D 365 -21.72 16.55 -39.87
N MET D 366 -22.89 16.86 -40.43
CA MET D 366 -24.13 16.82 -39.67
C MET D 366 -25.15 15.90 -40.31
N ILE D 367 -25.95 15.25 -39.48
CA ILE D 367 -27.14 14.56 -39.95
C ILE D 367 -28.01 15.57 -40.68
N GLN D 368 -28.46 15.22 -41.89
CA GLN D 368 -29.42 16.05 -42.60
C GLN D 368 -30.73 15.30 -42.82
N PRO D 369 -31.86 16.02 -42.76
CA PRO D 369 -31.88 17.45 -42.45
C PRO D 369 -31.66 17.72 -40.95
N GLN D 370 -31.56 18.97 -40.54
CA GLN D 370 -31.55 19.28 -39.12
C GLN D 370 -32.81 18.69 -38.50
N PRO D 371 -32.65 17.86 -37.48
CA PRO D 371 -33.76 17.23 -36.73
C PRO D 371 -34.63 18.27 -36.04
N GLU D 372 -35.88 17.92 -35.74
CA GLU D 372 -36.79 18.82 -35.07
C GLU D 372 -36.21 19.30 -33.74
N TYR D 373 -35.46 18.42 -33.08
CA TYR D 373 -35.00 18.68 -31.73
C TYR D 373 -33.76 19.55 -31.67
N SER D 374 -33.17 19.85 -32.82
CA SER D 374 -32.03 20.74 -32.85
C SER D 374 -32.49 22.16 -33.12
N ALA D 375 -32.06 23.09 -32.29
CA ALA D 375 -32.49 24.48 -32.44
C ALA D 375 -31.47 25.25 -33.25
N PHE D 376 -30.21 24.97 -33.01
CA PHE D 376 -29.16 25.68 -33.70
C PHE D 376 -27.90 24.81 -33.68
N ARG D 377 -27.12 24.86 -34.75
CA ARG D 377 -25.87 24.12 -34.78
C ARG D 377 -24.88 24.78 -35.72
N GLU D 378 -23.62 24.80 -35.32
CA GLU D 378 -22.61 25.35 -36.21
C GLU D 378 -21.22 24.84 -35.91
N ALA D 379 -20.50 24.44 -36.95
CA ALA D 379 -19.14 23.96 -36.78
C ALA D 379 -18.14 25.10 -36.78
N SER D 380 -18.01 25.76 -35.63
CA SER D 380 -16.99 26.79 -35.47
C SER D 380 -16.41 26.68 -34.08
N PHE D 381 -15.16 27.07 -33.96
CA PHE D 381 -14.50 27.13 -32.67
C PHE D 381 -15.07 28.28 -31.85
N GLY D 382 -15.03 28.13 -30.53
CA GLY D 382 -15.52 29.16 -29.64
C GLY D 382 -15.84 28.61 -28.26
N HIS D 383 -16.38 29.45 -27.40
CA HIS D 383 -16.79 29.09 -26.06
C HIS D 383 -18.12 29.78 -25.79
N GLY D 384 -18.81 29.40 -24.72
CA GLY D 384 -20.05 30.06 -24.35
C GLY D 384 -20.05 30.74 -22.99
N MET D 385 -21.16 31.40 -22.67
CA MET D 385 -21.35 32.05 -21.37
C MET D 385 -22.78 31.87 -20.97
N PHE D 386 -23.00 31.45 -19.74
CA PHE D 386 -24.34 31.28 -19.23
C PHE D 386 -24.38 32.26 -18.08
N ASP D 387 -25.20 33.29 -18.25
CA ASP D 387 -25.16 34.49 -17.43
C ASP D 387 -26.45 34.67 -16.66
N ILE D 388 -26.42 34.34 -15.37
CA ILE D 388 -27.62 34.38 -14.54
C ILE D 388 -27.97 35.80 -14.10
N LYS D 389 -29.14 36.25 -14.54
CA LYS D 389 -29.60 37.58 -14.20
C LYS D 389 -30.35 37.57 -12.86
N ASN D 390 -31.13 36.51 -12.65
CA ASN D 390 -31.99 36.40 -11.49
C ASN D 390 -32.72 35.06 -11.49
N ARG D 391 -33.74 34.93 -10.65
CA ARG D 391 -34.36 33.63 -10.46
C ARG D 391 -35.13 33.14 -11.68
N THR D 392 -35.43 34.03 -12.63
CA THR D 392 -36.22 33.66 -13.80
C THR D 392 -35.45 33.68 -15.12
N HIS D 393 -34.32 34.37 -15.15
CA HIS D 393 -33.63 34.63 -16.40
C HIS D 393 -32.16 34.37 -16.35
N ALA D 394 -31.70 33.58 -17.33
CA ALA D 394 -30.29 33.37 -17.57
C ALA D 394 -30.10 33.66 -19.03
N HIS D 395 -29.11 34.47 -19.36
CA HIS D 395 -28.82 34.72 -20.76
C HIS D 395 -27.63 33.88 -21.20
N PHE D 396 -27.87 32.99 -22.16
CA PHE D 396 -26.79 32.21 -22.74
C PHE D 396 -26.32 32.75 -24.09
N SER D 397 -25.02 32.91 -24.24
CA SER D 397 -24.48 33.39 -25.52
C SER D 397 -23.33 32.52 -25.99
N TRP D 398 -23.23 32.35 -27.30
CA TRP D 398 -22.13 31.60 -27.89
C TRP D 398 -21.31 32.55 -28.72
N ASN D 399 -20.00 32.51 -28.55
CA ASN D 399 -19.12 33.42 -29.23
C ASN D 399 -18.12 32.68 -30.10
N ARG D 400 -17.97 33.09 -31.36
CA ARG D 400 -17.08 32.39 -32.29
C ARG D 400 -15.70 33.03 -32.27
N ASN D 401 -14.67 32.23 -32.55
CA ASN D 401 -13.31 32.76 -32.63
C ASN D 401 -13.08 33.69 -33.80
N GLN D 402 -13.71 33.39 -34.94
CA GLN D 402 -13.63 34.26 -36.11
C GLN D 402 -14.33 35.62 -35.90
N ASP D 403 -15.19 35.72 -34.90
CA ASP D 403 -15.89 36.99 -34.61
C ASP D 403 -15.14 37.78 -33.57
N GLY D 404 -15.64 38.98 -33.29
CA GLY D 404 -15.08 39.82 -32.26
C GLY D 404 -15.52 39.36 -30.88
N VAL D 405 -14.71 39.69 -29.88
CA VAL D 405 -14.96 39.22 -28.54
C VAL D 405 -16.33 39.62 -27.99
N ALA D 406 -16.94 40.65 -28.56
CA ALA D 406 -18.26 41.13 -28.12
C ALA D 406 -19.41 40.59 -28.96
N VAL D 407 -19.09 39.96 -30.07
CA VAL D 407 -20.14 39.44 -30.92
C VAL D 407 -20.69 38.15 -30.35
N GLU D 408 -22.01 38.00 -30.39
CA GLU D 408 -22.66 36.74 -30.03
C GLU D 408 -23.29 36.09 -31.25
N ALA D 409 -22.61 35.11 -31.85
CA ALA D 409 -23.18 34.37 -32.99
C ALA D 409 -24.55 33.77 -32.71
N ASP D 410 -24.68 33.10 -31.57
CA ASP D 410 -25.95 32.56 -31.13
C ASP D 410 -26.21 33.06 -29.71
N SER D 411 -27.44 33.40 -29.39
CA SER D 411 -27.71 34.01 -28.11
C SER D 411 -29.19 33.88 -27.78
N VAL D 412 -29.49 33.16 -26.70
CA VAL D 412 -30.87 32.92 -26.30
C VAL D 412 -31.11 33.19 -24.81
N TRP D 413 -32.36 33.51 -24.48
CA TRP D 413 -32.79 33.70 -23.09
C TRP D 413 -33.34 32.41 -22.51
N PHE D 414 -32.78 31.99 -21.38
CA PHE D 414 -33.28 30.86 -20.61
C PHE D 414 -34.32 31.31 -19.61
N PHE D 415 -35.51 30.77 -19.72
CA PHE D 415 -36.54 31.01 -18.71
C PHE D 415 -36.50 29.84 -17.73
N ASN D 416 -36.34 30.15 -16.45
CA ASN D 416 -36.26 29.13 -15.41
C ASN D 416 -37.42 28.12 -15.39
N ARG D 417 -37.10 26.83 -15.29
CA ARG D 417 -38.11 25.76 -15.32
C ARG D 417 -38.95 25.68 -14.05
N HIS D 418 -38.45 26.28 -12.98
CA HIS D 418 -39.17 26.27 -11.71
C HIS D 418 -39.93 27.58 -11.45
N TRP D 419 -39.29 28.72 -11.71
CA TRP D 419 -39.87 30.02 -11.40
C TRP D 419 -40.54 30.72 -12.58
N TYR D 420 -40.33 30.19 -13.79
CA TYR D 420 -40.83 30.85 -14.98
C TYR D 420 -40.91 29.91 -16.19
N PRO D 421 -41.68 28.80 -16.05
CA PRO D 421 -41.68 27.72 -17.04
C PRO D 421 -42.52 28.04 -18.28
N VAL D 422 -42.04 28.97 -19.09
CA VAL D 422 -42.76 29.33 -20.28
C VAL D 422 -41.89 29.03 -21.49
N ASP D 423 -42.52 28.90 -22.65
CA ASP D 423 -41.81 28.57 -23.87
C ASP D 423 -40.72 29.60 -24.18
N ASP D 424 -39.48 29.24 -23.88
CA ASP D 424 -38.34 30.08 -24.25
C ASP D 424 -37.81 29.63 -25.61
N SER D 425 -38.57 28.72 -26.22
CA SER D 425 -38.26 28.14 -27.52
C SER D 425 -37.90 29.17 -28.58
N THR D 426 -36.74 28.95 -29.20
CA THR D 426 -36.30 29.71 -30.37
C THR D 426 -36.49 28.90 -31.67
#